data_5UAT
#
_entry.id   5UAT
#
_cell.length_a   162.063
_cell.length_b   87.762
_cell.length_c   115.897
_cell.angle_alpha   90.000
_cell.angle_beta   90.000
_cell.angle_gamma   90.000
#
_symmetry.space_group_name_H-M   'P 21 21 2'
#
loop_
_entity.id
_entity.type
_entity.pdbx_description
1 polymer 'Pyrroline-5-carboxylate reductase 1, mitochondrial'
2 non-polymer 'SULFATE ION'
3 non-polymer 'NADPH DIHYDRO-NICOTINAMIDE-ADENINE-DINUCLEOTIDE PHOSPHATE'
4 non-polymer DI(HYDROXYETHYL)ETHER
5 water water
#
_entity_poly.entity_id   1
_entity_poly.type   'polypeptide(L)'
_entity_poly.pdbx_seq_one_letter_code
;MHHHHHHSSGVDLGTENLYFQSMSVGFIGAGQLAFALAKGFTAAGVLAAHKIMASSPDMDLATVSALRKMGVKLTPHNKE
TVQHSDVLFLAVKPHIIPFILDEIGADIEDRHIVVSCAAGVTISSIEKKLSAFRPAPRVIRCMTNTPVVVREGATVYATG
THAQVEDGRLMEQLLSSVGFCTEVEEDLIDAVTGLSGSGPAYAFTALDALADGGVKMGLPRRLAVRLGAQALLGAAKMLL
HSEQHPGQLKDNVSSPGGATIHALHVLESGGFRSLLINAVEASCIRTRELQSMADQEQVSPAAIKKTILDKVKLDSPAGT
AL
;
_entity_poly.pdbx_strand_id   A,B,C,D,E
#
# COMPACT_ATOMS: atom_id res chain seq x y z
N MET A 23 -48.67 18.62 -2.89
CA MET A 23 -47.92 18.47 -1.65
C MET A 23 -47.36 19.80 -1.12
N SER A 24 -47.42 19.99 0.20
CA SER A 24 -46.91 21.19 0.86
C SER A 24 -45.66 20.83 1.65
N VAL A 25 -44.70 21.76 1.69
CA VAL A 25 -43.42 21.54 2.36
C VAL A 25 -43.14 22.73 3.26
N GLY A 26 -42.58 22.46 4.44
CA GLY A 26 -42.26 23.52 5.38
C GLY A 26 -40.86 23.39 5.92
N PHE A 27 -40.31 24.52 6.34
CA PHE A 27 -38.96 24.58 6.89
C PHE A 27 -38.99 25.28 8.24
N ILE A 28 -38.18 24.78 9.17
CA ILE A 28 -38.05 25.45 10.45
C ILE A 28 -36.58 25.59 10.80
N LEU A 33 -28.83 25.89 5.06
CA LEU A 33 -29.31 24.61 4.52
C LEU A 33 -30.82 24.64 4.23
N ALA A 34 -31.56 25.43 5.01
CA ALA A 34 -32.97 25.62 4.71
C ALA A 34 -33.13 26.39 3.40
N PHE A 35 -32.37 27.48 3.25
CA PHE A 35 -32.42 28.22 1.99
C PHE A 35 -31.99 27.34 0.83
N ALA A 36 -30.92 26.55 1.01
CA ALA A 36 -30.34 25.78 -0.07
C ALA A 36 -31.36 24.81 -0.68
N LEU A 37 -32.08 24.06 0.18
CA LEU A 37 -33.07 23.10 -0.31
C LEU A 37 -34.25 23.79 -0.97
N ALA A 38 -34.75 24.87 -0.37
CA ALA A 38 -35.86 25.59 -0.99
C ALA A 38 -35.47 26.16 -2.37
N LYS A 39 -34.27 26.73 -2.49
CA LYS A 39 -33.81 27.19 -3.80
C LYS A 39 -33.68 26.01 -4.77
N GLY A 40 -33.04 24.92 -4.33
CA GLY A 40 -32.90 23.75 -5.19
C GLY A 40 -34.25 23.18 -5.61
N PHE A 41 -35.18 23.02 -4.66
CA PHE A 41 -36.48 22.46 -5.01
C PHE A 41 -37.18 23.32 -6.05
N THR A 42 -37.21 24.63 -5.81
CA THR A 42 -37.92 25.52 -6.73
C THR A 42 -37.23 25.57 -8.09
N ALA A 43 -35.89 25.62 -8.11
CA ALA A 43 -35.20 25.55 -9.40
C ALA A 43 -35.54 24.25 -10.13
N ALA A 44 -35.74 23.15 -9.40
CA ALA A 44 -36.06 21.87 -10.00
C ALA A 44 -37.45 21.83 -10.62
N GLY A 45 -38.31 22.78 -10.25
CA GLY A 45 -39.69 22.68 -10.66
C GLY A 45 -40.45 21.53 -10.04
N VAL A 46 -39.92 20.92 -8.98
CA VAL A 46 -40.68 19.87 -8.31
C VAL A 46 -41.69 20.46 -7.34
N LEU A 47 -41.46 21.68 -6.86
CA LEU A 47 -42.39 22.36 -5.96
C LEU A 47 -42.53 23.80 -6.41
N ALA A 48 -43.77 24.26 -6.53
CA ALA A 48 -44.05 25.68 -6.67
C ALA A 48 -43.58 26.40 -5.42
N ALA A 49 -43.04 27.62 -5.59
CA ALA A 49 -42.40 28.30 -4.47
C ALA A 49 -43.38 28.58 -3.34
N HIS A 50 -44.63 28.93 -3.68
CA HIS A 50 -45.60 29.32 -2.66
C HIS A 50 -46.08 28.12 -1.84
N LYS A 51 -45.97 26.89 -2.36
CA LYS A 51 -46.32 25.68 -1.60
C LYS A 51 -45.34 25.40 -0.44
N ILE A 52 -44.42 26.33 -0.20
CA ILE A 52 -43.33 26.19 0.77
C ILE A 52 -43.39 27.37 1.74
N MET A 53 -43.49 27.06 3.05
CA MET A 53 -43.45 28.08 4.10
C MET A 53 -42.21 27.88 4.98
N ALA A 54 -41.72 28.97 5.56
CA ALA A 54 -40.49 28.96 6.36
C ALA A 54 -40.68 29.72 7.66
N SER A 55 -39.84 29.38 8.64
CA SER A 55 -39.95 29.92 9.99
C SER A 55 -38.59 30.29 10.58
N THR A 63 -31.38 36.85 3.20
CA THR A 63 -31.79 35.47 3.43
C THR A 63 -33.31 35.39 3.46
N VAL A 64 -33.94 36.37 4.12
CA VAL A 64 -35.39 36.46 4.12
C VAL A 64 -35.87 37.16 2.85
N SER A 65 -35.12 38.16 2.38
CA SER A 65 -35.45 38.83 1.13
C SER A 65 -35.20 37.92 -0.06
N ALA A 66 -34.24 37.00 0.06
CA ALA A 66 -34.01 36.02 -1.00
C ALA A 66 -35.16 35.02 -1.10
N LEU A 67 -35.62 34.51 0.04
CA LEU A 67 -36.74 33.57 0.05
C LEU A 67 -38.03 34.24 -0.40
N ARG A 68 -38.32 35.43 0.13
CA ARG A 68 -39.52 36.16 -0.29
C ARG A 68 -39.49 36.46 -1.78
N LYS A 69 -38.31 36.80 -2.32
CA LYS A 69 -38.20 37.03 -3.75
C LYS A 69 -38.54 35.77 -4.54
N MET A 70 -37.94 34.63 -4.15
CA MET A 70 -38.18 33.37 -4.85
C MET A 70 -39.65 32.96 -4.83
N GLY A 71 -40.46 33.57 -3.98
CA GLY A 71 -41.86 33.19 -3.83
C GLY A 71 -42.15 32.32 -2.62
N VAL A 72 -41.27 32.28 -1.63
CA VAL A 72 -41.42 31.41 -0.47
C VAL A 72 -42.13 32.16 0.65
N LYS A 73 -43.29 31.65 1.09
CA LYS A 73 -43.99 32.23 2.23
C LYS A 73 -43.13 32.16 3.48
N LEU A 74 -43.12 33.24 4.26
CA LEU A 74 -42.32 33.32 5.47
C LEU A 74 -43.20 33.72 6.66
N THR A 75 -42.91 33.13 7.82
CA THR A 75 -43.70 33.30 9.04
C THR A 75 -42.74 33.20 10.21
N PRO A 76 -42.95 33.97 11.29
CA PRO A 76 -42.13 33.80 12.49
C PRO A 76 -42.59 32.63 13.35
N HIS A 77 -43.91 32.41 13.41
CA HIS A 77 -44.49 31.44 14.33
C HIS A 77 -44.30 30.03 13.78
N ASN A 78 -43.36 29.28 14.37
CA ASN A 78 -43.10 27.91 13.94
C ASN A 78 -44.39 27.09 13.85
N LYS A 79 -45.42 27.45 14.64
CA LYS A 79 -46.67 26.69 14.62
C LYS A 79 -47.39 26.83 13.28
N GLU A 80 -47.34 28.01 12.67
CA GLU A 80 -48.00 28.19 11.38
C GLU A 80 -47.39 27.28 10.32
N THR A 81 -46.09 27.02 10.42
CA THR A 81 -45.40 26.18 9.44
C THR A 81 -45.94 24.75 9.46
N VAL A 82 -46.09 24.18 10.66
CA VAL A 82 -46.60 22.82 10.81
C VAL A 82 -48.00 22.70 10.22
N GLN A 83 -48.90 23.61 10.60
CA GLN A 83 -50.27 23.57 10.10
C GLN A 83 -50.30 23.65 8.58
N HIS A 84 -49.34 24.34 7.99
CA HIS A 84 -49.32 24.52 6.54
C HIS A 84 -48.81 23.28 5.79
N SER A 85 -47.94 22.47 6.39
CA SER A 85 -47.08 21.53 5.68
C SER A 85 -47.61 20.10 5.69
N ASP A 86 -47.17 19.32 4.69
CA ASP A 86 -47.31 17.87 4.64
C ASP A 86 -46.01 17.17 5.01
N VAL A 87 -44.91 17.59 4.40
CA VAL A 87 -43.56 17.16 4.73
C VAL A 87 -42.84 18.34 5.37
N LEU A 88 -42.28 18.10 6.56
CA LEU A 88 -41.81 19.17 7.41
C LEU A 88 -40.33 18.98 7.70
N PHE A 89 -39.50 19.89 7.20
CA PHE A 89 -38.06 19.85 7.43
C PHE A 89 -37.69 20.61 8.69
N LEU A 90 -36.77 20.04 9.46
CA LEU A 90 -36.20 20.71 10.64
C LEU A 90 -34.76 21.08 10.31
N ALA A 91 -34.54 22.37 10.04
CA ALA A 91 -33.23 22.90 9.70
C ALA A 91 -32.85 23.93 10.75
N VAL A 92 -32.46 23.45 11.92
CA VAL A 92 -32.02 24.28 13.03
C VAL A 92 -30.84 23.59 13.69
N LYS A 93 -30.15 24.32 14.56
CA LYS A 93 -29.00 23.75 15.22
C LYS A 93 -29.42 22.52 16.02
N PRO A 94 -28.52 21.54 16.20
CA PRO A 94 -28.83 20.40 17.08
C PRO A 94 -29.32 20.83 18.46
N HIS A 95 -29.00 22.07 18.85
CA HIS A 95 -29.41 22.62 20.14
C HIS A 95 -30.84 23.13 20.13
N ILE A 96 -31.40 23.51 18.98
CA ILE A 96 -32.73 24.12 18.90
C ILE A 96 -33.82 23.12 18.49
N ILE A 97 -33.48 21.83 18.36
CA ILE A 97 -34.47 20.83 17.95
C ILE A 97 -35.41 20.49 19.11
N PRO A 98 -34.93 20.07 20.29
CA PRO A 98 -35.87 19.68 21.35
C PRO A 98 -36.89 20.75 21.67
N PHE A 99 -36.48 22.02 21.59
CA PHE A 99 -37.40 23.13 21.87
C PHE A 99 -38.36 23.34 20.71
N ILE A 100 -37.93 23.06 19.48
CA ILE A 100 -38.85 23.08 18.35
C ILE A 100 -39.89 21.98 18.50
N LEU A 101 -39.45 20.81 18.99
CA LEU A 101 -40.36 19.67 19.08
C LEU A 101 -41.34 19.84 20.23
N ASP A 102 -40.86 20.31 21.38
CA ASP A 102 -41.76 20.64 22.48
C ASP A 102 -42.77 21.69 22.06
N GLU A 103 -42.38 22.62 21.18
CA GLU A 103 -43.32 23.65 20.75
C GLU A 103 -44.42 23.08 19.86
N ILE A 104 -44.05 22.38 18.78
CA ILE A 104 -45.03 21.98 17.78
C ILE A 104 -45.49 20.55 17.96
N GLY A 105 -45.02 19.86 19.00
CA GLY A 105 -45.36 18.46 19.18
C GLY A 105 -46.86 18.21 19.20
N ALA A 106 -47.60 19.05 19.94
CA ALA A 106 -49.05 18.87 20.00
C ALA A 106 -49.70 19.05 18.64
N ASP A 107 -48.99 19.64 17.67
CA ASP A 107 -49.57 19.96 16.38
C ASP A 107 -49.24 18.94 15.28
N ILE A 108 -48.33 18.01 15.54
CA ILE A 108 -48.06 16.96 14.57
C ILE A 108 -49.29 16.09 14.41
N GLU A 109 -49.68 15.85 13.16
CA GLU A 109 -50.82 15.01 12.82
C GLU A 109 -50.34 13.71 12.21
N ASP A 110 -51.28 12.78 11.98
CA ASP A 110 -50.89 11.52 11.36
C ASP A 110 -50.37 11.71 9.94
N ARG A 111 -50.73 12.82 9.29
CA ARG A 111 -50.33 13.04 7.91
C ARG A 111 -48.86 13.43 7.78
N HIS A 112 -48.23 13.92 8.85
CA HIS A 112 -46.94 14.55 8.72
C HIS A 112 -45.83 13.54 8.52
N ILE A 113 -44.84 13.94 7.74
CA ILE A 113 -43.54 13.30 7.75
C ILE A 113 -42.59 14.36 8.26
N VAL A 114 -41.92 14.09 9.38
CA VAL A 114 -41.00 15.04 9.96
C VAL A 114 -39.60 14.63 9.52
N VAL A 115 -38.96 15.47 8.71
CA VAL A 115 -37.66 15.18 8.15
C VAL A 115 -36.63 16.05 8.87
N SER A 116 -35.69 15.43 9.57
CA SER A 116 -34.72 16.18 10.36
C SER A 116 -33.38 16.23 9.62
N CYS A 117 -32.91 17.44 9.33
CA CYS A 117 -31.57 17.63 8.80
C CYS A 117 -30.60 18.13 9.85
N ALA A 118 -31.05 18.28 11.09
CA ALA A 118 -30.21 18.78 12.15
C ALA A 118 -29.04 17.85 12.40
N ALA A 119 -27.83 18.42 12.41
CA ALA A 119 -26.60 17.64 12.54
C ALA A 119 -26.56 16.88 13.86
N GLY A 120 -26.39 15.56 13.79
CA GLY A 120 -26.24 14.73 14.95
C GLY A 120 -27.52 14.39 15.72
N VAL A 121 -28.66 14.92 15.32
CA VAL A 121 -29.89 14.62 16.05
C VAL A 121 -30.41 13.26 15.58
N THR A 122 -30.43 12.30 16.50
CA THR A 122 -30.83 10.94 16.20
C THR A 122 -32.34 10.81 16.04
N ILE A 123 -32.73 9.82 15.24
CA ILE A 123 -34.15 9.46 15.09
C ILE A 123 -34.76 9.20 16.45
N SER A 124 -34.03 8.47 17.30
CA SER A 124 -34.53 8.15 18.64
C SER A 124 -34.89 9.40 19.45
N SER A 125 -34.01 10.41 19.44
CA SER A 125 -34.32 11.59 20.25
C SER A 125 -35.54 12.35 19.71
N ILE A 126 -35.76 12.35 18.39
CA ILE A 126 -36.96 13.00 17.83
C ILE A 126 -38.21 12.19 18.19
N GLU A 127 -38.20 10.90 17.87
CA GLU A 127 -39.36 10.06 18.18
C GLU A 127 -39.69 10.12 19.65
N LYS A 128 -38.67 10.10 20.50
CA LYS A 128 -38.92 10.15 21.94
C LYS A 128 -39.68 11.41 22.33
N LYS A 129 -39.30 12.56 21.75
CA LYS A 129 -40.00 13.80 22.07
C LYS A 129 -41.42 13.80 21.51
N LEU A 130 -41.57 13.44 20.24
CA LEU A 130 -42.86 13.53 19.57
C LEU A 130 -43.84 12.49 20.09
N SER A 131 -43.35 11.32 20.51
CA SER A 131 -44.24 10.27 20.99
C SER A 131 -44.99 10.68 22.25
N ALA A 132 -44.44 11.62 23.02
CA ALA A 132 -45.17 12.14 24.17
C ALA A 132 -46.49 12.79 23.76
N PHE A 133 -46.60 13.29 22.54
CA PHE A 133 -47.81 14.00 22.10
C PHE A 133 -48.78 13.10 21.34
N ARG A 134 -48.30 12.39 20.31
CA ARG A 134 -49.12 11.38 19.62
C ARG A 134 -48.17 10.23 19.30
N PRO A 135 -48.64 8.99 19.40
CA PRO A 135 -47.76 7.86 19.12
C PRO A 135 -47.49 7.74 17.63
N ALA A 136 -46.49 6.95 17.28
CA ALA A 136 -46.12 6.69 15.88
C ALA A 136 -45.82 7.91 15.01
N PRO A 137 -45.02 8.86 15.49
CA PRO A 137 -44.57 9.92 14.58
C PRO A 137 -43.71 9.37 13.45
N ARG A 138 -43.99 9.82 12.24
CA ARG A 138 -43.24 9.42 11.03
C ARG A 138 -42.02 10.32 10.89
N VAL A 139 -40.84 9.77 11.12
CA VAL A 139 -39.63 10.58 11.21
C VAL A 139 -38.61 10.01 10.23
N ILE A 140 -37.94 10.90 9.52
CA ILE A 140 -36.87 10.55 8.62
C ILE A 140 -35.68 11.45 8.97
N ARG A 141 -34.49 10.87 9.05
CA ARG A 141 -33.29 11.64 9.33
C ARG A 141 -32.53 11.81 8.02
N CYS A 142 -32.16 13.04 7.70
CA CYS A 142 -31.56 13.36 6.42
C CYS A 142 -30.15 13.86 6.63
N MET A 143 -29.24 13.52 5.71
CA MET A 143 -27.87 14.04 5.75
C MET A 143 -27.63 14.56 4.35
N THR A 144 -27.72 15.87 4.15
CA THR A 144 -27.60 16.45 2.82
C THR A 144 -26.50 17.51 2.89
N ASN A 145 -26.27 18.25 1.80
CA ASN A 145 -25.17 19.21 1.83
C ASN A 145 -25.61 20.43 1.03
N THR A 146 -24.81 21.51 1.10
CA THR A 146 -25.24 22.78 0.53
CA THR A 146 -25.25 22.77 0.53
C THR A 146 -25.36 22.75 -1.00
N PRO A 147 -24.58 21.94 -1.73
CA PRO A 147 -24.73 21.96 -3.21
C PRO A 147 -26.12 21.57 -3.73
N VAL A 148 -27.06 21.15 -2.88
CA VAL A 148 -28.46 21.08 -3.33
C VAL A 148 -28.89 22.42 -3.92
N VAL A 149 -28.26 23.51 -3.51
CA VAL A 149 -28.64 24.83 -4.02
C VAL A 149 -28.38 24.97 -5.53
N VAL A 150 -27.48 24.16 -6.10
CA VAL A 150 -27.28 24.13 -7.56
C VAL A 150 -27.67 22.76 -8.09
N ARG A 151 -28.51 22.05 -7.33
CA ARG A 151 -29.07 20.76 -7.70
C ARG A 151 -28.00 19.71 -7.94
N GLU A 152 -26.89 19.77 -7.18
CA GLU A 152 -25.85 18.76 -7.25
C GLU A 152 -25.50 18.29 -5.86
N GLY A 153 -26.51 18.19 -5.01
CA GLY A 153 -26.27 17.74 -3.65
C GLY A 153 -25.95 16.25 -3.61
N ALA A 154 -25.50 15.82 -2.43
CA ALA A 154 -25.34 14.42 -2.06
C ALA A 154 -26.15 14.22 -0.78
N THR A 155 -27.15 13.35 -0.84
CA THR A 155 -28.10 13.19 0.26
C THR A 155 -28.25 11.71 0.56
N VAL A 156 -28.23 11.36 1.84
CA VAL A 156 -28.69 10.05 2.29
C VAL A 156 -29.77 10.27 3.35
N TYR A 157 -30.61 9.26 3.53
CA TYR A 157 -31.65 9.39 4.53
C TYR A 157 -31.84 8.03 5.21
N ALA A 158 -32.32 8.06 6.43
CA ALA A 158 -32.67 6.85 7.16
C ALA A 158 -34.11 6.99 7.64
N THR A 159 -34.89 5.91 7.58
CA THR A 159 -36.30 5.93 7.96
C THR A 159 -36.48 5.56 9.43
N GLY A 160 -37.38 6.26 10.11
CA GLY A 160 -37.64 6.02 11.51
C GLY A 160 -38.57 4.84 11.77
N THR A 161 -38.86 4.63 13.07
CA THR A 161 -39.62 3.45 13.48
C THR A 161 -40.96 3.37 12.76
N HIS A 162 -41.66 4.50 12.61
CA HIS A 162 -43.05 4.49 12.13
C HIS A 162 -43.19 5.06 10.72
N ALA A 163 -42.08 5.40 10.08
CA ALA A 163 -42.13 5.82 8.68
C ALA A 163 -42.57 4.64 7.83
N GLN A 164 -43.63 4.83 7.04
CA GLN A 164 -44.05 3.75 6.17
C GLN A 164 -43.09 3.64 4.99
N VAL A 165 -43.16 2.51 4.28
CA VAL A 165 -42.22 2.30 3.17
C VAL A 165 -42.38 3.37 2.13
N GLU A 166 -43.61 3.79 1.85
CA GLU A 166 -43.83 4.85 0.87
C GLU A 166 -43.31 6.20 1.32
N ASP A 167 -43.12 6.41 2.63
CA ASP A 167 -42.54 7.67 3.11
C ASP A 167 -41.10 7.80 2.65
N GLY A 168 -40.32 6.72 2.76
CA GLY A 168 -38.94 6.78 2.32
C GLY A 168 -38.79 6.86 0.82
N ARG A 169 -39.73 6.26 0.08
CA ARG A 169 -39.73 6.40 -1.37
C ARG A 169 -40.06 7.84 -1.77
N LEU A 170 -41.03 8.45 -1.11
CA LEU A 170 -41.33 9.86 -1.38
C LEU A 170 -40.12 10.75 -1.09
N MET A 171 -39.44 10.48 0.03
CA MET A 171 -38.25 11.24 0.39
CA MET A 171 -38.27 11.28 0.36
C MET A 171 -37.18 11.14 -0.69
N GLU A 172 -36.91 9.92 -1.14
CA GLU A 172 -35.89 9.72 -2.16
C GLU A 172 -36.26 10.46 -3.45
N GLN A 173 -37.54 10.40 -3.84
CA GLN A 173 -37.95 11.10 -5.05
C GLN A 173 -37.78 12.60 -4.92
N LEU A 174 -38.19 13.17 -3.77
CA LEU A 174 -38.06 14.61 -3.59
C LEU A 174 -36.60 15.03 -3.57
N LEU A 175 -35.77 14.33 -2.78
CA LEU A 175 -34.37 14.73 -2.65
CA LEU A 175 -34.38 14.75 -2.65
C LEU A 175 -33.55 14.37 -3.87
N SER A 176 -34.02 13.42 -4.68
CA SER A 176 -33.33 13.14 -5.93
C SER A 176 -33.44 14.30 -6.91
N SER A 177 -34.40 15.20 -6.71
CA SER A 177 -34.50 16.32 -7.65
C SER A 177 -33.43 17.38 -7.43
N VAL A 178 -32.67 17.32 -6.33
CA VAL A 178 -31.61 18.29 -6.11
C VAL A 178 -30.25 17.63 -5.96
N GLY A 179 -30.10 16.38 -6.41
CA GLY A 179 -28.81 15.73 -6.38
C GLY A 179 -28.93 14.23 -6.22
N PHE A 180 -27.81 13.61 -5.90
CA PHE A 180 -27.83 12.19 -5.63
C PHE A 180 -28.60 11.96 -4.33
N CYS A 181 -29.36 10.87 -4.27
CA CYS A 181 -30.03 10.52 -3.02
C CYS A 181 -30.15 9.01 -2.87
N THR A 182 -29.80 8.46 -1.70
CA THR A 182 -30.04 7.04 -1.47
C THR A 182 -30.34 6.78 0.00
N GLU A 183 -30.98 5.65 0.29
CA GLU A 183 -31.26 5.29 1.69
C GLU A 183 -30.05 4.64 2.34
N VAL A 184 -29.80 4.93 3.63
CA VAL A 184 -28.80 4.19 4.42
C VAL A 184 -29.39 3.81 5.77
N GLU A 185 -28.71 2.90 6.46
CA GLU A 185 -28.99 2.69 7.88
C GLU A 185 -28.57 3.94 8.64
N GLU A 186 -29.30 4.24 9.71
CA GLU A 186 -28.96 5.46 10.46
C GLU A 186 -27.53 5.42 10.98
N ASP A 187 -27.00 4.23 11.26
CA ASP A 187 -25.67 4.20 11.87
C ASP A 187 -24.55 4.42 10.84
N LEU A 188 -24.90 4.76 9.59
CA LEU A 188 -23.92 5.22 8.63
C LEU A 188 -23.97 6.72 8.39
N ILE A 189 -24.91 7.43 9.01
CA ILE A 189 -25.02 8.85 8.72
C ILE A 189 -23.82 9.63 9.24
N ASP A 190 -23.20 9.17 10.33
CA ASP A 190 -21.99 9.83 10.79
C ASP A 190 -20.89 9.76 9.73
N ALA A 191 -20.72 8.60 9.12
CA ALA A 191 -19.71 8.41 8.08
C ALA A 191 -20.03 9.27 6.88
N VAL A 192 -21.31 9.30 6.47
CA VAL A 192 -21.67 10.12 5.33
C VAL A 192 -21.40 11.58 5.64
N THR A 193 -21.70 12.01 6.86
CA THR A 193 -21.37 13.37 7.27
C THR A 193 -19.88 13.65 7.03
N GLY A 194 -19.02 12.73 7.46
CA GLY A 194 -17.58 12.93 7.30
C GLY A 194 -17.15 13.04 5.86
N LEU A 195 -17.88 12.38 4.95
CA LEU A 195 -17.51 12.34 3.54
C LEU A 195 -18.22 13.42 2.72
N SER A 196 -19.52 13.27 2.46
CA SER A 196 -20.21 14.24 1.58
C SER A 196 -20.87 15.38 2.36
N GLY A 197 -21.09 15.23 3.65
CA GLY A 197 -21.62 16.33 4.46
C GLY A 197 -20.61 17.46 4.60
N SER A 198 -19.43 17.13 5.14
CA SER A 198 -18.28 18.05 5.23
C SER A 198 -17.54 18.20 3.92
N GLY A 199 -17.75 17.29 2.98
CA GLY A 199 -17.02 17.30 1.72
C GLY A 199 -16.89 18.65 1.03
N PRO A 200 -18.00 19.39 0.87
CA PRO A 200 -17.86 20.69 0.18
C PRO A 200 -16.88 21.63 0.87
N ALA A 201 -16.82 21.64 2.20
CA ALA A 201 -15.83 22.46 2.87
C ALA A 201 -14.41 22.01 2.53
N TYR A 202 -14.20 20.70 2.42
CA TYR A 202 -12.88 20.23 2.02
C TYR A 202 -12.56 20.78 0.66
N ALA A 203 -13.53 20.74 -0.25
CA ALA A 203 -13.28 21.22 -1.60
C ALA A 203 -13.07 22.74 -1.63
N PHE A 204 -13.84 23.51 -0.86
CA PHE A 204 -13.61 24.95 -0.86
C PHE A 204 -12.20 25.28 -0.36
N THR A 205 -11.76 24.58 0.69
CA THR A 205 -10.40 24.73 1.18
C THR A 205 -9.38 24.38 0.09
N ALA A 206 -9.59 23.23 -0.59
CA ALA A 206 -8.65 22.83 -1.65
C ALA A 206 -8.61 23.85 -2.79
N LEU A 207 -9.77 24.41 -3.15
CA LEU A 207 -9.84 25.36 -4.26
C LEU A 207 -9.17 26.69 -3.90
N ASP A 208 -9.29 27.12 -2.64
CA ASP A 208 -8.57 28.31 -2.17
C ASP A 208 -7.06 28.09 -2.25
N ALA A 209 -6.59 26.93 -1.78
CA ALA A 209 -5.15 26.62 -1.84
C ALA A 209 -4.68 26.44 -3.28
N LEU A 210 -5.43 25.70 -4.10
CA LEU A 210 -5.07 25.58 -5.51
C LEU A 210 -4.96 26.94 -6.15
N ALA A 211 -5.92 27.85 -5.84
CA ALA A 211 -5.82 29.19 -6.41
C ALA A 211 -4.59 29.94 -5.88
N ASP A 212 -4.27 29.82 -4.58
CA ASP A 212 -3.02 30.42 -4.10
C ASP A 212 -1.83 29.90 -4.93
N GLY A 213 -1.83 28.60 -5.26
CA GLY A 213 -0.75 28.05 -6.06
C GLY A 213 -0.71 28.63 -7.46
N GLY A 214 -1.88 28.74 -8.10
CA GLY A 214 -1.95 29.38 -9.41
C GLY A 214 -1.43 30.80 -9.36
N VAL A 215 -1.82 31.55 -8.32
CA VAL A 215 -1.39 32.95 -8.16
C VAL A 215 0.12 33.01 -7.92
N LYS A 216 0.65 32.12 -7.07
CA LYS A 216 2.10 32.11 -6.84
C LYS A 216 2.84 31.95 -8.17
N MET A 217 2.34 31.10 -9.06
CA MET A 217 3.00 30.85 -10.35
C MET A 217 2.64 31.86 -11.43
N GLY A 218 1.89 32.92 -11.11
CA GLY A 218 1.74 34.01 -12.06
C GLY A 218 0.33 34.23 -12.55
N LEU A 219 -0.69 33.40 -12.11
CA LEU A 219 -2.01 33.60 -12.66
C LEU A 219 -2.77 34.69 -11.88
N PRO A 220 -3.60 35.46 -12.57
CA PRO A 220 -4.55 36.33 -11.87
C PRO A 220 -5.51 35.51 -10.99
N ARG A 221 -5.90 36.10 -9.85
CA ARG A 221 -6.69 35.32 -8.87
C ARG A 221 -8.00 34.81 -9.46
N ARG A 222 -8.71 35.67 -10.21
CA ARG A 222 -10.03 35.27 -10.73
C ARG A 222 -9.89 34.10 -11.70
N LEU A 223 -8.89 34.17 -12.60
CA LEU A 223 -8.64 33.04 -13.49
C LEU A 223 -8.25 31.78 -12.71
N ALA A 224 -7.41 31.91 -11.68
CA ALA A 224 -6.97 30.73 -10.92
C ALA A 224 -8.14 30.03 -10.24
N VAL A 225 -9.05 30.81 -9.64
CA VAL A 225 -10.22 30.24 -8.97
C VAL A 225 -11.12 29.51 -9.98
N ARG A 226 -11.36 30.14 -11.13
CA ARG A 226 -12.21 29.53 -12.17
C ARG A 226 -11.59 28.23 -12.70
N LEU A 227 -10.29 28.25 -13.01
CA LEU A 227 -9.64 27.06 -13.56
C LEU A 227 -9.60 25.94 -12.53
N GLY A 228 -9.30 26.27 -11.28
CA GLY A 228 -9.20 25.21 -10.30
C GLY A 228 -10.57 24.58 -10.05
N ALA A 229 -11.62 25.42 -9.99
CA ALA A 229 -12.96 24.88 -9.76
C ALA A 229 -13.40 24.09 -10.98
N GLN A 230 -13.06 24.55 -12.19
CA GLN A 230 -13.48 23.79 -13.36
C GLN A 230 -12.74 22.47 -13.41
N ALA A 231 -11.48 22.45 -13.00
CA ALA A 231 -10.74 21.19 -12.99
C ALA A 231 -11.36 20.17 -12.03
N LEU A 232 -11.78 20.62 -10.85
CA LEU A 232 -12.40 19.70 -9.87
C LEU A 232 -13.75 19.19 -10.35
N LEU A 233 -14.60 20.08 -10.86
CA LEU A 233 -15.88 19.65 -11.39
C LEU A 233 -15.69 18.65 -12.53
N GLY A 234 -14.83 18.99 -13.49
CA GLY A 234 -14.65 18.08 -14.62
C GLY A 234 -14.11 16.72 -14.19
N ALA A 235 -13.21 16.71 -13.23
CA ALA A 235 -12.63 15.44 -12.78
C ALA A 235 -13.67 14.62 -12.02
N ALA A 236 -14.46 15.27 -11.19
CA ALA A 236 -15.50 14.54 -10.47
C ALA A 236 -16.51 13.96 -11.45
N LYS A 237 -16.91 14.74 -12.46
CA LYS A 237 -17.84 14.22 -13.47
C LYS A 237 -17.22 13.06 -14.25
N MET A 238 -15.95 13.18 -14.63
CA MET A 238 -15.28 12.08 -15.31
C MET A 238 -15.38 10.80 -14.47
N LEU A 239 -15.09 10.90 -13.18
CA LEU A 239 -15.20 9.71 -12.34
C LEU A 239 -16.63 9.21 -12.27
N LEU A 240 -17.59 10.12 -12.08
CA LEU A 240 -18.97 9.70 -11.94
C LEU A 240 -19.49 9.04 -13.20
N HIS A 241 -19.04 9.47 -14.38
CA HIS A 241 -19.49 8.90 -15.64
C HIS A 241 -18.64 7.71 -16.09
N SER A 242 -17.54 7.44 -15.40
CA SER A 242 -16.61 6.39 -15.74
C SER A 242 -16.97 5.11 -15.01
N GLU A 243 -16.70 3.98 -15.64
CA GLU A 243 -16.71 2.71 -14.93
C GLU A 243 -15.34 2.37 -14.35
N GLN A 244 -14.56 3.38 -13.95
CA GLN A 244 -13.16 3.17 -13.62
C GLN A 244 -12.85 3.60 -12.19
N HIS A 245 -11.89 2.90 -11.61
CA HIS A 245 -11.38 3.25 -10.30
C HIS A 245 -10.71 4.62 -10.36
N PRO A 246 -10.79 5.45 -9.30
CA PRO A 246 -10.08 6.74 -9.34
C PRO A 246 -8.58 6.58 -9.53
N GLY A 247 -8.00 5.48 -9.06
CA GLY A 247 -6.57 5.27 -9.30
C GLY A 247 -6.28 5.00 -10.75
N GLN A 248 -7.20 4.32 -11.44
CA GLN A 248 -7.02 4.10 -12.86
C GLN A 248 -7.05 5.40 -13.64
N LEU A 249 -7.95 6.31 -13.25
CA LEU A 249 -7.99 7.61 -13.91
C LEU A 249 -6.72 8.41 -13.60
N LYS A 250 -6.24 8.36 -12.35
CA LYS A 250 -4.93 8.91 -12.01
C LYS A 250 -3.85 8.33 -12.94
N ASP A 251 -3.81 6.99 -13.09
CA ASP A 251 -2.84 6.38 -13.99
C ASP A 251 -2.99 6.90 -15.41
N ASN A 252 -4.23 6.93 -15.91
CA ASN A 252 -4.47 7.28 -17.31
C ASN A 252 -3.96 8.67 -17.64
N VAL A 253 -3.98 9.61 -16.69
CA VAL A 253 -3.68 11.00 -17.04
C VAL A 253 -2.26 11.43 -16.65
N SER A 254 -1.47 10.56 -16.03
CA SER A 254 -0.12 10.92 -15.58
C SER A 254 0.87 10.39 -16.62
N SER A 255 1.28 11.26 -17.54
CA SER A 255 2.25 10.79 -18.54
C SER A 255 3.65 10.62 -17.93
N PRO A 256 4.42 9.67 -18.48
CA PRO A 256 5.73 9.35 -17.91
C PRO A 256 6.67 10.56 -17.90
N GLY A 257 7.28 10.80 -16.74
CA GLY A 257 8.22 11.90 -16.60
C GLY A 257 7.61 13.27 -16.54
N GLY A 258 6.29 13.38 -16.58
CA GLY A 258 5.60 14.63 -16.84
C GLY A 258 5.36 15.49 -15.61
N ALA A 259 4.75 16.65 -15.87
CA ALA A 259 4.45 17.62 -14.83
C ALA A 259 3.51 17.04 -13.79
N THR A 260 2.51 16.26 -14.23
CA THR A 260 1.52 15.76 -13.28
C THR A 260 2.12 14.74 -12.32
N ILE A 261 2.91 13.78 -12.81
CA ILE A 261 3.45 12.80 -11.86
C ILE A 261 4.43 13.47 -10.91
N HIS A 262 5.16 14.50 -11.37
CA HIS A 262 6.01 15.24 -10.43
C HIS A 262 5.17 15.87 -9.32
N ALA A 263 4.02 16.42 -9.69
CA ALA A 263 3.18 17.08 -8.69
C ALA A 263 2.53 16.05 -7.77
N LEU A 264 2.13 14.90 -8.31
CA LEU A 264 1.57 13.85 -7.44
C LEU A 264 2.58 13.40 -6.39
N HIS A 265 3.84 13.29 -6.77
CA HIS A 265 4.88 12.92 -5.82
C HIS A 265 4.93 13.91 -4.65
N VAL A 266 4.89 15.21 -4.94
CA VAL A 266 4.97 16.12 -3.79
C VAL A 266 3.71 16.02 -2.92
N LEU A 267 2.53 15.77 -3.51
CA LEU A 267 1.34 15.45 -2.69
C LEU A 267 1.60 14.24 -1.80
N GLU A 268 2.15 13.16 -2.38
CA GLU A 268 2.42 11.94 -1.59
C GLU A 268 3.40 12.22 -0.46
N SER A 269 4.45 13.02 -0.73
CA SER A 269 5.46 13.25 0.31
C SER A 269 4.87 14.01 1.49
N GLY A 270 3.81 14.79 1.27
CA GLY A 270 3.17 15.40 2.42
C GLY A 270 2.07 14.54 3.03
N GLY A 271 1.88 13.29 2.59
CA GLY A 271 0.79 12.51 3.18
C GLY A 271 -0.59 13.04 2.83
N PHE A 272 -0.74 13.69 1.68
CA PHE A 272 -2.02 14.22 1.22
C PHE A 272 -3.20 13.26 1.46
N ARG A 273 -3.06 12.00 1.00
CA ARG A 273 -4.16 11.04 1.11
C ARG A 273 -4.55 10.84 2.57
N SER A 274 -3.55 10.69 3.47
CA SER A 274 -3.86 10.48 4.89
C SER A 274 -4.58 11.66 5.50
N LEU A 275 -4.36 12.88 5.03
CA LEU A 275 -5.08 14.04 5.61
C LEU A 275 -6.59 13.95 5.33
N LEU A 276 -6.95 13.56 4.11
CA LEU A 276 -8.36 13.40 3.74
C LEU A 276 -8.99 12.25 4.51
N ILE A 277 -8.25 11.16 4.71
CA ILE A 277 -8.77 10.11 5.62
C ILE A 277 -8.98 10.69 7.02
N ASN A 278 -7.99 11.45 7.52
CA ASN A 278 -8.10 12.09 8.84
C ASN A 278 -9.38 12.93 8.94
N ALA A 279 -9.67 13.67 7.88
CA ALA A 279 -10.79 14.60 7.88
C ALA A 279 -12.12 13.84 7.98
N VAL A 280 -12.32 12.84 7.11
CA VAL A 280 -13.56 12.05 7.15
C VAL A 280 -13.74 11.45 8.53
N GLU A 281 -12.65 10.90 9.06
CA GLU A 281 -12.70 10.31 10.39
C GLU A 281 -13.06 11.34 11.45
N ALA A 282 -12.38 12.50 11.44
CA ALA A 282 -12.64 13.51 12.45
C ALA A 282 -14.09 14.01 12.40
N SER A 283 -14.61 14.25 11.19
CA SER A 283 -15.98 14.73 11.10
C SER A 283 -16.98 13.65 11.56
N CYS A 284 -16.76 12.41 11.16
CA CYS A 284 -17.61 11.30 11.58
C CYS A 284 -17.59 11.16 13.08
N ILE A 285 -16.41 11.23 13.68
CA ILE A 285 -16.30 11.06 15.13
C ILE A 285 -16.99 12.20 15.87
N ARG A 286 -16.84 13.42 15.38
CA ARG A 286 -17.55 14.53 16.03
C ARG A 286 -19.06 14.35 15.94
N THR A 287 -19.55 13.85 14.81
CA THR A 287 -20.96 13.57 14.65
C THR A 287 -21.43 12.54 15.67
N ARG A 288 -20.62 11.51 15.95
CA ARG A 288 -21.00 10.56 16.99
C ARG A 288 -21.09 11.23 18.35
N GLU A 289 -20.16 12.16 18.65
CA GLU A 289 -20.27 12.89 19.92
C GLU A 289 -21.54 13.73 19.97
N LEU A 290 -21.93 14.35 18.84
CA LEU A 290 -23.17 15.11 18.84
C LEU A 290 -24.38 14.20 19.00
N GLN A 291 -24.35 12.99 18.40
CA GLN A 291 -25.46 12.06 18.58
C GLN A 291 -25.57 11.66 20.05
N SER A 292 -24.43 11.55 20.73
CA SER A 292 -24.44 11.20 22.14
C SER A 292 -25.10 12.28 22.98
N MET A 293 -24.84 13.54 22.66
CA MET A 293 -25.49 14.63 23.39
C MET A 293 -27.00 14.61 23.15
N ALA A 294 -27.43 14.41 21.90
CA ALA A 294 -28.85 14.35 21.57
C ALA A 294 -29.55 13.22 22.31
N ASP A 295 -28.89 12.06 22.43
CA ASP A 295 -29.43 10.92 23.13
C ASP A 295 -29.28 11.00 24.66
N GLN A 296 -28.77 12.10 25.20
CA GLN A 296 -28.70 12.23 26.67
C GLN A 296 -29.68 13.29 27.18
N ASN B 17 -20.01 34.22 -34.55
CA ASN B 17 -20.13 32.76 -34.50
C ASN B 17 -19.64 32.12 -35.79
N LEU B 18 -18.45 31.55 -35.75
CA LEU B 18 -17.83 31.00 -36.95
C LEU B 18 -18.42 29.64 -37.27
N TYR B 19 -18.60 29.36 -38.55
CA TYR B 19 -19.06 28.03 -38.97
C TYR B 19 -17.86 27.11 -39.14
N PHE B 20 -17.83 26.00 -38.39
CA PHE B 20 -16.69 25.09 -38.50
C PHE B 20 -17.12 23.63 -38.55
N GLN B 21 -18.41 23.33 -38.63
CA GLN B 21 -18.88 21.97 -38.49
C GLN B 21 -18.38 21.05 -39.61
N SER B 22 -18.03 21.60 -40.78
CA SER B 22 -17.60 20.78 -41.91
C SER B 22 -16.09 20.61 -42.01
N MET B 23 -15.32 21.28 -41.15
CA MET B 23 -13.87 21.25 -41.25
C MET B 23 -13.31 19.91 -40.75
N SER B 24 -12.09 19.61 -41.18
CA SER B 24 -11.42 18.37 -40.83
C SER B 24 -10.34 18.61 -39.78
N VAL B 25 -10.24 17.68 -38.85
CA VAL B 25 -9.38 17.82 -37.68
C VAL B 25 -8.46 16.61 -37.63
N GLY B 26 -7.17 16.83 -37.43
CA GLY B 26 -6.22 15.75 -37.28
C GLY B 26 -5.53 15.82 -35.94
N PHE B 27 -5.14 14.66 -35.43
CA PHE B 27 -4.32 14.54 -34.22
C PHE B 27 -3.03 13.81 -34.57
N ILE B 28 -1.90 14.44 -34.34
CA ILE B 28 -0.62 13.73 -34.33
C ILE B 28 -0.43 13.22 -32.91
N GLY B 29 -0.54 11.92 -32.72
CA GLY B 29 -0.70 11.30 -31.41
C GLY B 29 -2.11 10.74 -31.33
N ALA B 30 -2.24 9.57 -30.70
CA ALA B 30 -3.51 8.86 -30.52
C ALA B 30 -3.60 8.32 -29.09
N GLY B 31 -3.23 9.16 -28.13
CA GLY B 31 -3.19 8.81 -26.73
C GLY B 31 -4.41 9.31 -25.99
N GLN B 32 -4.21 9.56 -24.69
CA GLN B 32 -5.32 9.97 -23.82
C GLN B 32 -5.90 11.30 -24.24
N LEU B 33 -5.04 12.28 -24.54
CA LEU B 33 -5.54 13.61 -24.88
C LEU B 33 -6.27 13.61 -26.22
N ALA B 34 -5.76 12.87 -27.20
CA ALA B 34 -6.42 12.81 -28.50
C ALA B 34 -7.76 12.11 -28.36
N PHE B 35 -7.78 11.02 -27.60
CA PHE B 35 -9.06 10.37 -27.36
C PHE B 35 -10.03 11.32 -26.68
N ALA B 36 -9.56 12.00 -25.63
CA ALA B 36 -10.44 12.87 -24.86
C ALA B 36 -11.05 13.94 -25.73
N LEU B 37 -10.22 14.63 -26.53
CA LEU B 37 -10.76 15.70 -27.35
C LEU B 37 -11.68 15.13 -28.43
N ALA B 38 -11.27 14.06 -29.10
CA ALA B 38 -12.09 13.48 -30.16
C ALA B 38 -13.44 13.03 -29.60
N LYS B 39 -13.41 12.40 -28.43
CA LYS B 39 -14.65 11.99 -27.76
C LYS B 39 -15.51 13.20 -27.41
N GLY B 40 -14.89 14.22 -26.81
CA GLY B 40 -15.65 15.40 -26.41
C GLY B 40 -16.27 16.10 -27.61
N PHE B 41 -15.48 16.29 -28.69
CA PHE B 41 -16.00 16.98 -29.87
C PHE B 41 -17.15 16.20 -30.49
N THR B 42 -17.03 14.88 -30.60
CA THR B 42 -18.10 14.10 -31.23
C THR B 42 -19.31 14.04 -30.33
N ALA B 43 -19.11 13.93 -29.02
CA ALA B 43 -20.24 13.94 -28.09
C ALA B 43 -20.93 15.30 -28.07
N ALA B 44 -20.19 16.38 -28.24
CA ALA B 44 -20.83 17.68 -28.38
C ALA B 44 -21.58 17.84 -29.69
N GLY B 45 -21.37 16.92 -30.65
CA GLY B 45 -21.96 17.06 -31.98
C GLY B 45 -21.40 18.18 -32.83
N VAL B 46 -20.24 18.75 -32.48
CA VAL B 46 -19.76 19.89 -33.26
C VAL B 46 -18.88 19.46 -34.42
N LEU B 47 -18.43 18.21 -34.43
CA LEU B 47 -17.71 17.64 -35.56
C LEU B 47 -18.18 16.22 -35.75
N ALA B 48 -18.18 15.79 -37.00
CA ALA B 48 -18.45 14.40 -37.34
C ALA B 48 -17.21 13.56 -37.08
N ALA B 49 -17.43 12.34 -36.57
CA ALA B 49 -16.31 11.45 -36.28
C ALA B 49 -15.46 11.18 -37.53
N HIS B 50 -16.09 11.01 -38.70
CA HIS B 50 -15.30 10.78 -39.91
C HIS B 50 -14.49 12.00 -40.33
N LYS B 51 -14.68 13.16 -39.70
CA LYS B 51 -13.86 14.34 -39.99
C LYS B 51 -12.55 14.33 -39.22
N ILE B 52 -12.35 13.35 -38.35
CA ILE B 52 -11.21 13.31 -37.45
C ILE B 52 -10.29 12.18 -37.90
N MET B 53 -9.00 12.47 -37.95
CA MET B 53 -7.98 11.48 -38.27
C MET B 53 -6.90 11.57 -37.20
N ALA B 54 -6.34 10.43 -36.79
CA ALA B 54 -5.31 10.41 -35.76
C ALA B 54 -4.18 9.49 -36.20
N SER B 55 -2.93 9.88 -35.92
CA SER B 55 -1.82 8.99 -36.24
C SER B 55 -1.03 8.70 -34.98
N SER B 56 -0.43 7.51 -34.92
CA SER B 56 0.33 7.10 -33.74
C SER B 56 1.32 6.03 -34.15
N PRO B 57 2.45 5.90 -33.43
CA PRO B 57 3.37 4.79 -33.68
C PRO B 57 2.80 3.42 -33.33
N ASP B 58 2.26 3.26 -32.12
CA ASP B 58 1.78 1.98 -31.63
C ASP B 58 0.26 1.90 -31.74
N MET B 59 -0.24 0.88 -32.43
CA MET B 59 -1.66 0.71 -32.66
C MET B 59 -2.34 -0.22 -31.65
N ASP B 60 -1.57 -1.02 -30.91
CA ASP B 60 -2.15 -1.96 -29.95
C ASP B 60 -2.44 -1.27 -28.62
N LEU B 61 -2.72 0.03 -28.67
CA LEU B 61 -3.10 0.80 -27.50
C LEU B 61 -4.61 0.72 -27.29
N ALA B 62 -5.01 0.79 -26.04
CA ALA B 62 -6.43 0.86 -25.72
C ALA B 62 -7.06 2.11 -26.33
N THR B 63 -6.27 3.20 -26.42
CA THR B 63 -6.80 4.44 -26.99
C THR B 63 -6.96 4.34 -28.50
N VAL B 64 -6.09 3.58 -29.19
CA VAL B 64 -6.23 3.39 -30.63
C VAL B 64 -7.53 2.66 -30.96
N SER B 65 -7.89 1.64 -30.18
CA SER B 65 -9.13 0.90 -30.45
C SER B 65 -10.36 1.68 -30.02
N ALA B 66 -10.23 2.50 -28.98
CA ALA B 66 -11.34 3.38 -28.60
C ALA B 66 -11.63 4.41 -29.69
N LEU B 67 -10.58 5.05 -30.22
CA LEU B 67 -10.74 5.93 -31.38
C LEU B 67 -11.42 5.19 -32.52
N ARG B 68 -10.97 3.96 -32.80
CA ARG B 68 -11.54 3.19 -33.89
C ARG B 68 -13.04 2.97 -33.70
N LYS B 69 -13.46 2.57 -32.50
CA LYS B 69 -14.88 2.32 -32.24
C LYS B 69 -15.72 3.59 -32.34
N MET B 70 -15.12 4.76 -32.17
CA MET B 70 -15.83 6.03 -32.34
C MET B 70 -16.03 6.41 -33.80
N GLY B 71 -15.31 5.79 -34.72
CA GLY B 71 -15.39 6.15 -36.11
C GLY B 71 -14.32 7.11 -36.58
N VAL B 72 -13.31 7.38 -35.75
CA VAL B 72 -12.18 8.22 -36.16
C VAL B 72 -11.32 7.42 -37.12
N LYS B 73 -10.78 8.10 -38.13
CA LYS B 73 -9.85 7.44 -39.03
C LYS B 73 -8.48 7.35 -38.36
N LEU B 74 -7.88 6.18 -38.41
CA LEU B 74 -6.57 5.96 -37.79
C LEU B 74 -5.58 5.62 -38.89
N THR B 75 -4.34 6.07 -38.74
CA THR B 75 -3.30 5.80 -39.72
C THR B 75 -1.95 5.82 -39.02
N PRO B 76 -0.95 5.08 -39.54
CA PRO B 76 0.41 5.20 -38.97
C PRO B 76 1.24 6.34 -39.56
N HIS B 77 0.73 7.05 -40.55
CA HIS B 77 1.49 8.04 -41.31
C HIS B 77 1.06 9.45 -40.92
N ASN B 78 1.99 10.20 -40.30
CA ASN B 78 1.71 11.58 -39.90
C ASN B 78 1.44 12.47 -41.11
N LYS B 79 2.11 12.24 -42.26
CA LYS B 79 1.80 13.04 -43.43
C LYS B 79 0.32 12.92 -43.81
N GLU B 80 -0.25 11.71 -43.70
CA GLU B 80 -1.64 11.53 -44.13
C GLU B 80 -2.59 12.31 -43.22
N THR B 81 -2.32 12.33 -41.92
CA THR B 81 -3.09 13.20 -41.01
C THR B 81 -2.99 14.67 -41.42
N VAL B 82 -1.78 15.13 -41.76
CA VAL B 82 -1.60 16.54 -42.14
C VAL B 82 -2.39 16.87 -43.39
N GLN B 83 -2.30 16.01 -44.41
CA GLN B 83 -3.01 16.28 -45.65
C GLN B 83 -4.52 16.24 -45.45
N HIS B 84 -5.00 15.38 -44.55
CA HIS B 84 -6.43 15.32 -44.25
C HIS B 84 -6.93 16.58 -43.55
N SER B 85 -6.11 17.21 -42.72
CA SER B 85 -6.61 18.17 -41.74
C SER B 85 -6.67 19.62 -42.24
N ASP B 86 -7.59 20.38 -41.63
CA ASP B 86 -7.55 21.84 -41.65
C ASP B 86 -7.00 22.37 -40.34
N VAL B 87 -7.50 21.88 -39.21
CA VAL B 87 -6.93 22.12 -37.89
C VAL B 87 -6.15 20.88 -37.48
N LEU B 88 -4.91 21.06 -37.06
CA LEU B 88 -4.00 19.96 -36.74
C LEU B 88 -3.56 20.10 -35.29
N PHE B 89 -3.98 19.17 -34.45
CA PHE B 89 -3.57 19.15 -33.05
C PHE B 89 -2.30 18.30 -32.92
N LEU B 90 -1.34 18.79 -32.13
CA LEU B 90 -0.14 18.01 -31.79
C LEU B 90 -0.31 17.50 -30.35
N ALA B 91 -0.42 16.18 -30.19
CA ALA B 91 -0.72 15.59 -28.87
C ALA B 91 0.22 14.40 -28.64
N VAL B 92 1.51 14.70 -28.68
CA VAL B 92 2.55 13.70 -28.42
C VAL B 92 3.45 14.25 -27.32
N LYS B 93 4.24 13.33 -26.74
CA LYS B 93 5.21 13.70 -25.72
C LYS B 93 6.06 14.86 -26.22
N PRO B 94 6.51 15.76 -25.34
CA PRO B 94 7.15 17.01 -25.84
C PRO B 94 8.41 16.80 -26.65
N HIS B 95 9.35 15.98 -26.17
CA HIS B 95 10.63 15.82 -26.87
C HIS B 95 10.46 15.27 -28.28
N ILE B 96 9.28 14.72 -28.60
CA ILE B 96 8.98 14.21 -29.92
C ILE B 96 8.72 15.34 -30.90
N ILE B 97 8.23 16.49 -30.40
CA ILE B 97 7.73 17.54 -31.28
C ILE B 97 8.75 17.99 -32.35
N PRO B 98 10.03 18.23 -32.03
CA PRO B 98 10.96 18.60 -33.12
C PRO B 98 11.08 17.55 -34.21
N PHE B 99 11.05 16.26 -33.87
CA PHE B 99 11.11 15.24 -34.92
C PHE B 99 9.84 15.23 -35.77
N ILE B 100 8.69 15.52 -35.15
CA ILE B 100 7.44 15.63 -35.89
C ILE B 100 7.49 16.82 -36.84
N LEU B 101 7.86 17.99 -36.31
CA LEU B 101 7.90 19.19 -37.14
C LEU B 101 8.88 19.03 -38.30
N ASP B 102 9.97 18.30 -38.09
CA ASP B 102 10.88 18.03 -39.20
C ASP B 102 10.23 17.12 -40.22
N GLU B 103 9.43 16.15 -39.74
CA GLU B 103 8.82 15.16 -40.64
C GLU B 103 7.71 15.78 -41.48
N ILE B 104 6.88 16.66 -40.92
CA ILE B 104 5.71 17.13 -41.62
C ILE B 104 5.80 18.57 -42.03
N GLY B 105 6.91 19.26 -41.70
CA GLY B 105 7.02 20.68 -42.00
C GLY B 105 6.75 21.02 -43.45
N ALA B 106 7.22 20.17 -44.36
CA ALA B 106 7.03 20.46 -45.77
C ALA B 106 5.58 20.28 -46.22
N ASP B 107 4.78 19.59 -45.41
CA ASP B 107 3.40 19.33 -45.75
C ASP B 107 2.42 20.34 -45.17
N ILE B 108 2.89 21.22 -44.28
CA ILE B 108 2.03 22.30 -43.81
C ILE B 108 1.68 23.21 -44.97
N GLU B 109 0.40 23.52 -45.10
CA GLU B 109 -0.13 24.40 -46.12
C GLU B 109 -0.65 25.68 -45.49
N ASP B 110 -1.02 26.63 -46.33
CA ASP B 110 -1.50 27.90 -45.82
C ASP B 110 -2.82 27.74 -45.08
N ARG B 111 -3.64 26.75 -45.47
CA ARG B 111 -4.91 26.55 -44.76
C ARG B 111 -4.72 26.07 -43.32
N HIS B 112 -3.55 25.53 -42.96
CA HIS B 112 -3.46 24.82 -41.67
C HIS B 112 -3.40 25.78 -40.50
N ILE B 113 -4.17 25.47 -39.46
CA ILE B 113 -3.90 25.97 -38.12
C ILE B 113 -3.27 24.83 -37.34
N VAL B 114 -2.03 25.03 -36.87
CA VAL B 114 -1.36 24.06 -36.00
C VAL B 114 -1.64 24.40 -34.54
N VAL B 115 -2.19 23.44 -33.80
CA VAL B 115 -2.57 23.64 -32.39
C VAL B 115 -1.74 22.68 -31.57
N SER B 116 -0.76 23.21 -30.86
CA SER B 116 0.10 22.40 -30.02
C SER B 116 -0.51 22.23 -28.64
N CYS B 117 -0.77 20.98 -28.24
CA CYS B 117 -1.08 20.68 -26.85
C CYS B 117 0.12 20.08 -26.13
N ALA B 118 1.26 20.00 -26.78
CA ALA B 118 2.45 19.51 -26.11
C ALA B 118 2.79 20.44 -24.96
N ALA B 119 2.89 19.89 -23.75
CA ALA B 119 3.10 20.76 -22.60
C ALA B 119 4.51 21.33 -22.62
N GLY B 120 4.62 22.59 -22.20
CA GLY B 120 5.89 23.28 -22.20
C GLY B 120 6.37 23.76 -23.56
N VAL B 121 5.98 23.09 -24.66
CA VAL B 121 6.54 23.42 -25.99
C VAL B 121 6.06 24.80 -26.39
N THR B 122 7.01 25.71 -26.61
CA THR B 122 6.69 27.12 -26.82
C THR B 122 6.26 27.37 -28.26
N ILE B 123 5.45 28.43 -28.45
CA ILE B 123 5.10 28.84 -29.80
C ILE B 123 6.36 29.14 -30.60
N SER B 124 7.32 29.81 -29.98
CA SER B 124 8.58 30.16 -30.65
C SER B 124 9.25 28.92 -31.23
N SER B 125 9.43 27.88 -30.44
CA SER B 125 10.14 26.71 -30.96
C SER B 125 9.38 26.08 -32.14
N ILE B 126 8.05 26.13 -32.12
CA ILE B 126 7.28 25.56 -33.22
C ILE B 126 7.41 26.44 -34.46
N GLU B 127 7.22 27.75 -34.30
CA GLU B 127 7.29 28.64 -35.44
C GLU B 127 8.67 28.61 -36.08
N LYS B 128 9.71 28.49 -35.24
CA LYS B 128 11.07 28.44 -35.80
C LYS B 128 11.23 27.21 -36.70
N LYS B 129 10.80 26.04 -36.22
CA LYS B 129 10.88 24.84 -37.06
C LYS B 129 10.04 24.99 -38.32
N LEU B 130 8.77 25.37 -38.18
CA LEU B 130 7.89 25.38 -39.35
C LEU B 130 8.24 26.48 -40.35
N SER B 131 8.79 27.60 -39.86
CA SER B 131 9.14 28.69 -40.74
C SER B 131 10.22 28.31 -41.75
N ALA B 132 11.09 27.36 -41.41
CA ALA B 132 12.08 26.90 -42.38
C ALA B 132 11.44 26.32 -43.66
N PHE B 133 10.15 25.99 -43.65
CA PHE B 133 9.47 25.34 -44.78
C PHE B 133 8.53 26.26 -45.55
N ARG B 134 7.65 26.97 -44.85
CA ARG B 134 6.73 27.92 -45.43
C ARG B 134 6.69 29.07 -44.44
N PRO B 135 6.71 30.32 -44.89
CA PRO B 135 6.62 31.42 -43.93
C PRO B 135 5.21 31.54 -43.35
N ALA B 136 5.13 32.23 -42.25
CA ALA B 136 3.85 32.53 -41.61
C ALA B 136 3.02 31.29 -41.23
N PRO B 137 3.57 30.26 -40.59
CA PRO B 137 2.70 29.20 -40.09
C PRO B 137 1.78 29.75 -39.02
N ARG B 138 0.52 29.31 -39.07
CA ARG B 138 -0.50 29.73 -38.11
C ARG B 138 -0.49 28.74 -36.95
N VAL B 139 -0.06 29.21 -35.77
CA VAL B 139 0.21 28.35 -34.63
C VAL B 139 -0.60 28.85 -33.45
N ILE B 140 -1.18 27.92 -32.72
CA ILE B 140 -1.89 28.21 -31.47
C ILE B 140 -1.38 27.22 -30.43
N ARG B 141 -1.08 27.71 -29.22
CA ARG B 141 -0.64 26.83 -28.15
C ARG B 141 -1.85 26.63 -27.26
N CYS B 142 -2.10 25.36 -26.90
CA CYS B 142 -3.29 24.96 -26.14
C CYS B 142 -2.87 24.29 -24.84
N MET B 143 -3.60 24.55 -23.76
CA MET B 143 -3.43 23.82 -22.52
C MET B 143 -4.83 23.37 -22.11
N THR B 144 -5.10 22.06 -22.18
CA THR B 144 -6.46 21.60 -21.87
C THR B 144 -6.33 20.42 -20.92
N ASN B 145 -7.40 19.66 -20.67
CA ASN B 145 -7.29 18.57 -19.71
C ASN B 145 -8.29 17.48 -20.08
N THR B 146 -8.16 16.32 -19.45
CA THR B 146 -8.91 15.16 -19.94
CA THR B 146 -8.90 15.16 -19.93
C THR B 146 -10.41 15.28 -19.74
N PRO B 147 -10.92 16.07 -18.77
CA PRO B 147 -12.39 16.14 -18.64
C PRO B 147 -13.11 16.72 -19.84
N VAL B 148 -12.39 17.15 -20.89
CA VAL B 148 -13.14 17.49 -22.10
C VAL B 148 -13.94 16.27 -22.56
N VAL B 149 -13.56 15.07 -22.12
CA VAL B 149 -14.25 13.86 -22.52
C VAL B 149 -15.70 13.85 -22.04
N VAL B 150 -16.00 14.55 -20.95
CA VAL B 150 -17.36 14.71 -20.46
C VAL B 150 -17.81 16.17 -20.63
N ARG B 151 -17.13 16.89 -21.53
CA ARG B 151 -17.51 18.24 -21.92
C ARG B 151 -17.43 19.21 -20.76
N GLU B 152 -16.50 18.96 -19.83
CA GLU B 152 -16.26 19.84 -18.70
C GLU B 152 -14.77 20.12 -18.57
N GLY B 153 -14.08 20.25 -19.71
CA GLY B 153 -12.66 20.57 -19.67
C GLY B 153 -12.42 21.99 -19.20
N ALA B 154 -11.13 22.27 -18.97
CA ALA B 154 -10.65 23.61 -18.65
C ALA B 154 -9.53 23.89 -19.65
N THR B 155 -9.76 24.85 -20.54
CA THR B 155 -8.83 25.04 -21.66
C THR B 155 -8.41 26.50 -21.72
N VAL B 156 -7.11 26.76 -21.92
CA VAL B 156 -6.67 28.09 -22.30
C VAL B 156 -5.86 27.94 -23.58
N TYR B 157 -5.74 29.05 -24.33
CA TYR B 157 -4.96 29.03 -25.56
C TYR B 157 -4.27 30.38 -25.74
N ALA B 158 -3.13 30.36 -26.44
CA ALA B 158 -2.46 31.59 -26.83
C ALA B 158 -2.20 31.55 -28.34
N THR B 159 -2.35 32.70 -28.99
CA THR B 159 -2.25 32.79 -30.45
C THR B 159 -0.83 33.13 -30.84
N GLY B 160 -0.36 32.55 -31.95
CA GLY B 160 1.01 32.76 -32.38
C GLY B 160 1.14 33.97 -33.27
N THR B 161 2.38 34.17 -33.74
CA THR B 161 2.76 35.37 -34.49
C THR B 161 1.91 35.58 -35.74
N HIS B 162 1.58 34.51 -36.46
CA HIS B 162 0.87 34.64 -37.73
C HIS B 162 -0.55 34.11 -37.67
N ALA B 163 -1.05 33.80 -36.48
CA ALA B 163 -2.42 33.37 -36.33
C ALA B 163 -3.36 34.52 -36.68
N GLN B 164 -4.31 34.31 -37.59
CA GLN B 164 -5.23 35.39 -37.87
C GLN B 164 -6.16 35.61 -36.68
N VAL B 165 -6.89 36.74 -36.68
CA VAL B 165 -7.80 37.02 -35.58
C VAL B 165 -8.88 35.94 -35.52
N GLU B 166 -9.39 35.53 -36.69
CA GLU B 166 -10.40 34.48 -36.70
C GLU B 166 -9.86 33.13 -36.25
N ASP B 167 -8.53 32.89 -36.32
CA ASP B 167 -7.98 31.63 -35.85
C ASP B 167 -8.22 31.48 -34.35
N GLY B 168 -8.01 32.56 -33.61
CA GLY B 168 -8.22 32.52 -32.17
C GLY B 168 -9.66 32.31 -31.84
N ARG B 169 -10.56 33.01 -32.56
CA ARG B 169 -11.99 32.84 -32.35
C ARG B 169 -12.43 31.42 -32.69
N LEU B 170 -11.91 30.85 -33.78
CA LEU B 170 -12.28 29.50 -34.16
C LEU B 170 -11.90 28.52 -33.08
N MET B 171 -10.68 28.64 -32.58
CA MET B 171 -10.17 27.79 -31.51
CA MET B 171 -10.25 27.70 -31.56
C MET B 171 -11.02 27.92 -30.26
N GLU B 172 -11.39 29.15 -29.91
CA GLU B 172 -12.20 29.34 -28.70
C GLU B 172 -13.58 28.70 -28.89
N GLN B 173 -14.23 28.93 -30.03
CA GLN B 173 -15.52 28.31 -30.29
C GLN B 173 -15.43 26.79 -30.22
N LEU B 174 -14.44 26.22 -30.91
CA LEU B 174 -14.29 24.77 -30.89
C LEU B 174 -14.08 24.24 -29.46
N LEU B 175 -13.12 24.81 -28.72
CA LEU B 175 -12.78 24.25 -27.41
CA LEU B 175 -12.79 24.24 -27.42
C LEU B 175 -13.81 24.57 -26.35
N SER B 176 -14.58 25.65 -26.52
CA SER B 176 -15.71 25.92 -25.63
C SER B 176 -16.80 24.88 -25.74
N SER B 177 -16.86 24.12 -26.82
CA SER B 177 -17.89 23.09 -26.89
C SER B 177 -17.63 21.93 -25.93
N VAL B 178 -16.43 21.84 -25.36
CA VAL B 178 -16.08 20.74 -24.47
C VAL B 178 -15.63 21.23 -23.08
N GLY B 179 -15.88 22.50 -22.76
CA GLY B 179 -15.62 22.98 -21.41
C GLY B 179 -15.37 24.48 -21.38
N PHE B 180 -14.83 24.94 -20.26
CA PHE B 180 -14.44 26.34 -20.17
C PHE B 180 -13.28 26.61 -21.12
N CYS B 181 -13.28 27.78 -21.78
CA CYS B 181 -12.15 28.10 -22.66
C CYS B 181 -11.92 29.60 -22.68
N THR B 182 -10.66 30.04 -22.53
CA THR B 182 -10.40 31.47 -22.67
C THR B 182 -8.99 31.70 -23.20
N GLU B 183 -8.78 32.85 -23.82
CA GLU B 183 -7.45 33.21 -24.32
C GLU B 183 -6.57 33.69 -23.17
N VAL B 184 -5.29 33.30 -23.17
CA VAL B 184 -4.30 33.86 -22.25
C VAL B 184 -3.05 34.25 -23.02
N GLU B 185 -2.23 35.11 -22.39
CA GLU B 185 -0.85 35.31 -22.82
C GLU B 185 -0.10 34.01 -22.64
N GLU B 186 0.83 33.75 -23.55
CA GLU B 186 1.55 32.48 -23.52
C GLU B 186 2.28 32.25 -22.19
N ASP B 187 2.76 33.32 -21.56
CA ASP B 187 3.58 33.12 -20.37
C ASP B 187 2.77 32.65 -19.13
N LEU B 188 1.46 32.53 -19.23
CA LEU B 188 0.63 31.90 -18.20
C LEU B 188 0.46 30.40 -18.41
N ILE B 189 0.80 29.85 -19.57
CA ILE B 189 0.33 28.49 -19.83
C ILE B 189 1.02 27.49 -18.93
N ASP B 190 2.28 27.74 -18.56
CA ASP B 190 2.96 26.81 -17.67
C ASP B 190 2.26 26.77 -16.31
N ALA B 191 1.80 27.92 -15.80
CA ALA B 191 1.09 27.91 -14.52
C ALA B 191 -0.28 27.26 -14.66
N VAL B 192 -0.95 27.47 -15.80
CA VAL B 192 -2.24 26.79 -16.02
C VAL B 192 -2.02 25.28 -16.01
N THR B 193 -0.93 24.81 -16.63
CA THR B 193 -0.64 23.37 -16.59
C THR B 193 -0.57 22.86 -15.15
N GLY B 194 0.05 23.64 -14.25
CA GLY B 194 0.17 23.18 -12.88
C GLY B 194 -1.14 23.14 -12.15
N LEU B 195 -2.09 23.94 -12.58
CA LEU B 195 -3.38 24.09 -11.91
C LEU B 195 -4.44 23.23 -12.57
N SER B 196 -4.94 23.59 -13.74
CA SER B 196 -6.02 22.79 -14.31
C SER B 196 -5.52 21.68 -15.24
N GLY B 197 -4.29 21.75 -15.71
CA GLY B 197 -3.76 20.65 -16.51
C GLY B 197 -3.56 19.41 -15.65
N SER B 198 -2.81 19.56 -14.55
CA SER B 198 -2.60 18.47 -13.61
C SER B 198 -3.76 18.30 -12.66
N GLY B 199 -4.61 19.32 -12.55
CA GLY B 199 -5.63 19.36 -11.52
C GLY B 199 -6.46 18.10 -11.41
N PRO B 200 -6.90 17.51 -12.54
CA PRO B 200 -7.72 16.29 -12.44
C PRO B 200 -7.01 15.18 -11.70
N ALA B 201 -5.69 15.03 -11.88
CA ALA B 201 -5.00 13.98 -11.13
C ALA B 201 -5.01 14.28 -9.64
N TYR B 202 -4.92 15.57 -9.24
CA TYR B 202 -5.05 15.87 -7.81
C TYR B 202 -6.40 15.43 -7.31
N ALA B 203 -7.43 15.65 -8.11
CA ALA B 203 -8.80 15.32 -7.74
C ALA B 203 -9.01 13.81 -7.68
N PHE B 204 -8.42 13.07 -8.61
CA PHE B 204 -8.58 11.61 -8.54
C PHE B 204 -7.89 11.06 -7.30
N THR B 205 -6.70 11.57 -7.00
CA THR B 205 -6.01 11.21 -5.77
C THR B 205 -6.85 11.53 -4.54
N ALA B 206 -7.40 12.75 -4.48
CA ALA B 206 -8.22 13.14 -3.33
C ALA B 206 -9.43 12.23 -3.18
N LEU B 207 -10.06 11.88 -4.31
CA LEU B 207 -11.28 11.07 -4.29
C LEU B 207 -10.99 9.65 -3.83
N ASP B 208 -9.88 9.08 -4.28
CA ASP B 208 -9.45 7.77 -3.76
C ASP B 208 -9.31 7.81 -2.24
N ALA B 209 -8.61 8.81 -1.73
CA ALA B 209 -8.33 8.96 -0.32
C ALA B 209 -9.61 9.23 0.46
N LEU B 210 -10.46 10.13 -0.02
CA LEU B 210 -11.75 10.37 0.65
C LEU B 210 -12.57 9.10 0.72
N ALA B 211 -12.58 8.32 -0.37
CA ALA B 211 -13.34 7.07 -0.32
C ALA B 211 -12.73 6.11 0.70
N ASP B 212 -11.39 6.02 0.78
CA ASP B 212 -10.77 5.24 1.85
C ASP B 212 -11.21 5.73 3.23
N GLY B 213 -11.31 7.06 3.42
CA GLY B 213 -11.82 7.57 4.69
C GLY B 213 -13.26 7.13 4.95
N GLY B 214 -14.10 7.14 3.91
CA GLY B 214 -15.48 6.66 4.07
C GLY B 214 -15.53 5.18 4.42
N VAL B 215 -14.71 4.37 3.75
CA VAL B 215 -14.59 2.94 4.11
C VAL B 215 -14.08 2.78 5.53
N LYS B 216 -13.10 3.59 5.95
CA LYS B 216 -12.62 3.45 7.33
C LYS B 216 -13.77 3.63 8.32
N MET B 217 -14.66 4.56 8.05
CA MET B 217 -15.74 4.90 8.98
C MET B 217 -17.02 4.07 8.71
N GLY B 218 -16.98 3.04 7.86
CA GLY B 218 -18.07 2.07 7.77
C GLY B 218 -18.86 2.07 6.46
N LEU B 219 -18.55 2.94 5.51
CA LEU B 219 -19.33 2.92 4.27
C LEU B 219 -18.79 1.87 3.30
N PRO B 220 -19.66 1.26 2.51
CA PRO B 220 -19.19 0.45 1.39
C PRO B 220 -18.43 1.30 0.39
N ARG B 221 -17.43 0.68 -0.24
CA ARG B 221 -16.49 1.44 -1.09
C ARG B 221 -17.21 2.11 -2.27
N ARG B 222 -18.14 1.39 -2.92
CA ARG B 222 -18.85 1.97 -4.06
C ARG B 222 -19.64 3.21 -3.67
N LEU B 223 -20.36 3.16 -2.56
CA LEU B 223 -21.07 4.33 -2.05
C LEU B 223 -20.11 5.46 -1.69
N ALA B 224 -19.01 5.14 -1.00
CA ALA B 224 -18.07 6.18 -0.62
C ALA B 224 -17.52 6.91 -1.84
N VAL B 225 -17.23 6.16 -2.91
CA VAL B 225 -16.72 6.79 -4.12
C VAL B 225 -17.77 7.74 -4.71
N ARG B 226 -19.01 7.28 -4.79
CA ARG B 226 -20.11 8.07 -5.36
C ARG B 226 -20.31 9.34 -4.55
N LEU B 227 -20.37 9.21 -3.21
CA LEU B 227 -20.65 10.36 -2.34
C LEU B 227 -19.53 11.37 -2.41
N GLY B 228 -18.28 10.91 -2.35
CA GLY B 228 -17.17 11.84 -2.42
C GLY B 228 -17.08 12.57 -3.76
N ALA B 229 -17.24 11.84 -4.87
CA ALA B 229 -17.24 12.49 -6.19
C ALA B 229 -18.39 13.48 -6.32
N GLN B 230 -19.60 13.09 -5.90
CA GLN B 230 -20.72 14.03 -5.93
C GLN B 230 -20.47 15.25 -5.05
N ALA B 231 -19.87 15.06 -3.86
CA ALA B 231 -19.55 16.20 -3.01
C ALA B 231 -18.62 17.18 -3.74
N LEU B 232 -17.57 16.65 -4.36
CA LEU B 232 -16.62 17.53 -5.07
C LEU B 232 -17.25 18.21 -6.28
N LEU B 233 -18.02 17.46 -7.08
CA LEU B 233 -18.69 18.08 -8.23
C LEU B 233 -19.62 19.20 -7.78
N GLY B 234 -20.46 18.90 -6.80
CA GLY B 234 -21.39 19.90 -6.30
C GLY B 234 -20.69 21.12 -5.72
N ALA B 235 -19.61 20.91 -4.95
CA ALA B 235 -18.95 22.06 -4.35
C ALA B 235 -18.33 22.92 -5.43
N ALA B 236 -17.72 22.27 -6.41
CA ALA B 236 -17.09 23.02 -7.51
C ALA B 236 -18.14 23.81 -8.27
N LYS B 237 -19.29 23.18 -8.57
CA LYS B 237 -20.37 23.89 -9.23
C LYS B 237 -20.87 25.05 -8.38
N MET B 238 -21.06 24.83 -7.08
CA MET B 238 -21.51 25.92 -6.20
C MET B 238 -20.60 27.12 -6.33
N LEU B 239 -19.28 26.88 -6.28
CA LEU B 239 -18.31 27.98 -6.39
C LEU B 239 -18.44 28.69 -7.72
N LEU B 240 -18.52 27.93 -8.82
CA LEU B 240 -18.61 28.56 -10.13
C LEU B 240 -19.87 29.41 -10.26
N HIS B 241 -20.98 29.00 -9.62
CA HIS B 241 -22.23 29.75 -9.73
C HIS B 241 -22.37 30.79 -8.63
N SER B 242 -21.50 30.77 -7.64
CA SER B 242 -21.41 31.78 -6.62
C SER B 242 -20.52 32.91 -7.12
N GLU B 243 -20.80 34.11 -6.65
CA GLU B 243 -19.84 35.19 -6.83
C GLU B 243 -18.93 35.31 -5.61
N GLN B 244 -18.96 34.32 -4.73
CA GLN B 244 -18.32 34.43 -3.44
C GLN B 244 -16.96 33.74 -3.43
N HIS B 245 -16.13 34.21 -2.51
CA HIS B 245 -14.81 33.65 -2.27
C HIS B 245 -14.94 32.23 -1.72
N PRO B 246 -14.04 31.32 -2.09
CA PRO B 246 -14.11 29.97 -1.49
C PRO B 246 -13.98 29.97 0.00
N GLY B 247 -13.24 30.93 0.58
CA GLY B 247 -13.19 31.04 2.03
C GLY B 247 -14.51 31.45 2.63
N GLN B 248 -15.27 32.28 1.92
CA GLN B 248 -16.61 32.64 2.37
C GLN B 248 -17.53 31.43 2.32
N LEU B 249 -17.44 30.60 1.28
CA LEU B 249 -18.30 29.42 1.25
C LEU B 249 -17.91 28.45 2.35
N LYS B 250 -16.59 28.29 2.57
CA LYS B 250 -16.11 27.51 3.71
C LYS B 250 -16.71 28.05 5.01
N ASP B 251 -16.68 29.37 5.20
CA ASP B 251 -17.28 29.93 6.41
C ASP B 251 -18.76 29.61 6.47
N ASN B 252 -19.46 29.77 5.33
CA ASN B 252 -20.91 29.63 5.35
C ASN B 252 -21.34 28.23 5.74
N VAL B 253 -20.54 27.21 5.46
CA VAL B 253 -21.00 25.84 5.67
C VAL B 253 -20.44 25.21 6.95
N SER B 254 -19.56 25.89 7.67
CA SER B 254 -18.93 25.32 8.87
C SER B 254 -19.66 25.80 10.13
N SER B 255 -20.63 25.00 10.62
CA SER B 255 -21.36 25.42 11.80
C SER B 255 -20.47 25.41 13.05
N PRO B 256 -20.71 26.30 14.00
CA PRO B 256 -19.94 26.33 15.25
C PRO B 256 -19.95 24.99 15.97
N GLY B 257 -18.76 24.55 16.38
CA GLY B 257 -18.61 23.32 17.11
C GLY B 257 -18.85 22.05 16.32
N GLY B 258 -19.18 22.15 15.04
CA GLY B 258 -19.72 21.02 14.30
C GLY B 258 -18.64 20.11 13.73
N ALA B 259 -19.13 19.07 13.03
CA ALA B 259 -18.26 18.05 12.45
C ALA B 259 -17.33 18.65 11.42
N THR B 260 -17.83 19.57 10.60
CA THR B 260 -16.99 20.06 9.50
C THR B 260 -15.79 20.86 10.01
N ILE B 261 -16.03 21.75 10.96
CA ILE B 261 -14.91 22.57 11.42
C ILE B 261 -13.90 21.68 12.15
N HIS B 262 -14.37 20.61 12.78
CA HIS B 262 -13.42 19.67 13.37
C HIS B 262 -12.57 19.00 12.29
N ALA B 263 -13.18 18.58 11.17
CA ALA B 263 -12.36 18.00 10.10
C ALA B 263 -11.43 19.02 9.48
N LEU B 264 -11.88 20.26 9.32
CA LEU B 264 -11.01 21.28 8.69
C LEU B 264 -9.76 21.49 9.53
N HIS B 265 -9.91 21.41 10.85
CA HIS B 265 -8.75 21.54 11.73
C HIS B 265 -7.71 20.47 11.41
N VAL B 266 -8.13 19.19 11.26
CA VAL B 266 -7.10 18.18 11.00
C VAL B 266 -6.47 18.36 9.62
N LEU B 267 -7.23 18.83 8.62
CA LEU B 267 -6.62 19.22 7.34
C LEU B 267 -5.53 20.26 7.56
N GLU B 268 -5.86 21.35 8.28
CA GLU B 268 -4.89 22.42 8.52
C GLU B 268 -3.66 21.90 9.26
N SER B 269 -3.87 21.00 10.24
CA SER B 269 -2.71 20.55 11.00
C SER B 269 -1.75 19.75 10.12
N GLY B 270 -2.23 19.12 9.06
CA GLY B 270 -1.25 18.50 8.18
C GLY B 270 -0.76 19.41 7.07
N GLY B 271 -1.12 20.68 7.10
CA GLY B 271 -0.67 21.55 6.01
C GLY B 271 -1.30 21.23 4.65
N PHE B 272 -2.54 20.75 4.66
CA PHE B 272 -3.26 20.40 3.43
C PHE B 272 -3.14 21.48 2.36
N ARG B 273 -3.36 22.74 2.74
CA ARG B 273 -3.32 23.83 1.77
C ARG B 273 -1.95 23.92 1.11
N SER B 274 -0.89 23.81 1.91
CA SER B 274 0.46 23.93 1.37
C SER B 274 0.80 22.81 0.38
N LEU B 275 0.23 21.60 0.57
CA LEU B 275 0.52 20.50 -0.34
C LEU B 275 0.00 20.80 -1.74
N LEU B 276 -1.18 21.41 -1.81
CA LEU B 276 -1.77 21.75 -3.09
C LEU B 276 -1.04 22.91 -3.72
N ILE B 277 -0.61 23.90 -2.92
CA ILE B 277 0.30 24.91 -3.49
C ILE B 277 1.57 24.25 -3.99
N ASN B 278 2.14 23.32 -3.17
CA ASN B 278 3.37 22.64 -3.59
C ASN B 278 3.18 21.95 -4.94
N ALA B 279 2.00 21.33 -5.14
CA ALA B 279 1.72 20.55 -6.34
C ALA B 279 1.65 21.45 -7.58
N VAL B 280 0.82 22.50 -7.54
CA VAL B 280 0.75 23.45 -8.65
C VAL B 280 2.14 23.95 -9.01
N GLU B 281 2.93 24.34 -8.01
CA GLU B 281 4.28 24.84 -8.26
C GLU B 281 5.17 23.77 -8.90
N ALA B 282 5.13 22.55 -8.37
CA ALA B 282 5.96 21.47 -8.90
C ALA B 282 5.60 21.14 -10.34
N SER B 283 4.30 21.10 -10.65
CA SER B 283 3.90 20.82 -12.03
C SER B 283 4.34 21.95 -12.97
N CYS B 284 4.12 23.20 -12.55
CA CYS B 284 4.52 24.35 -13.38
C CYS B 284 6.03 24.36 -13.61
N ILE B 285 6.83 24.11 -12.56
CA ILE B 285 8.28 24.12 -12.70
C ILE B 285 8.75 22.98 -13.63
N ARG B 286 8.17 21.78 -13.47
CA ARG B 286 8.50 20.68 -14.37
C ARG B 286 8.16 21.03 -15.82
N THR B 287 7.03 21.69 -16.03
CA THR B 287 6.67 22.12 -17.39
C THR B 287 7.71 23.07 -17.93
N ARG B 288 8.21 23.99 -17.10
CA ARG B 288 9.27 24.90 -17.54
C ARG B 288 10.55 24.15 -17.87
N GLU B 289 10.90 23.16 -17.05
CA GLU B 289 12.07 22.34 -17.34
C GLU B 289 11.96 21.67 -18.69
N LEU B 290 10.79 21.08 -18.97
CA LEU B 290 10.65 20.30 -20.20
C LEU B 290 10.87 21.18 -21.42
N GLN B 291 10.39 22.42 -21.39
CA GLN B 291 10.71 23.35 -22.46
C GLN B 291 12.22 23.61 -22.52
N SER B 292 12.83 23.95 -21.37
CA SER B 292 14.25 24.26 -21.34
C SER B 292 15.11 23.09 -21.78
N MET B 293 14.72 21.86 -21.40
CA MET B 293 15.43 20.68 -21.88
C MET B 293 15.30 20.55 -23.38
N ALA B 294 14.11 20.86 -23.91
CA ALA B 294 13.95 20.94 -25.36
C ALA B 294 14.92 21.96 -25.95
N ASP B 295 14.88 23.19 -25.46
CA ASP B 295 15.70 24.28 -26.04
C ASP B 295 17.18 24.17 -25.68
N TYR C 19 -8.26 -36.59 -3.23
CA TYR C 19 -8.50 -37.25 -1.96
C TYR C 19 -9.93 -36.98 -1.48
N PHE C 20 -10.60 -36.02 -2.10
CA PHE C 20 -11.98 -35.64 -1.79
C PHE C 20 -12.85 -36.08 -2.96
N GLN C 21 -13.47 -37.25 -2.83
CA GLN C 21 -14.31 -37.78 -3.88
C GLN C 21 -15.74 -37.27 -3.75
N SER C 22 -16.42 -37.60 -2.64
CA SER C 22 -17.82 -37.29 -2.47
C SER C 22 -18.06 -36.03 -1.64
N MET C 23 -17.02 -35.38 -1.13
CA MET C 23 -17.21 -34.31 -0.17
C MET C 23 -17.79 -33.07 -0.85
N SER C 24 -18.76 -32.45 -0.20
CA SER C 24 -19.36 -31.26 -0.78
C SER C 24 -19.08 -30.06 0.13
N VAL C 25 -18.97 -28.90 -0.47
CA VAL C 25 -18.54 -27.69 0.22
C VAL C 25 -19.56 -26.59 0.01
N GLY C 26 -19.85 -25.83 1.06
CA GLY C 26 -20.79 -24.73 0.97
C GLY C 26 -20.18 -23.44 1.48
N PHE C 27 -20.65 -22.34 0.93
CA PHE C 27 -20.31 -21.00 1.40
C PHE C 27 -21.58 -20.29 1.85
N ILE C 28 -21.61 -19.84 3.10
CA ILE C 28 -22.57 -18.83 3.54
C ILE C 28 -21.90 -17.49 3.28
N GLY C 29 -22.37 -16.77 2.27
CA GLY C 29 -21.69 -15.57 1.87
C GLY C 29 -21.17 -15.76 0.45
N ALA C 30 -21.24 -14.71 -0.34
CA ALA C 30 -20.76 -14.82 -1.72
C ALA C 30 -20.04 -13.56 -2.14
N GLY C 31 -19.20 -13.04 -1.26
CA GLY C 31 -18.46 -11.82 -1.51
C GLY C 31 -17.04 -12.10 -1.99
N GLN C 32 -16.15 -11.14 -1.70
CA GLN C 32 -14.77 -11.21 -2.20
C GLN C 32 -14.08 -12.51 -1.78
N LEU C 33 -14.20 -12.88 -0.49
CA LEU C 33 -13.47 -14.05 0.00
C LEU C 33 -14.10 -15.37 -0.46
N ALA C 34 -15.42 -15.48 -0.34
CA ALA C 34 -16.10 -16.67 -0.86
C ALA C 34 -15.82 -16.86 -2.36
N PHE C 35 -15.82 -15.77 -3.12
CA PHE C 35 -15.54 -15.95 -4.54
C PHE C 35 -14.09 -16.40 -4.74
N ALA C 36 -13.17 -15.84 -3.98
CA ALA C 36 -11.76 -16.20 -4.17
C ALA C 36 -11.54 -17.66 -3.83
N LEU C 37 -12.09 -18.13 -2.71
CA LEU C 37 -11.93 -19.54 -2.32
C LEU C 37 -12.58 -20.46 -3.32
N ALA C 38 -13.82 -20.17 -3.72
CA ALA C 38 -14.48 -21.05 -4.68
C ALA C 38 -13.69 -21.12 -5.99
N LYS C 39 -13.19 -19.98 -6.45
CA LYS C 39 -12.44 -19.98 -7.71
C LYS C 39 -11.13 -20.74 -7.56
N GLY C 40 -10.40 -20.53 -6.46
CA GLY C 40 -9.17 -21.28 -6.22
C GLY C 40 -9.42 -22.78 -6.06
N PHE C 41 -10.48 -23.16 -5.35
CA PHE C 41 -10.77 -24.60 -5.21
C PHE C 41 -11.06 -25.23 -6.57
N THR C 42 -11.88 -24.57 -7.38
CA THR C 42 -12.20 -25.17 -8.68
C THR C 42 -10.95 -25.21 -9.56
N ALA C 43 -10.16 -24.14 -9.57
CA ALA C 43 -8.95 -24.15 -10.40
C ALA C 43 -7.97 -25.20 -9.91
N ALA C 44 -7.97 -25.49 -8.60
CA ALA C 44 -7.15 -26.57 -8.07
C ALA C 44 -7.63 -27.95 -8.51
N GLY C 45 -8.90 -28.10 -8.86
CA GLY C 45 -9.40 -29.42 -9.18
C GLY C 45 -9.58 -30.33 -8.00
N VAL C 46 -9.52 -29.83 -6.76
CA VAL C 46 -9.69 -30.72 -5.61
C VAL C 46 -11.15 -30.99 -5.33
N LEU C 47 -12.04 -30.13 -5.82
CA LEU C 47 -13.47 -30.34 -5.75
C LEU C 47 -14.04 -30.07 -7.13
N ALA C 48 -14.88 -30.99 -7.60
CA ALA C 48 -15.79 -30.66 -8.69
C ALA C 48 -16.61 -29.43 -8.30
N ALA C 49 -16.75 -28.50 -9.26
CA ALA C 49 -17.47 -27.25 -9.00
C ALA C 49 -18.91 -27.50 -8.55
N HIS C 50 -19.58 -28.50 -9.12
CA HIS C 50 -20.95 -28.82 -8.74
C HIS C 50 -21.05 -29.37 -7.32
N LYS C 51 -19.93 -29.67 -6.67
CA LYS C 51 -19.90 -29.98 -5.25
C LYS C 51 -19.83 -28.72 -4.37
N ILE C 52 -19.88 -27.54 -4.98
CA ILE C 52 -19.79 -26.26 -4.27
C ILE C 52 -21.13 -25.55 -4.42
N MET C 53 -21.67 -25.07 -3.30
CA MET C 53 -22.86 -24.24 -3.30
C MET C 53 -22.54 -22.96 -2.51
N ALA C 54 -23.06 -21.82 -2.98
CA ALA C 54 -22.90 -20.54 -2.29
C ALA C 54 -24.25 -19.86 -2.14
N SER C 55 -24.48 -19.23 -1.00
CA SER C 55 -25.73 -18.53 -0.79
C SER C 55 -25.48 -17.12 -0.24
N SER C 56 -26.32 -16.20 -0.67
CA SER C 56 -26.34 -14.85 -0.12
C SER C 56 -27.69 -14.23 -0.47
N PRO C 57 -28.13 -13.21 0.26
CA PRO C 57 -29.51 -12.74 0.07
C PRO C 57 -29.68 -11.76 -1.09
N ASP C 58 -28.61 -11.22 -1.63
CA ASP C 58 -28.75 -10.17 -2.66
C ASP C 58 -27.54 -10.23 -3.59
N MET C 59 -27.20 -11.43 -4.07
CA MET C 59 -25.90 -11.65 -4.68
C MET C 59 -25.74 -10.81 -5.95
N ASP C 60 -24.60 -10.14 -6.07
CA ASP C 60 -24.41 -9.28 -7.24
C ASP C 60 -24.52 -10.11 -8.52
N LEU C 61 -25.24 -9.56 -9.52
CA LEU C 61 -25.50 -10.32 -10.74
C LEU C 61 -24.20 -10.69 -11.49
N ALA C 62 -23.12 -9.91 -11.32
CA ALA C 62 -21.85 -10.30 -11.91
C ALA C 62 -21.21 -11.46 -11.15
N THR C 63 -21.45 -11.54 -9.84
CA THR C 63 -20.96 -12.71 -9.11
C THR C 63 -21.79 -13.95 -9.44
N VAL C 64 -23.11 -13.80 -9.57
CA VAL C 64 -23.93 -14.90 -10.03
C VAL C 64 -23.38 -15.43 -11.35
N SER C 65 -23.16 -14.53 -12.31
CA SER C 65 -22.75 -14.98 -13.64
C SER C 65 -21.41 -15.71 -13.58
N ALA C 66 -20.43 -15.15 -12.88
CA ALA C 66 -19.12 -15.79 -12.83
C ALA C 66 -19.18 -17.14 -12.13
N LEU C 67 -19.90 -17.22 -11.01
CA LEU C 67 -19.97 -18.48 -10.28
C LEU C 67 -20.75 -19.54 -11.07
N ARG C 68 -21.87 -19.15 -11.67
CA ARG C 68 -22.62 -20.05 -12.54
C ARG C 68 -21.73 -20.58 -13.67
N LYS C 69 -20.98 -19.70 -14.34
CA LYS C 69 -20.11 -20.16 -15.43
C LYS C 69 -19.04 -21.13 -14.92
N MET C 70 -18.60 -20.94 -13.69
CA MET C 70 -17.65 -21.81 -13.02
C MET C 70 -18.22 -23.20 -12.71
N GLY C 71 -19.54 -23.36 -12.67
CA GLY C 71 -20.17 -24.60 -12.24
C GLY C 71 -20.67 -24.61 -10.80
N VAL C 72 -20.52 -23.53 -10.06
CA VAL C 72 -20.93 -23.49 -8.65
C VAL C 72 -22.45 -23.35 -8.56
N LYS C 73 -23.09 -24.16 -7.71
CA LYS C 73 -24.53 -24.02 -7.47
C LYS C 73 -24.84 -22.81 -6.56
N LEU C 74 -26.01 -22.20 -6.78
CA LEU C 74 -26.33 -20.93 -6.14
C LEU C 74 -27.76 -20.95 -5.63
N THR C 75 -27.99 -20.27 -4.50
CA THR C 75 -29.32 -20.22 -3.91
C THR C 75 -29.37 -19.04 -2.95
N PRO C 76 -30.52 -18.38 -2.81
CA PRO C 76 -30.65 -17.39 -1.73
C PRO C 76 -30.80 -18.03 -0.34
N HIS C 77 -31.06 -19.33 -0.25
CA HIS C 77 -31.49 -19.94 1.00
C HIS C 77 -30.30 -20.58 1.70
N ASN C 78 -29.86 -19.98 2.82
CA ASN C 78 -28.74 -20.52 3.59
C ASN C 78 -29.01 -21.95 4.02
N LYS C 79 -30.28 -22.29 4.24
CA LYS C 79 -30.58 -23.63 4.72
C LYS C 79 -30.26 -24.66 3.65
N GLU C 80 -30.48 -24.31 2.37
CA GLU C 80 -30.11 -25.22 1.28
C GLU C 80 -28.61 -25.45 1.22
N THR C 81 -27.83 -24.40 1.42
CA THR C 81 -26.37 -24.57 1.48
C THR C 81 -26.00 -25.54 2.60
N VAL C 82 -26.61 -25.36 3.77
CA VAL C 82 -26.31 -26.24 4.90
C VAL C 82 -26.64 -27.68 4.54
N GLN C 83 -27.80 -27.90 3.92
CA GLN C 83 -28.23 -29.25 3.59
C GLN C 83 -27.36 -29.87 2.49
N HIS C 84 -26.81 -29.06 1.60
CA HIS C 84 -25.96 -29.55 0.53
C HIS C 84 -24.56 -29.91 1.01
N SER C 85 -24.09 -29.30 2.09
CA SER C 85 -22.66 -29.25 2.36
C SER C 85 -22.23 -30.24 3.45
N ASP C 86 -20.98 -30.71 3.34
CA ASP C 86 -20.24 -31.38 4.40
C ASP C 86 -19.33 -30.41 5.15
N VAL C 87 -18.54 -29.63 4.41
CA VAL C 87 -17.75 -28.53 4.96
C VAL C 87 -18.47 -27.23 4.64
N LEU C 88 -18.73 -26.42 5.66
CA LEU C 88 -19.56 -25.24 5.52
C LEU C 88 -18.71 -24.04 5.91
N PHE C 89 -18.32 -23.23 4.92
CA PHE C 89 -17.57 -22.01 5.17
C PHE C 89 -18.50 -20.84 5.50
N LEU C 90 -18.20 -20.13 6.58
CA LEU C 90 -18.91 -18.90 6.92
C LEU C 90 -18.06 -17.75 6.41
N ALA C 91 -18.53 -17.11 5.34
CA ALA C 91 -17.76 -16.06 4.68
C ALA C 91 -18.60 -14.80 4.62
N VAL C 92 -19.22 -14.46 5.76
CA VAL C 92 -19.95 -13.21 5.92
C VAL C 92 -19.11 -12.29 6.81
N LYS C 93 -19.53 -11.04 6.87
CA LYS C 93 -18.89 -10.06 7.75
C LYS C 93 -19.03 -10.50 9.21
N PRO C 94 -18.05 -10.15 10.04
CA PRO C 94 -18.05 -10.63 11.44
C PRO C 94 -19.33 -10.36 12.21
N HIS C 95 -19.92 -9.18 12.05
CA HIS C 95 -21.15 -8.92 12.80
C HIS C 95 -22.34 -9.69 12.27
N ILE C 96 -22.23 -10.33 11.11
CA ILE C 96 -23.33 -11.16 10.58
C ILE C 96 -23.30 -12.59 11.12
N ILE C 97 -22.14 -13.05 11.60
CA ILE C 97 -21.98 -14.43 12.04
C ILE C 97 -23.06 -14.85 13.03
N PRO C 98 -23.31 -14.12 14.12
CA PRO C 98 -24.32 -14.61 15.07
C PRO C 98 -25.73 -14.68 14.48
N PHE C 99 -26.09 -13.82 13.54
CA PHE C 99 -27.39 -13.97 12.89
C PHE C 99 -27.42 -15.26 12.09
N ILE C 100 -26.34 -15.55 11.37
CA ILE C 100 -26.26 -16.77 10.57
C ILE C 100 -26.36 -17.99 11.47
N LEU C 101 -25.67 -17.97 12.59
CA LEU C 101 -25.65 -19.15 13.45
C LEU C 101 -27.05 -19.39 14.00
N ASP C 102 -27.75 -18.32 14.37
CA ASP C 102 -29.13 -18.47 14.82
C ASP C 102 -30.02 -19.02 13.71
N GLU C 103 -29.81 -18.56 12.48
CA GLU C 103 -30.65 -19.03 11.38
C GLU C 103 -30.42 -20.51 11.08
N ILE C 104 -29.15 -20.92 10.96
CA ILE C 104 -28.85 -22.27 10.53
C ILE C 104 -28.64 -23.25 11.68
N GLY C 105 -28.53 -22.77 12.92
CA GLY C 105 -28.12 -23.65 14.03
C GLY C 105 -28.93 -24.94 14.14
N ALA C 106 -30.22 -24.86 13.88
CA ALA C 106 -31.05 -26.05 13.99
C ALA C 106 -30.83 -27.02 12.83
N ASP C 107 -30.12 -26.59 11.79
CA ASP C 107 -29.87 -27.41 10.63
C ASP C 107 -28.48 -28.06 10.62
N ILE C 108 -27.63 -27.73 11.60
CA ILE C 108 -26.33 -28.37 11.72
C ILE C 108 -26.51 -29.84 12.10
N GLU C 109 -25.75 -30.71 11.45
CA GLU C 109 -25.81 -32.15 11.71
C GLU C 109 -24.47 -32.62 12.25
N ASP C 110 -24.45 -33.88 12.71
CA ASP C 110 -23.19 -34.50 13.11
C ASP C 110 -22.13 -34.42 12.01
N ARG C 111 -22.53 -34.52 10.75
CA ARG C 111 -21.56 -34.61 9.67
C ARG C 111 -20.87 -33.27 9.39
N HIS C 112 -21.42 -32.15 9.85
CA HIS C 112 -20.90 -30.85 9.41
C HIS C 112 -19.61 -30.48 10.12
N ILE C 113 -18.71 -29.86 9.35
CA ILE C 113 -17.59 -29.09 9.88
C ILE C 113 -17.88 -27.64 9.52
N VAL C 114 -17.95 -26.76 10.52
CA VAL C 114 -18.25 -25.36 10.29
C VAL C 114 -16.95 -24.59 10.32
N VAL C 115 -16.58 -23.97 9.18
CA VAL C 115 -15.33 -23.25 9.07
C VAL C 115 -15.64 -21.77 9.01
N SER C 116 -15.34 -21.06 10.10
CA SER C 116 -15.54 -19.62 10.11
C SER C 116 -14.32 -18.95 9.49
N CYS C 117 -14.53 -18.12 8.47
CA CYS C 117 -13.49 -17.28 7.91
C CYS C 117 -13.49 -15.88 8.47
N ALA C 118 -14.43 -15.56 9.38
CA ALA C 118 -14.65 -14.17 9.76
C ALA C 118 -13.49 -13.66 10.63
N ALA C 119 -12.98 -12.47 10.30
CA ALA C 119 -11.95 -11.84 11.12
C ALA C 119 -12.45 -11.64 12.54
N GLY C 120 -11.60 -11.95 13.50
CA GLY C 120 -11.95 -11.60 14.86
C GLY C 120 -12.86 -12.59 15.59
N VAL C 121 -13.77 -13.28 14.88
CA VAL C 121 -14.82 -14.04 15.57
C VAL C 121 -14.24 -15.30 16.19
N THR C 122 -14.42 -15.45 17.49
CA THR C 122 -13.77 -16.50 18.24
C THR C 122 -14.54 -17.82 18.10
N ILE C 123 -13.79 -18.92 18.19
CA ILE C 123 -14.40 -20.24 18.22
C ILE C 123 -15.41 -20.31 19.36
N SER C 124 -15.01 -19.78 20.51
CA SER C 124 -15.88 -19.79 21.70
C SER C 124 -17.26 -19.23 21.40
N SER C 125 -17.31 -18.08 20.73
CA SER C 125 -18.59 -17.45 20.44
C SER C 125 -19.42 -18.28 19.48
N ILE C 126 -18.78 -18.90 18.48
CA ILE C 126 -19.51 -19.73 17.54
C ILE C 126 -20.06 -20.98 18.22
N GLU C 127 -19.21 -21.63 19.03
CA GLU C 127 -19.67 -22.84 19.70
C GLU C 127 -20.81 -22.53 20.66
N LYS C 128 -20.75 -21.38 21.36
CA LYS C 128 -21.82 -21.10 22.32
C LYS C 128 -23.16 -20.95 21.60
N LYS C 129 -23.18 -20.27 20.46
CA LYS C 129 -24.40 -20.16 19.64
C LYS C 129 -24.86 -21.52 19.14
N LEU C 130 -23.97 -22.26 18.48
CA LEU C 130 -24.40 -23.51 17.88
C LEU C 130 -24.81 -24.52 18.93
N SER C 131 -24.17 -24.49 20.10
CA SER C 131 -24.41 -25.53 21.10
C SER C 131 -25.79 -25.43 21.72
N ALA C 132 -26.45 -24.28 21.61
CA ALA C 132 -27.85 -24.15 22.01
C ALA C 132 -28.77 -25.06 21.18
N PHE C 133 -28.35 -25.50 20.00
CA PHE C 133 -29.20 -26.28 19.11
C PHE C 133 -28.91 -27.77 19.14
N ARG C 134 -27.63 -28.14 19.04
CA ARG C 134 -27.22 -29.51 19.02
C ARG C 134 -25.85 -29.45 19.66
N PRO C 135 -25.52 -30.38 20.56
CA PRO C 135 -24.24 -30.28 21.25
C PRO C 135 -23.12 -30.70 20.32
N ALA C 136 -21.91 -30.35 20.72
CA ALA C 136 -20.68 -30.73 20.02
C ALA C 136 -20.59 -30.27 18.56
N PRO C 137 -20.89 -29.01 18.24
CA PRO C 137 -20.64 -28.54 16.87
C PRO C 137 -19.14 -28.59 16.59
N ARG C 138 -18.78 -29.10 15.41
CA ARG C 138 -17.38 -29.19 14.98
C ARG C 138 -17.02 -27.90 14.26
N VAL C 139 -16.17 -27.08 14.88
CA VAL C 139 -15.91 -25.71 14.44
C VAL C 139 -14.42 -25.54 14.19
N ILE C 140 -14.08 -24.97 13.06
CA ILE C 140 -12.71 -24.58 12.77
C ILE C 140 -12.73 -23.10 12.44
N ARG C 141 -11.75 -22.35 12.94
CA ARG C 141 -11.64 -20.94 12.65
C ARG C 141 -10.45 -20.76 11.73
N CYS C 142 -10.58 -19.97 10.67
CA CYS C 142 -9.39 -19.82 9.84
C CYS C 142 -9.23 -18.37 9.47
N MET C 143 -8.01 -18.03 9.04
CA MET C 143 -7.75 -16.71 8.48
C MET C 143 -6.99 -16.99 7.21
N THR C 144 -7.50 -16.50 6.08
CA THR C 144 -6.86 -16.76 4.80
C THR C 144 -6.70 -15.41 4.10
N ASN C 145 -6.52 -15.40 2.76
CA ASN C 145 -6.47 -14.10 2.11
C ASN C 145 -6.87 -14.26 0.65
N THR C 146 -7.07 -13.12 -0.04
CA THR C 146 -7.64 -13.21 -1.38
C THR C 146 -6.75 -13.92 -2.39
N PRO C 147 -5.39 -13.97 -2.24
CA PRO C 147 -4.60 -14.72 -3.24
C PRO C 147 -4.94 -16.20 -3.34
N VAL C 148 -5.82 -16.78 -2.50
CA VAL C 148 -6.28 -18.13 -2.80
C VAL C 148 -6.83 -18.20 -4.23
N VAL C 149 -7.30 -17.06 -4.77
CA VAL C 149 -7.92 -17.03 -6.08
C VAL C 149 -6.89 -17.40 -7.17
N VAL C 150 -5.61 -17.19 -6.91
CA VAL C 150 -4.54 -17.65 -7.81
C VAL C 150 -3.77 -18.80 -7.16
N ARG C 151 -4.37 -19.46 -6.17
CA ARG C 151 -3.80 -20.60 -5.47
C ARG C 151 -2.45 -20.26 -4.83
N GLU C 152 -2.31 -19.05 -4.32
CA GLU C 152 -1.13 -18.64 -3.56
C GLU C 152 -1.53 -17.93 -2.29
N GLY C 153 -2.60 -18.41 -1.69
CA GLY C 153 -3.05 -17.84 -0.43
C GLY C 153 -2.10 -18.21 0.69
N ALA C 154 -2.33 -17.58 1.85
CA ALA C 154 -1.62 -17.87 3.09
C ALA C 154 -2.71 -18.10 4.13
N THR C 155 -2.83 -19.33 4.63
CA THR C 155 -3.97 -19.68 5.48
C THR C 155 -3.47 -20.26 6.80
N VAL C 156 -4.13 -19.92 7.91
CA VAL C 156 -3.90 -20.61 9.16
C VAL C 156 -5.27 -20.99 9.71
N TYR C 157 -5.31 -22.02 10.54
CA TYR C 157 -6.60 -22.43 11.12
C TYR C 157 -6.34 -22.90 12.53
N ALA C 158 -7.37 -22.81 13.36
CA ALA C 158 -7.35 -23.37 14.71
C ALA C 158 -8.57 -24.26 14.87
N THR C 159 -8.43 -25.41 15.54
CA THR C 159 -9.50 -26.37 15.67
C THR C 159 -10.27 -26.11 16.97
N GLY C 160 -11.58 -26.25 16.91
CA GLY C 160 -12.46 -26.00 18.05
C GLY C 160 -12.54 -27.15 19.03
N THR C 161 -13.38 -26.96 20.05
CA THR C 161 -13.45 -27.91 21.17
C THR C 161 -13.85 -29.31 20.69
N HIS C 162 -14.76 -29.39 19.70
CA HIS C 162 -15.32 -30.67 19.29
C HIS C 162 -14.89 -31.08 17.88
N ALA C 163 -14.05 -30.29 17.24
CA ALA C 163 -13.44 -30.69 16.00
C ALA C 163 -12.62 -31.95 16.24
N GLN C 164 -12.92 -33.01 15.52
CA GLN C 164 -12.14 -34.22 15.64
C GLN C 164 -10.79 -34.03 14.99
N VAL C 165 -9.80 -34.79 15.46
CA VAL C 165 -8.44 -34.59 14.99
C VAL C 165 -8.38 -34.65 13.47
N GLU C 166 -9.19 -35.52 12.86
CA GLU C 166 -9.19 -35.64 11.40
C GLU C 166 -9.81 -34.44 10.70
N ASP C 167 -10.63 -33.65 11.40
CA ASP C 167 -11.24 -32.46 10.82
C ASP C 167 -10.17 -31.43 10.52
N GLY C 168 -9.20 -31.29 11.44
CA GLY C 168 -8.12 -30.37 11.21
C GLY C 168 -7.26 -30.78 10.03
N ARG C 169 -6.94 -32.08 9.96
CA ARG C 169 -6.18 -32.63 8.83
C ARG C 169 -6.91 -32.41 7.51
N LEU C 170 -8.22 -32.66 7.49
CA LEU C 170 -9.02 -32.45 6.28
C LEU C 170 -8.96 -30.99 5.86
N MET C 171 -9.15 -30.09 6.82
CA MET C 171 -9.09 -28.65 6.55
CA MET C 171 -9.13 -28.69 6.43
C MET C 171 -7.75 -28.26 5.93
N GLU C 172 -6.66 -28.77 6.52
CA GLU C 172 -5.33 -28.43 6.05
C GLU C 172 -5.12 -28.88 4.61
N GLN C 173 -5.52 -30.12 4.31
CA GLN C 173 -5.41 -30.66 2.97
C GLN C 173 -6.23 -29.86 1.98
N LEU C 174 -7.44 -29.47 2.37
CA LEU C 174 -8.26 -28.65 1.48
C LEU C 174 -7.64 -27.26 1.25
N LEU C 175 -7.29 -26.53 2.30
CA LEU C 175 -6.76 -25.19 2.09
CA LEU C 175 -6.76 -25.20 2.08
C LEU C 175 -5.33 -25.23 1.55
N SER C 176 -4.61 -26.34 1.71
CA SER C 176 -3.29 -26.43 1.09
C SER C 176 -3.35 -26.44 -0.43
N SER C 177 -4.52 -26.70 -1.01
CA SER C 177 -4.60 -26.75 -2.47
C SER C 177 -4.65 -25.37 -3.09
N VAL C 178 -4.86 -24.32 -2.28
CA VAL C 178 -4.90 -22.96 -2.77
C VAL C 178 -3.88 -22.06 -2.07
N GLY C 179 -2.88 -22.62 -1.45
CA GLY C 179 -1.87 -21.79 -0.84
C GLY C 179 -1.18 -22.49 0.30
N PHE C 180 -0.35 -21.71 1.00
CA PHE C 180 0.29 -22.21 2.22
C PHE C 180 -0.80 -22.37 3.29
N CYS C 181 -0.67 -23.38 4.13
CA CYS C 181 -1.67 -23.59 5.19
C CYS C 181 -1.01 -24.30 6.36
N THR C 182 -1.29 -23.83 7.59
CA THR C 182 -0.72 -24.49 8.75
C THR C 182 -1.63 -24.25 9.95
N GLU C 183 -1.61 -25.18 10.89
CA GLU C 183 -2.41 -25.04 12.10
C GLU C 183 -1.75 -24.06 13.07
N VAL C 184 -2.55 -23.21 13.73
CA VAL C 184 -2.02 -22.40 14.82
C VAL C 184 -2.94 -22.49 16.03
N GLU C 185 -2.42 -22.08 17.18
CA GLU C 185 -3.25 -21.77 18.34
C GLU C 185 -4.15 -20.59 18.01
N GLU C 186 -5.40 -20.64 18.49
CA GLU C 186 -6.34 -19.59 18.12
C GLU C 186 -5.84 -18.21 18.53
N ASP C 187 -5.04 -18.11 19.60
CA ASP C 187 -4.63 -16.77 20.03
C ASP C 187 -3.60 -16.13 19.09
N LEU C 188 -3.09 -16.81 18.06
CA LEU C 188 -2.28 -16.13 17.02
C LEU C 188 -3.07 -15.58 15.84
N ILE C 189 -4.36 -15.87 15.72
CA ILE C 189 -5.05 -15.58 14.46
C ILE C 189 -5.20 -14.07 14.25
N ASP C 190 -5.46 -13.32 15.31
CA ASP C 190 -5.58 -11.87 15.13
C ASP C 190 -4.27 -11.27 14.61
N ALA C 191 -3.13 -11.80 15.08
CA ALA C 191 -1.84 -11.34 14.56
C ALA C 191 -1.67 -11.77 13.11
N VAL C 192 -2.04 -13.01 12.78
CA VAL C 192 -1.96 -13.42 11.39
C VAL C 192 -2.80 -12.51 10.53
N THR C 193 -4.00 -12.16 11.02
CA THR C 193 -4.87 -11.28 10.27
C THR C 193 -4.12 -9.98 9.93
N GLY C 194 -3.38 -9.44 10.90
CA GLY C 194 -2.70 -8.18 10.61
C GLY C 194 -1.54 -8.31 9.68
N LEU C 195 -0.99 -9.53 9.54
CA LEU C 195 0.16 -9.78 8.66
C LEU C 195 -0.29 -10.28 7.28
N SER C 196 -0.79 -11.55 7.19
CA SER C 196 -1.12 -12.06 5.86
C SER C 196 -2.59 -11.83 5.48
N GLY C 197 -3.47 -11.54 6.43
CA GLY C 197 -4.85 -11.26 6.07
C GLY C 197 -4.97 -9.92 5.38
N SER C 198 -4.44 -8.87 6.02
CA SER C 198 -4.33 -7.53 5.46
C SER C 198 -3.18 -7.38 4.48
N GLY C 199 -2.16 -8.24 4.57
CA GLY C 199 -0.95 -8.07 3.77
C GLY C 199 -1.14 -7.78 2.29
N PRO C 200 -2.08 -8.44 1.61
CA PRO C 200 -2.21 -8.11 0.18
C PRO C 200 -2.52 -6.64 -0.07
N ALA C 201 -3.32 -6.00 0.79
CA ALA C 201 -3.61 -4.58 0.65
C ALA C 201 -2.33 -3.75 0.80
N TYR C 202 -1.43 -4.15 1.70
CA TYR C 202 -0.16 -3.44 1.81
C TYR C 202 0.62 -3.59 0.52
N ALA C 203 0.62 -4.79 -0.04
CA ALA C 203 1.33 -5.04 -1.30
C ALA C 203 0.74 -4.25 -2.43
N PHE C 204 -0.60 -4.22 -2.55
CA PHE C 204 -1.18 -3.44 -3.66
C PHE C 204 -0.87 -1.97 -3.53
N THR C 205 -0.93 -1.43 -2.30
CA THR C 205 -0.51 -0.04 -2.07
C THR C 205 0.94 0.16 -2.53
N ALA C 206 1.81 -0.75 -2.13
CA ALA C 206 3.21 -0.64 -2.51
C ALA C 206 3.41 -0.72 -4.03
N LEU C 207 2.64 -1.56 -4.70
CA LEU C 207 2.80 -1.73 -6.14
C LEU C 207 2.29 -0.51 -6.89
N ASP C 208 1.20 0.10 -6.41
CA ASP C 208 0.72 1.34 -7.01
C ASP C 208 1.79 2.43 -6.87
N ALA C 209 2.41 2.54 -5.68
CA ALA C 209 3.44 3.57 -5.50
C ALA C 209 4.70 3.28 -6.31
N LEU C 210 5.16 2.03 -6.30
CA LEU C 210 6.33 1.68 -7.11
C LEU C 210 6.10 2.01 -8.58
N ALA C 211 4.89 1.76 -9.07
CA ALA C 211 4.60 2.10 -10.47
C ALA C 211 4.61 3.62 -10.68
N ASP C 212 4.05 4.38 -9.72
CA ASP C 212 4.15 5.85 -9.81
C ASP C 212 5.60 6.27 -9.89
N GLY C 213 6.44 5.65 -9.07
CA GLY C 213 7.87 5.90 -9.12
C GLY C 213 8.48 5.61 -10.48
N GLY C 214 8.17 4.42 -11.06
CA GLY C 214 8.65 4.16 -12.42
C GLY C 214 8.13 5.16 -13.45
N VAL C 215 6.84 5.55 -13.32
CA VAL C 215 6.30 6.54 -14.24
C VAL C 215 6.99 7.89 -14.06
N LYS C 216 7.25 8.31 -12.82
CA LYS C 216 7.99 9.57 -12.62
C LYS C 216 9.35 9.55 -13.34
N MET C 217 10.02 8.41 -13.35
CA MET C 217 11.34 8.29 -13.97
C MET C 217 11.29 7.92 -15.46
N GLY C 218 10.10 7.92 -16.08
CA GLY C 218 9.97 7.86 -17.51
C GLY C 218 9.38 6.58 -18.09
N LEU C 219 8.95 5.59 -17.25
CA LEU C 219 8.37 4.35 -17.77
C LEU C 219 6.87 4.51 -18.07
N PRO C 220 6.40 3.90 -19.16
CA PRO C 220 4.97 3.74 -19.37
C PRO C 220 4.34 3.02 -18.19
N ARG C 221 3.12 3.45 -17.85
CA ARG C 221 2.41 2.88 -16.69
C ARG C 221 2.32 1.36 -16.78
N ARG C 222 1.86 0.84 -17.93
CA ARG C 222 1.63 -0.60 -18.05
C ARG C 222 2.90 -1.39 -17.76
N LEU C 223 4.04 -0.93 -18.28
CA LEU C 223 5.32 -1.61 -18.03
C LEU C 223 5.75 -1.48 -16.57
N ALA C 224 5.57 -0.29 -15.98
CA ALA C 224 5.92 -0.08 -14.58
C ALA C 224 5.15 -1.01 -13.65
N VAL C 225 3.85 -1.18 -13.90
CA VAL C 225 3.02 -2.04 -13.05
C VAL C 225 3.48 -3.49 -13.15
N ARG C 226 3.73 -3.94 -14.39
CA ARG C 226 4.23 -5.29 -14.65
C ARG C 226 5.60 -5.53 -13.99
N LEU C 227 6.55 -4.61 -14.20
CA LEU C 227 7.89 -4.78 -13.63
C LEU C 227 7.85 -4.78 -12.11
N GLY C 228 7.10 -3.84 -11.52
CA GLY C 228 7.02 -3.79 -10.08
C GLY C 228 6.40 -5.06 -9.50
N ALA C 229 5.33 -5.54 -10.12
CA ALA C 229 4.68 -6.76 -9.59
C ALA C 229 5.59 -7.95 -9.78
N GLN C 230 6.31 -8.02 -10.91
CA GLN C 230 7.18 -9.15 -11.12
C GLN C 230 8.36 -9.11 -10.15
N ALA C 231 8.88 -7.91 -9.86
CA ALA C 231 9.98 -7.77 -8.92
C ALA C 231 9.58 -8.29 -7.54
N LEU C 232 8.40 -7.91 -7.08
CA LEU C 232 7.89 -8.35 -5.77
C LEU C 232 7.65 -9.86 -5.75
N LEU C 233 6.98 -10.39 -6.76
CA LEU C 233 6.76 -11.84 -6.77
C LEU C 233 8.08 -12.59 -6.77
N GLY C 234 9.03 -12.15 -7.61
CA GLY C 234 10.33 -12.84 -7.67
C GLY C 234 11.11 -12.79 -6.37
N ALA C 235 11.14 -11.63 -5.71
CA ALA C 235 11.84 -11.49 -4.45
C ALA C 235 11.20 -12.34 -3.35
N ALA C 236 9.87 -12.33 -3.28
CA ALA C 236 9.19 -13.15 -2.29
C ALA C 236 9.50 -14.62 -2.53
N LYS C 237 9.50 -15.05 -3.79
CA LYS C 237 9.82 -16.44 -4.10
C LYS C 237 11.27 -16.75 -3.75
N MET C 238 12.18 -15.83 -4.03
CA MET C 238 13.57 -16.03 -3.62
C MET C 238 13.67 -16.27 -2.14
N LEU C 239 12.99 -15.43 -1.35
CA LEU C 239 13.04 -15.60 0.10
C LEU C 239 12.42 -16.93 0.53
N LEU C 240 11.25 -17.28 0.00
CA LEU C 240 10.65 -18.58 0.36
C LEU C 240 11.56 -19.74 0.03
N HIS C 241 12.23 -19.70 -1.13
CA HIS C 241 13.07 -20.82 -1.57
C HIS C 241 14.49 -20.74 -1.05
N SER C 242 14.78 -19.76 -0.21
CA SER C 242 16.11 -19.54 0.30
C SER C 242 16.19 -19.99 1.76
N GLU C 243 17.35 -20.47 2.16
CA GLU C 243 17.63 -20.73 3.56
C GLU C 243 18.21 -19.50 4.27
N GLN C 244 17.94 -18.30 3.77
CA GLN C 244 18.67 -17.12 4.21
C GLN C 244 17.73 -16.08 4.80
N HIS C 245 18.30 -15.33 5.75
CA HIS C 245 17.58 -14.23 6.37
C HIS C 245 17.30 -13.14 5.34
N PRO C 246 16.12 -12.52 5.37
CA PRO C 246 15.86 -11.42 4.43
C PRO C 246 16.90 -10.33 4.50
N GLY C 247 17.47 -10.10 5.68
CA GLY C 247 18.56 -9.14 5.76
C GLY C 247 19.77 -9.59 4.97
N GLN C 248 20.01 -10.90 4.94
CA GLN C 248 21.14 -11.40 4.17
C GLN C 248 20.89 -11.29 2.67
N LEU C 249 19.65 -11.51 2.22
CA LEU C 249 19.38 -11.28 0.80
C LEU C 249 19.53 -9.81 0.44
N LYS C 250 19.12 -8.92 1.35
CA LYS C 250 19.35 -7.48 1.16
C LYS C 250 20.84 -7.19 1.00
N ASP C 251 21.68 -7.75 1.86
CA ASP C 251 23.12 -7.54 1.70
C ASP C 251 23.60 -8.10 0.36
N ASN C 252 23.10 -9.29 -0.03
CA ASN C 252 23.60 -9.92 -1.27
C ASN C 252 23.37 -9.05 -2.48
N VAL C 253 22.25 -8.33 -2.55
CA VAL C 253 21.92 -7.61 -3.77
C VAL C 253 22.27 -6.11 -3.69
N SER C 254 22.92 -5.65 -2.64
CA SER C 254 23.23 -4.22 -2.50
C SER C 254 24.72 -4.02 -2.73
N SER C 255 25.10 -3.67 -3.95
CA SER C 255 26.53 -3.56 -4.21
C SER C 255 27.10 -2.23 -3.68
N PRO C 256 28.37 -2.22 -3.28
CA PRO C 256 28.97 -1.02 -2.68
C PRO C 256 28.84 0.19 -3.59
N GLY C 257 28.39 1.31 -3.02
CA GLY C 257 28.23 2.55 -3.75
C GLY C 257 27.09 2.59 -4.76
N GLY C 258 26.32 1.52 -4.89
CA GLY C 258 25.42 1.38 -6.01
C GLY C 258 24.02 2.01 -5.85
N ALA C 259 23.23 1.84 -6.91
CA ALA C 259 21.89 2.42 -6.94
C ALA C 259 21.03 1.87 -5.82
N THR C 260 21.11 0.56 -5.59
CA THR C 260 20.18 -0.08 -4.66
C THR C 260 20.44 0.42 -3.24
N ILE C 261 21.70 0.46 -2.80
CA ILE C 261 21.94 0.90 -1.42
C ILE C 261 21.58 2.38 -1.27
N HIS C 262 21.72 3.19 -2.35
CA HIS C 262 21.23 4.56 -2.27
C HIS C 262 19.72 4.61 -2.07
N ALA C 263 18.98 3.76 -2.79
CA ALA C 263 17.54 3.72 -2.64
C ALA C 263 17.14 3.20 -1.26
N LEU C 264 17.87 2.20 -0.75
CA LEU C 264 17.53 1.69 0.59
C LEU C 264 17.73 2.78 1.64
N HIS C 265 18.72 3.64 1.45
CA HIS C 265 18.92 4.73 2.40
C HIS C 265 17.71 5.66 2.44
N VAL C 266 17.10 5.99 1.29
CA VAL C 266 15.97 6.91 1.37
C VAL C 266 14.76 6.22 2.00
N LEU C 267 14.59 4.90 1.81
CA LEU C 267 13.54 4.17 2.56
C LEU C 267 13.76 4.30 4.06
N GLU C 268 15.00 4.06 4.51
CA GLU C 268 15.30 4.12 5.94
C GLU C 268 15.08 5.51 6.47
N SER C 269 15.43 6.55 5.69
CA SER C 269 15.23 7.91 6.20
C SER C 269 13.75 8.23 6.44
N GLY C 270 12.83 7.59 5.71
CA GLY C 270 11.44 7.86 6.05
C GLY C 270 10.82 6.87 7.03
N GLY C 271 11.62 5.99 7.64
CA GLY C 271 11.10 5.00 8.59
C GLY C 271 10.22 3.94 7.95
N PHE C 272 10.48 3.62 6.68
CA PHE C 272 9.81 2.57 5.93
C PHE C 272 9.50 1.33 6.78
N ARG C 273 10.51 0.77 7.46
CA ARG C 273 10.29 -0.46 8.22
C ARG C 273 9.25 -0.22 9.31
N SER C 274 9.37 0.90 10.03
CA SER C 274 8.42 1.16 11.11
C SER C 274 7.00 1.31 10.60
N LEU C 275 6.82 1.80 9.36
CA LEU C 275 5.46 1.91 8.82
C LEU C 275 4.81 0.55 8.66
N LEU C 276 5.56 -0.43 8.14
CA LEU C 276 5.05 -1.80 8.01
C LEU C 276 4.77 -2.43 9.37
N ILE C 277 5.63 -2.20 10.36
CA ILE C 277 5.33 -2.68 11.71
C ILE C 277 4.05 -2.03 12.22
N ASN C 278 3.93 -0.70 12.04
CA ASN C 278 2.72 0.01 12.45
C ASN C 278 1.47 -0.62 11.85
N ALA C 279 1.56 -1.02 10.57
CA ALA C 279 0.40 -1.57 9.86
C ALA C 279 -0.02 -2.92 10.43
N VAL C 280 0.93 -3.86 10.54
CA VAL C 280 0.59 -5.15 11.18
C VAL C 280 -0.05 -4.89 12.54
N GLU C 281 0.58 -4.00 13.34
CA GLU C 281 0.06 -3.76 14.67
C GLU C 281 -1.35 -3.17 14.62
N ALA C 282 -1.56 -2.20 13.73
CA ALA C 282 -2.86 -1.54 13.67
C ALA C 282 -3.96 -2.51 13.26
N SER C 283 -3.67 -3.37 12.26
CA SER C 283 -4.69 -4.33 11.82
C SER C 283 -4.97 -5.37 12.92
N CYS C 284 -3.93 -5.86 13.58
CA CYS C 284 -4.14 -6.83 14.66
C CYS C 284 -4.96 -6.22 15.79
N ILE C 285 -4.61 -5.00 16.20
CA ILE C 285 -5.33 -4.36 17.31
C ILE C 285 -6.79 -4.12 16.92
N ARG C 286 -7.02 -3.64 15.69
CA ARG C 286 -8.41 -3.39 15.29
C ARG C 286 -9.21 -4.69 15.30
N THR C 287 -8.60 -5.79 14.85
CA THR C 287 -9.23 -7.11 14.90
C THR C 287 -9.62 -7.49 16.32
N ARG C 288 -8.72 -7.26 17.30
CA ARG C 288 -9.04 -7.50 18.70
C ARG C 288 -10.17 -6.60 19.21
N GLU C 289 -10.16 -5.31 18.84
CA GLU C 289 -11.18 -4.38 19.33
C GLU C 289 -12.56 -4.76 18.85
N LEU C 290 -12.67 -5.04 17.55
CA LEU C 290 -13.97 -5.37 16.98
C LEU C 290 -14.58 -6.55 17.72
N GLN C 291 -13.76 -7.58 17.99
CA GLN C 291 -14.28 -8.75 18.69
C GLN C 291 -14.71 -8.41 20.12
N SER C 292 -13.87 -7.69 20.86
CA SER C 292 -14.25 -7.24 22.19
C SER C 292 -15.53 -6.40 22.19
N MET C 293 -15.88 -5.74 21.08
CA MET C 293 -17.18 -5.09 20.98
C MET C 293 -18.28 -6.10 20.66
N ALA C 294 -17.93 -7.18 19.94
CA ALA C 294 -18.91 -8.20 19.60
C ALA C 294 -19.39 -8.99 20.82
N ASP C 295 -18.56 -9.13 21.85
CA ASP C 295 -18.90 -9.98 22.99
C ASP C 295 -19.62 -9.24 24.13
N ASN D 17 10.15 -20.42 -32.72
CA ASN D 17 11.17 -20.66 -31.71
C ASN D 17 12.49 -21.02 -32.34
N LEU D 18 13.53 -20.30 -31.96
CA LEU D 18 14.88 -20.54 -32.46
C LEU D 18 15.51 -21.73 -31.76
N TYR D 19 16.33 -22.47 -32.51
CA TYR D 19 17.10 -23.59 -31.97
C TYR D 19 18.41 -23.06 -31.40
N PHE D 20 18.51 -23.03 -30.07
CA PHE D 20 19.74 -22.60 -29.41
C PHE D 20 20.15 -23.55 -28.29
N GLN D 21 19.49 -24.71 -28.19
CA GLN D 21 19.85 -25.72 -27.20
C GLN D 21 21.35 -26.02 -27.18
N SER D 22 22.04 -25.88 -28.31
CA SER D 22 23.42 -26.33 -28.43
C SER D 22 24.47 -25.22 -28.29
N MET D 23 24.07 -23.99 -27.99
CA MET D 23 25.04 -22.90 -28.03
C MET D 23 25.73 -22.72 -26.67
N SER D 24 26.85 -21.99 -26.69
CA SER D 24 27.71 -21.83 -25.53
C SER D 24 27.61 -20.41 -24.99
N VAL D 25 27.57 -20.29 -23.67
CA VAL D 25 27.35 -19.01 -22.99
C VAL D 25 28.53 -18.72 -22.06
N GLY D 26 28.95 -17.47 -22.02
CA GLY D 26 30.03 -17.05 -21.16
C GLY D 26 29.62 -15.87 -20.30
N PHE D 27 30.14 -15.87 -19.07
CA PHE D 27 29.99 -14.76 -18.13
C PHE D 27 31.38 -14.19 -17.84
N ILE D 28 31.57 -12.91 -18.14
CA ILE D 28 32.71 -12.17 -17.60
C ILE D 28 32.26 -11.60 -16.25
N GLY D 29 32.91 -12.03 -15.17
CA GLY D 29 32.34 -11.83 -13.85
C GLY D 29 31.68 -13.10 -13.36
N ALA D 30 31.87 -13.43 -12.09
CA ALA D 30 31.36 -14.67 -11.50
C ALA D 30 30.72 -14.39 -10.15
N GLY D 31 29.89 -13.35 -10.10
CA GLY D 31 29.26 -12.89 -8.90
C GLY D 31 27.83 -13.35 -8.78
N GLN D 32 27.03 -12.56 -8.05
CA GLN D 32 25.66 -12.96 -7.75
C GLN D 32 24.79 -13.00 -8.99
N LEU D 33 25.02 -12.08 -9.93
CA LEU D 33 24.22 -12.09 -11.16
C LEU D 33 24.58 -13.26 -12.06
N ALA D 34 25.86 -13.59 -12.14
CA ALA D 34 26.28 -14.68 -13.01
C ALA D 34 25.77 -16.01 -12.46
N PHE D 35 25.89 -16.20 -11.15
CA PHE D 35 25.30 -17.38 -10.53
C PHE D 35 23.79 -17.42 -10.78
N ALA D 36 23.12 -16.29 -10.58
CA ALA D 36 21.65 -16.28 -10.64
C ALA D 36 21.16 -16.66 -12.02
N LEU D 37 21.77 -16.08 -13.06
CA LEU D 37 21.39 -16.40 -14.43
C LEU D 37 21.75 -17.83 -14.80
N ALA D 38 22.96 -18.27 -14.46
CA ALA D 38 23.39 -19.63 -14.78
C ALA D 38 22.51 -20.64 -14.07
N LYS D 39 22.17 -20.37 -12.81
CA LYS D 39 21.25 -21.24 -12.08
C LYS D 39 19.88 -21.27 -12.77
N GLY D 40 19.37 -20.09 -13.16
CA GLY D 40 18.05 -20.04 -13.80
C GLY D 40 18.02 -20.75 -15.14
N PHE D 41 19.05 -20.54 -15.97
CA PHE D 41 19.10 -21.17 -17.28
C PHE D 41 19.17 -22.67 -17.16
N THR D 42 19.99 -23.18 -16.23
CA THR D 42 20.13 -24.62 -16.12
C THR D 42 18.90 -25.25 -15.48
N ALA D 43 18.33 -24.60 -14.45
CA ALA D 43 17.06 -25.07 -13.89
C ALA D 43 15.99 -25.10 -14.96
N ALA D 44 15.97 -24.09 -15.85
CA ALA D 44 15.04 -24.09 -16.96
C ALA D 44 15.31 -25.23 -17.94
N GLY D 45 16.51 -25.79 -17.94
CA GLY D 45 16.85 -26.80 -18.91
C GLY D 45 17.03 -26.30 -20.31
N VAL D 46 17.17 -24.98 -20.51
CA VAL D 46 17.45 -24.46 -21.84
C VAL D 46 18.94 -24.43 -22.17
N LEU D 47 19.81 -24.57 -21.17
CA LEU D 47 21.26 -24.60 -21.33
C LEU D 47 21.82 -25.70 -20.46
N ALA D 48 22.78 -26.42 -20.99
CA ALA D 48 23.49 -27.41 -20.21
C ALA D 48 24.60 -26.70 -19.43
N ALA D 49 24.83 -27.12 -18.19
CA ALA D 49 25.80 -26.43 -17.36
C ALA D 49 27.20 -26.42 -17.99
N HIS D 50 27.57 -27.51 -18.69
CA HIS D 50 28.91 -27.55 -19.27
C HIS D 50 29.06 -26.66 -20.51
N LYS D 51 27.98 -26.08 -21.02
CA LYS D 51 28.15 -25.09 -22.08
C LYS D 51 28.23 -23.66 -21.53
N ILE D 52 28.35 -23.52 -20.22
CA ILE D 52 28.49 -22.23 -19.56
C ILE D 52 29.91 -22.12 -19.02
N MET D 53 30.57 -20.99 -19.29
CA MET D 53 31.88 -20.68 -18.72
C MET D 53 31.80 -19.32 -18.05
N ALA D 54 32.54 -19.15 -16.96
CA ALA D 54 32.54 -17.90 -16.21
C ALA D 54 33.96 -17.62 -15.75
N SER D 55 34.34 -16.34 -15.75
CA SER D 55 35.65 -15.90 -15.28
C SER D 55 35.50 -14.77 -14.28
N SER D 56 36.33 -14.80 -13.25
CA SER D 56 36.53 -13.69 -12.33
C SER D 56 37.96 -13.81 -11.82
N PRO D 57 38.59 -12.69 -11.44
CA PRO D 57 39.99 -12.76 -10.98
C PRO D 57 40.16 -13.21 -9.55
N ASP D 58 39.07 -13.50 -8.83
CA ASP D 58 39.10 -14.00 -7.45
C ASP D 58 38.30 -15.30 -7.39
N MET D 59 39.02 -16.43 -7.46
CA MET D 59 38.34 -17.72 -7.51
C MET D 59 37.75 -18.16 -6.18
N ASP D 60 38.27 -17.65 -5.05
CA ASP D 60 37.79 -18.04 -3.72
C ASP D 60 36.53 -17.27 -3.30
N LEU D 61 35.58 -17.10 -4.21
CA LEU D 61 34.30 -16.50 -3.92
C LEU D 61 33.27 -17.57 -3.60
N ALA D 62 32.23 -17.16 -2.86
CA ALA D 62 31.16 -18.10 -2.56
C ALA D 62 30.32 -18.38 -3.80
N THR D 63 30.13 -17.37 -4.67
CA THR D 63 29.41 -17.58 -5.91
C THR D 63 30.23 -18.42 -6.88
N VAL D 64 31.55 -18.24 -6.90
CA VAL D 64 32.40 -19.08 -7.73
C VAL D 64 32.28 -20.54 -7.31
N SER D 65 32.21 -20.80 -6.00
CA SER D 65 32.13 -22.19 -5.57
C SER D 65 30.77 -22.79 -5.94
N ALA D 66 29.70 -21.99 -5.85
CA ALA D 66 28.40 -22.49 -6.25
C ALA D 66 28.34 -22.72 -7.77
N LEU D 67 28.97 -21.83 -8.54
CA LEU D 67 29.10 -22.10 -9.97
C LEU D 67 29.83 -23.42 -10.20
N ARG D 68 30.90 -23.65 -9.45
CA ARG D 68 31.68 -24.88 -9.62
C ARG D 68 30.81 -26.12 -9.41
N LYS D 69 30.02 -26.13 -8.32
CA LYS D 69 29.23 -27.33 -8.00
C LYS D 69 28.14 -27.55 -9.04
N MET D 70 27.69 -26.48 -9.67
CA MET D 70 26.68 -26.53 -10.72
C MET D 70 27.17 -27.25 -11.97
N GLY D 71 28.48 -27.32 -12.17
CA GLY D 71 29.04 -27.87 -13.40
C GLY D 71 29.52 -26.83 -14.38
N VAL D 72 29.36 -25.54 -14.06
CA VAL D 72 29.88 -24.48 -14.91
C VAL D 72 31.41 -24.58 -14.98
N LYS D 73 31.96 -24.23 -16.14
CA LYS D 73 33.41 -24.13 -16.26
C LYS D 73 33.85 -22.80 -15.66
N LEU D 74 34.92 -22.82 -14.86
CA LEU D 74 35.46 -21.60 -14.29
C LEU D 74 36.89 -21.42 -14.74
N THR D 75 37.29 -20.17 -14.94
CA THR D 75 38.63 -19.84 -15.41
C THR D 75 39.00 -18.48 -14.88
N PRO D 76 40.28 -18.21 -14.67
CA PRO D 76 40.70 -16.83 -14.37
C PRO D 76 40.91 -15.98 -15.60
N HIS D 77 40.92 -16.57 -16.80
CA HIS D 77 41.26 -15.86 -18.03
C HIS D 77 40.00 -15.44 -18.77
N ASN D 78 39.73 -14.13 -18.81
CA ASN D 78 38.60 -13.62 -19.57
C ASN D 78 38.68 -14.01 -21.05
N LYS D 79 39.89 -14.04 -21.61
CA LYS D 79 40.03 -14.42 -23.01
C LYS D 79 39.53 -15.84 -23.26
N GLU D 80 39.79 -16.76 -22.32
CA GLU D 80 39.22 -18.11 -22.42
C GLU D 80 37.71 -18.05 -22.52
N THR D 81 37.08 -17.28 -21.64
CA THR D 81 35.63 -17.15 -21.67
C THR D 81 35.16 -16.65 -23.02
N VAL D 82 35.82 -15.61 -23.54
CA VAL D 82 35.42 -15.08 -24.85
C VAL D 82 35.52 -16.16 -25.91
N GLN D 83 36.61 -16.94 -25.90
CA GLN D 83 36.82 -17.92 -26.97
C GLN D 83 35.83 -19.07 -26.87
N HIS D 84 35.39 -19.39 -25.66
CA HIS D 84 34.38 -20.42 -25.41
C HIS D 84 32.98 -20.02 -25.84
N SER D 85 32.63 -18.74 -25.76
CA SER D 85 31.23 -18.30 -25.82
C SER D 85 30.73 -18.03 -27.23
N ASP D 86 29.43 -18.27 -27.44
CA ASP D 86 28.70 -17.63 -28.54
C ASP D 86 27.96 -16.39 -28.05
N VAL D 87 27.28 -16.49 -26.92
CA VAL D 87 26.69 -15.35 -26.23
C VAL D 87 27.54 -15.03 -25.01
N LEU D 88 27.93 -13.77 -24.87
CA LEU D 88 28.89 -13.36 -23.84
C LEU D 88 28.24 -12.30 -22.95
N PHE D 89 27.99 -12.66 -21.70
CA PHE D 89 27.38 -11.75 -20.72
C PHE D 89 28.48 -10.99 -19.98
N LEU D 90 28.31 -9.68 -19.84
CA LEU D 90 29.22 -8.86 -19.04
C LEU D 90 28.53 -8.61 -17.71
N ALA D 91 28.95 -9.34 -16.67
CA ALA D 91 28.29 -9.21 -15.38
C ALA D 91 29.35 -8.85 -14.36
N VAL D 92 30.05 -7.75 -14.60
CA VAL D 92 31.02 -7.19 -13.69
C VAL D 92 30.51 -5.83 -13.29
N LYS D 93 31.07 -5.30 -12.20
CA LYS D 93 30.73 -3.94 -11.75
C LYS D 93 30.91 -2.95 -12.91
N PRO D 94 30.06 -1.92 -13.01
CA PRO D 94 30.11 -1.02 -14.19
C PRO D 94 31.45 -0.38 -14.48
N HIS D 95 32.18 0.07 -13.45
CA HIS D 95 33.45 0.74 -13.68
C HIS D 95 34.52 -0.20 -14.23
N ILE D 96 34.32 -1.52 -14.13
CA ILE D 96 35.26 -2.47 -14.71
C ILE D 96 35.06 -2.59 -16.22
N ILE D 97 33.82 -2.34 -16.71
CA ILE D 97 33.50 -2.63 -18.11
C ILE D 97 34.52 -2.08 -19.11
N PRO D 98 34.95 -0.81 -19.02
CA PRO D 98 35.91 -0.34 -20.04
C PRO D 98 37.24 -1.09 -20.05
N PHE D 99 37.68 -1.58 -18.89
CA PHE D 99 38.92 -2.36 -18.83
C PHE D 99 38.71 -3.76 -19.38
N ILE D 100 37.52 -4.34 -19.17
CA ILE D 100 37.16 -5.60 -19.78
C ILE D 100 37.15 -5.45 -21.29
N LEU D 101 36.53 -4.38 -21.78
CA LEU D 101 36.40 -4.18 -23.22
C LEU D 101 37.77 -4.01 -23.88
N ASP D 102 38.67 -3.26 -23.26
CA ASP D 102 40.03 -3.17 -23.77
C ASP D 102 40.74 -4.51 -23.72
N GLU D 103 40.42 -5.34 -22.72
CA GLU D 103 41.16 -6.59 -22.54
C GLU D 103 40.81 -7.58 -23.64
N ILE D 104 39.53 -7.74 -23.94
CA ILE D 104 39.06 -8.80 -24.81
C ILE D 104 38.53 -8.29 -26.12
N GLY D 105 38.60 -6.97 -26.37
CA GLY D 105 38.09 -6.44 -27.62
C GLY D 105 38.73 -7.08 -28.85
N ALA D 106 40.02 -7.39 -28.78
CA ALA D 106 40.63 -8.00 -29.95
C ALA D 106 40.20 -9.45 -30.13
N ASP D 107 39.60 -10.06 -29.10
CA ASP D 107 39.15 -11.44 -29.17
C ASP D 107 37.69 -11.59 -29.61
N ILE D 108 36.97 -10.48 -29.78
CA ILE D 108 35.60 -10.54 -30.26
C ILE D 108 35.59 -11.00 -31.71
N GLU D 109 34.77 -12.00 -32.01
CA GLU D 109 34.59 -12.49 -33.37
C GLU D 109 33.19 -12.15 -33.88
N ASP D 110 32.98 -12.44 -35.17
CA ASP D 110 31.69 -12.14 -35.79
C ASP D 110 30.54 -12.89 -35.13
N ARG D 111 30.78 -14.10 -34.63
CA ARG D 111 29.73 -14.93 -34.04
C ARG D 111 29.19 -14.38 -32.72
N HIS D 112 29.89 -13.42 -32.09
CA HIS D 112 29.62 -13.06 -30.70
C HIS D 112 28.44 -12.10 -30.57
N ILE D 113 27.53 -12.39 -29.64
CA ILE D 113 26.59 -11.41 -29.16
C ILE D 113 27.06 -11.04 -27.76
N VAL D 114 27.35 -9.75 -27.56
CA VAL D 114 27.84 -9.24 -26.28
C VAL D 114 26.64 -8.68 -25.53
N VAL D 115 26.35 -9.23 -24.36
CA VAL D 115 25.18 -8.82 -23.57
C VAL D 115 25.68 -8.17 -22.29
N SER D 116 25.58 -6.85 -22.23
CA SER D 116 26.01 -6.11 -21.06
C SER D 116 24.90 -6.12 -20.02
N CYS D 117 25.21 -6.58 -18.81
CA CYS D 117 24.27 -6.46 -17.70
C CYS D 117 24.67 -5.35 -16.75
N ALA D 118 25.71 -4.58 -17.07
CA ALA D 118 26.17 -3.58 -16.12
C ALA D 118 25.17 -2.42 -16.07
N ALA D 119 24.73 -2.08 -14.85
CA ALA D 119 23.82 -0.94 -14.67
C ALA D 119 24.43 0.34 -15.24
N GLY D 120 23.60 1.11 -15.93
CA GLY D 120 23.97 2.40 -16.45
C GLY D 120 24.87 2.44 -17.70
N VAL D 121 25.66 1.38 -17.95
CA VAL D 121 26.64 1.44 -19.05
C VAL D 121 25.92 1.42 -20.38
N THR D 122 26.17 2.41 -21.21
CA THR D 122 25.38 2.63 -22.39
C THR D 122 25.86 1.77 -23.56
N ILE D 123 24.93 1.44 -24.46
CA ILE D 123 25.31 0.72 -25.67
C ILE D 123 26.35 1.50 -26.45
N SER D 124 26.19 2.83 -26.48
CA SER D 124 27.13 3.69 -27.20
C SER D 124 28.56 3.48 -26.72
N SER D 125 28.76 3.49 -25.39
CA SER D 125 30.11 3.39 -24.82
C SER D 125 30.74 2.04 -25.09
N ILE D 126 29.95 0.97 -25.01
CA ILE D 126 30.45 -0.37 -25.32
C ILE D 126 30.84 -0.48 -26.79
N GLU D 127 29.94 -0.04 -27.69
CA GLU D 127 30.23 -0.15 -29.11
C GLU D 127 31.46 0.66 -29.49
N LYS D 128 31.67 1.79 -28.83
CA LYS D 128 32.82 2.64 -29.11
C LYS D 128 34.12 1.93 -28.74
N LYS D 129 34.16 1.26 -27.58
CA LYS D 129 35.37 0.50 -27.21
C LYS D 129 35.58 -0.66 -28.17
N LEU D 130 34.56 -1.48 -28.36
CA LEU D 130 34.74 -2.70 -29.14
C LEU D 130 35.01 -2.40 -30.60
N SER D 131 34.47 -1.28 -31.10
CA SER D 131 34.64 -0.95 -32.51
C SER D 131 36.08 -0.61 -32.84
N ALA D 132 36.87 -0.14 -31.86
CA ALA D 132 38.29 0.07 -32.08
C ALA D 132 39.00 -1.18 -32.57
N PHE D 133 38.45 -2.36 -32.32
CA PHE D 133 39.10 -3.63 -32.62
C PHE D 133 38.54 -4.31 -33.87
N ARG D 134 37.22 -4.36 -34.02
CA ARG D 134 36.59 -5.04 -35.14
C ARG D 134 35.31 -4.27 -35.35
N PRO D 135 34.90 -4.03 -36.59
CA PRO D 135 33.66 -3.25 -36.80
C PRO D 135 32.42 -4.11 -36.55
N ALA D 136 31.33 -3.41 -36.31
CA ALA D 136 30.02 -4.03 -36.14
C ALA D 136 29.92 -5.04 -34.98
N PRO D 137 30.37 -4.71 -33.77
CA PRO D 137 30.10 -5.61 -32.63
C PRO D 137 28.60 -5.68 -32.39
N ARG D 138 28.12 -6.90 -32.12
CA ARG D 138 26.70 -7.15 -31.86
C ARG D 138 26.49 -6.99 -30.36
N VAL D 139 25.79 -5.93 -29.96
CA VAL D 139 25.72 -5.57 -28.55
C VAL D 139 24.27 -5.51 -28.11
N ILE D 140 23.97 -6.12 -26.97
CA ILE D 140 22.66 -5.98 -26.35
C ILE D 140 22.89 -5.49 -24.93
N ARG D 141 22.06 -4.55 -24.50
CA ARG D 141 22.12 -4.06 -23.14
C ARG D 141 20.94 -4.64 -22.38
N CYS D 142 21.21 -5.22 -21.21
CA CYS D 142 20.19 -5.90 -20.40
C CYS D 142 20.10 -5.27 -19.00
N MET D 143 18.90 -5.26 -18.41
CA MET D 143 18.74 -5.02 -16.98
C MET D 143 17.86 -6.13 -16.45
N THR D 144 18.38 -6.93 -15.53
CA THR D 144 17.61 -8.05 -14.99
C THR D 144 17.68 -7.91 -13.47
N ASN D 145 17.36 -8.99 -12.74
CA ASN D 145 17.45 -8.90 -11.29
C ASN D 145 17.67 -10.31 -10.76
N THR D 146 17.97 -10.41 -9.46
CA THR D 146 18.41 -11.71 -8.97
CA THR D 146 18.41 -11.69 -8.90
C THR D 146 17.32 -12.77 -8.93
N PRO D 147 16.02 -12.46 -8.89
CA PRO D 147 15.04 -13.57 -8.89
C PRO D 147 15.06 -14.45 -10.14
N VAL D 148 15.85 -14.15 -11.18
CA VAL D 148 16.06 -15.17 -12.21
C VAL D 148 16.56 -16.47 -11.61
N VAL D 149 17.15 -16.41 -10.41
CA VAL D 149 17.67 -17.63 -9.80
C VAL D 149 16.54 -18.60 -9.46
N VAL D 150 15.31 -18.12 -9.27
CA VAL D 150 14.13 -18.96 -9.13
C VAL D 150 13.23 -18.82 -10.36
N ARG D 151 13.80 -18.34 -11.47
CA ARG D 151 13.07 -18.26 -12.73
C ARG D 151 11.85 -17.32 -12.63
N GLU D 152 11.93 -16.28 -11.80
CA GLU D 152 10.91 -15.24 -11.74
C GLU D 152 11.57 -13.87 -11.83
N GLY D 153 12.56 -13.74 -12.71
CA GLY D 153 13.20 -12.45 -12.84
C GLY D 153 12.33 -11.49 -13.64
N ALA D 154 12.79 -10.23 -13.71
CA ALA D 154 12.19 -9.20 -14.54
C ALA D 154 13.32 -8.61 -15.36
N THR D 155 13.25 -8.77 -16.67
CA THR D 155 14.35 -8.43 -17.58
C THR D 155 13.83 -7.54 -18.70
N VAL D 156 14.58 -6.47 -18.98
CA VAL D 156 14.38 -5.70 -20.20
C VAL D 156 15.70 -5.68 -20.94
N TYR D 157 15.62 -5.53 -22.26
CA TYR D 157 16.83 -5.44 -23.07
C TYR D 157 16.62 -4.43 -24.18
N ALA D 158 17.72 -3.84 -24.66
CA ALA D 158 17.70 -2.98 -25.83
C ALA D 158 18.77 -3.48 -26.79
N THR D 159 18.48 -3.45 -28.08
CA THR D 159 19.38 -3.94 -29.11
C THR D 159 20.29 -2.82 -29.63
N GLY D 160 21.55 -3.15 -29.86
CA GLY D 160 22.53 -2.18 -30.30
C GLY D 160 22.49 -1.96 -31.79
N THR D 161 23.41 -1.12 -32.26
CA THR D 161 23.40 -0.68 -33.64
C THR D 161 23.54 -1.83 -34.62
N HIS D 162 24.42 -2.77 -34.33
CA HIS D 162 24.73 -3.83 -35.26
C HIS D 162 24.10 -5.17 -34.85
N ALA D 163 23.25 -5.17 -33.84
CA ALA D 163 22.50 -6.38 -33.52
C ALA D 163 21.72 -6.86 -34.72
N GLN D 164 21.93 -8.12 -35.07
CA GLN D 164 21.37 -8.68 -36.28
C GLN D 164 19.90 -9.04 -36.07
N VAL D 165 19.33 -9.68 -37.10
CA VAL D 165 17.89 -9.93 -37.17
C VAL D 165 17.41 -10.59 -35.89
N GLU D 166 17.87 -11.80 -35.68
CA GLU D 166 17.38 -12.67 -34.63
C GLU D 166 18.15 -12.55 -33.33
N ASP D 167 19.07 -11.59 -33.20
CA ASP D 167 19.79 -11.43 -31.94
C ASP D 167 18.85 -11.02 -30.81
N GLY D 168 18.02 -10.00 -31.04
CA GLY D 168 16.99 -9.65 -30.04
C GLY D 168 16.07 -10.82 -29.76
N ARG D 169 15.63 -11.50 -30.82
CA ARG D 169 14.73 -12.63 -30.65
C ARG D 169 15.36 -13.72 -29.81
N LEU D 170 16.63 -14.03 -30.08
CA LEU D 170 17.36 -15.03 -29.30
C LEU D 170 17.44 -14.61 -27.83
N MET D 171 17.85 -13.38 -27.58
CA MET D 171 17.97 -12.85 -26.21
CA MET D 171 17.99 -12.98 -26.19
C MET D 171 16.67 -13.01 -25.45
N GLU D 172 15.56 -12.60 -26.09
CA GLU D 172 14.27 -12.65 -25.41
C GLU D 172 13.86 -14.09 -25.11
N GLN D 173 14.03 -14.96 -26.09
CA GLN D 173 13.73 -16.37 -25.88
C GLN D 173 14.53 -16.93 -24.72
N LEU D 174 15.84 -16.67 -24.71
CA LEU D 174 16.69 -17.13 -23.61
C LEU D 174 16.28 -16.51 -22.27
N LEU D 175 16.15 -15.17 -22.21
CA LEU D 175 15.86 -14.58 -20.92
C LEU D 175 14.41 -14.82 -20.47
N SER D 176 13.48 -15.10 -21.41
CA SER D 176 12.12 -15.43 -21.02
C SER D 176 12.03 -16.74 -20.26
N SER D 177 13.04 -17.61 -20.38
CA SER D 177 13.00 -18.87 -19.65
C SER D 177 13.25 -18.68 -18.15
N VAL D 178 13.72 -17.51 -17.72
CA VAL D 178 13.98 -17.30 -16.31
C VAL D 178 13.17 -16.14 -15.74
N GLY D 179 12.18 -15.63 -16.47
CA GLY D 179 11.31 -14.63 -15.91
C GLY D 179 10.63 -13.82 -17.00
N PHE D 180 10.02 -12.73 -16.60
CA PHE D 180 9.46 -11.81 -17.57
C PHE D 180 10.62 -11.21 -18.38
N CYS D 181 10.39 -11.01 -19.66
CA CYS D 181 11.41 -10.37 -20.51
C CYS D 181 10.73 -9.62 -21.64
N THR D 182 11.14 -8.37 -21.86
CA THR D 182 10.61 -7.62 -23.00
C THR D 182 11.66 -6.63 -23.50
N GLU D 183 11.53 -6.25 -24.77
CA GLU D 183 12.43 -5.25 -25.35
C GLU D 183 11.96 -3.85 -24.99
N VAL D 184 12.91 -2.94 -24.72
CA VAL D 184 12.60 -1.54 -24.45
C VAL D 184 13.60 -0.68 -25.21
N GLU D 185 13.25 0.58 -25.40
CA GLU D 185 14.24 1.56 -25.84
C GLU D 185 15.28 1.74 -24.74
N GLU D 186 16.52 1.96 -25.15
CA GLU D 186 17.59 2.03 -24.15
C GLU D 186 17.34 3.12 -23.11
N ASP D 187 16.70 4.22 -23.50
CA ASP D 187 16.57 5.30 -22.52
C ASP D 187 15.62 4.95 -21.40
N LEU D 188 14.97 3.78 -21.41
CA LEU D 188 14.16 3.40 -20.25
C LEU D 188 14.93 2.59 -19.21
N ILE D 189 16.15 2.16 -19.50
CA ILE D 189 16.76 1.10 -18.71
C ILE D 189 17.18 1.62 -17.34
N ASP D 190 17.64 2.86 -17.25
CA ASP D 190 18.00 3.40 -15.94
C ASP D 190 16.76 3.44 -15.02
N ALA D 191 15.59 3.81 -15.56
CA ALA D 191 14.37 3.78 -14.74
C ALA D 191 14.02 2.36 -14.34
N VAL D 192 14.15 1.40 -15.27
CA VAL D 192 13.88 0.01 -14.93
C VAL D 192 14.77 -0.45 -13.80
N THR D 193 16.05 -0.07 -13.85
CA THR D 193 16.99 -0.39 -12.77
C THR D 193 16.43 0.08 -11.42
N GLY D 194 15.87 1.29 -11.39
CA GLY D 194 15.33 1.82 -10.13
C GLY D 194 14.11 1.09 -9.62
N LEU D 195 13.38 0.41 -10.52
CA LEU D 195 12.10 -0.22 -10.21
C LEU D 195 12.32 -1.71 -10.02
N SER D 196 12.58 -2.49 -11.09
CA SER D 196 12.76 -3.93 -10.90
C SER D 196 14.20 -4.34 -10.66
N GLY D 197 15.19 -3.55 -11.06
CA GLY D 197 16.56 -3.89 -10.71
C GLY D 197 16.78 -3.87 -9.21
N SER D 198 16.44 -2.75 -8.57
CA SER D 198 16.57 -2.57 -7.11
C SER D 198 15.38 -3.13 -6.36
N GLY D 199 14.30 -3.39 -7.07
CA GLY D 199 13.04 -3.77 -6.44
C GLY D 199 13.14 -4.91 -5.44
N PRO D 200 13.84 -6.00 -5.77
CA PRO D 200 13.95 -7.08 -4.79
C PRO D 200 14.50 -6.62 -3.45
N ALA D 201 15.47 -5.70 -3.41
CA ALA D 201 15.95 -5.22 -2.11
C ALA D 201 14.84 -4.49 -1.36
N TYR D 202 13.98 -3.73 -2.07
CA TYR D 202 12.85 -3.10 -1.39
C TYR D 202 11.99 -4.16 -0.73
N ALA D 203 11.73 -5.25 -1.45
CA ALA D 203 10.89 -6.33 -0.93
C ALA D 203 11.53 -7.03 0.25
N PHE D 204 12.85 -7.29 0.20
CA PHE D 204 13.48 -7.96 1.33
C PHE D 204 13.38 -7.11 2.58
N THR D 205 13.60 -5.79 2.43
CA THR D 205 13.46 -4.86 3.54
C THR D 205 12.03 -4.89 4.09
N ALA D 206 11.04 -4.81 3.20
CA ALA D 206 9.63 -4.84 3.58
C ALA D 206 9.29 -6.13 4.29
N LEU D 207 9.87 -7.24 3.83
CA LEU D 207 9.55 -8.55 4.42
C LEU D 207 10.16 -8.69 5.80
N ASP D 208 11.39 -8.16 5.98
CA ASP D 208 12.00 -8.15 7.32
C ASP D 208 11.11 -7.36 8.30
N ALA D 209 10.66 -6.19 7.86
CA ALA D 209 9.84 -5.30 8.67
C ALA D 209 8.49 -5.91 8.97
N LEU D 210 7.80 -6.41 7.94
CA LEU D 210 6.50 -7.06 8.17
C LEU D 210 6.65 -8.21 9.15
N ALA D 211 7.75 -8.97 9.04
CA ALA D 211 7.99 -10.05 9.99
C ALA D 211 8.22 -9.52 11.41
N ASP D 212 8.96 -8.41 11.55
CA ASP D 212 9.06 -7.75 12.87
C ASP D 212 7.68 -7.38 13.41
N GLY D 213 6.80 -6.92 12.53
CA GLY D 213 5.45 -6.58 12.96
C GLY D 213 4.69 -7.80 13.45
N GLY D 214 4.78 -8.90 12.71
CA GLY D 214 4.19 -10.16 13.17
C GLY D 214 4.73 -10.59 14.52
N VAL D 215 6.05 -10.48 14.69
CA VAL D 215 6.68 -10.85 15.97
C VAL D 215 6.19 -9.93 17.09
N LYS D 216 6.07 -8.64 16.80
CA LYS D 216 5.57 -7.74 17.85
C LYS D 216 4.20 -8.17 18.33
N MET D 217 3.36 -8.64 17.42
CA MET D 217 1.99 -9.00 17.76
C MET D 217 1.85 -10.45 18.23
N GLY D 218 2.95 -11.18 18.40
CA GLY D 218 2.88 -12.47 19.06
C GLY D 218 3.23 -13.65 18.20
N LEU D 219 3.56 -13.47 16.87
CA LEU D 219 3.84 -14.60 15.98
C LEU D 219 5.29 -15.07 16.15
N PRO D 220 5.56 -16.38 16.11
CA PRO D 220 6.93 -16.85 15.96
C PRO D 220 7.58 -16.27 14.71
N ARG D 221 8.88 -15.98 14.80
CA ARG D 221 9.57 -15.30 13.70
CA ARG D 221 9.56 -15.30 13.69
C ARG D 221 9.49 -16.12 12.41
N ARG D 222 9.73 -17.43 12.50
CA ARG D 222 9.73 -18.25 11.29
C ARG D 222 8.37 -18.22 10.61
N LEU D 223 7.30 -18.32 11.40
CA LEU D 223 5.94 -18.22 10.86
C LEU D 223 5.68 -16.86 10.25
N ALA D 224 6.09 -15.78 10.92
CA ALA D 224 5.83 -14.43 10.40
C ALA D 224 6.56 -14.19 9.08
N VAL D 225 7.79 -14.69 8.96
CA VAL D 225 8.53 -14.55 7.71
C VAL D 225 7.80 -15.29 6.59
N ARG D 226 7.40 -16.54 6.87
CA ARG D 226 6.70 -17.37 5.91
C ARG D 226 5.40 -16.70 5.46
N LEU D 227 4.60 -16.24 6.41
CA LEU D 227 3.31 -15.63 6.06
C LEU D 227 3.50 -14.32 5.30
N GLY D 228 4.41 -13.45 5.75
CA GLY D 228 4.59 -12.18 5.05
C GLY D 228 5.08 -12.38 3.62
N ALA D 229 6.03 -13.29 3.42
CA ALA D 229 6.53 -13.56 2.07
C ALA D 229 5.44 -14.18 1.20
N GLN D 230 4.67 -15.12 1.76
CA GLN D 230 3.58 -15.72 0.99
C GLN D 230 2.54 -14.67 0.65
N ALA D 231 2.26 -13.75 1.58
CA ALA D 231 1.31 -12.68 1.29
C ALA D 231 1.78 -11.82 0.11
N LEU D 232 3.05 -11.45 0.12
CA LEU D 232 3.57 -10.60 -0.96
C LEU D 232 3.58 -11.33 -2.30
N LEU D 233 4.05 -12.58 -2.31
CA LEU D 233 4.02 -13.37 -3.53
C LEU D 233 2.60 -13.48 -4.08
N GLY D 234 1.64 -13.86 -3.22
CA GLY D 234 0.28 -14.08 -3.71
C GLY D 234 -0.35 -12.80 -4.25
N ALA D 235 -0.13 -11.68 -3.58
CA ALA D 235 -0.71 -10.41 -4.03
C ALA D 235 -0.11 -9.99 -5.38
N ALA D 236 1.20 -10.06 -5.47
CA ALA D 236 1.87 -9.77 -6.75
C ALA D 236 1.34 -10.65 -7.85
N LYS D 237 1.16 -11.93 -7.58
CA LYS D 237 0.62 -12.82 -8.60
C LYS D 237 -0.81 -12.46 -8.97
N MET D 238 -1.63 -12.09 -7.98
CA MET D 238 -2.99 -11.62 -8.28
C MET D 238 -2.98 -10.46 -9.24
N LEU D 239 -2.14 -9.46 -8.97
CA LEU D 239 -2.10 -8.29 -9.84
C LEU D 239 -1.69 -8.70 -11.25
N LEU D 240 -0.62 -9.52 -11.36
CA LEU D 240 -0.15 -9.94 -12.69
C LEU D 240 -1.23 -10.66 -13.48
N HIS D 241 -2.10 -11.42 -12.81
CA HIS D 241 -3.13 -12.20 -13.48
C HIS D 241 -4.47 -11.47 -13.55
N SER D 242 -4.52 -10.21 -13.16
CA SER D 242 -5.76 -9.45 -13.14
C SER D 242 -5.69 -8.30 -14.16
N GLU D 243 -6.85 -7.91 -14.67
CA GLU D 243 -6.95 -6.68 -15.45
C GLU D 243 -7.29 -5.47 -14.58
N GLN D 244 -7.29 -5.63 -13.27
CA GLN D 244 -7.74 -4.56 -12.40
C GLN D 244 -6.58 -3.70 -11.95
N HIS D 245 -6.91 -2.46 -11.64
CA HIS D 245 -5.94 -1.55 -11.05
C HIS D 245 -5.55 -2.07 -9.66
N PRO D 246 -4.28 -1.91 -9.24
CA PRO D 246 -3.91 -2.31 -7.87
C PRO D 246 -4.78 -1.67 -6.80
N GLY D 247 -5.35 -0.49 -7.03
CA GLY D 247 -6.24 0.07 -6.01
C GLY D 247 -7.57 -0.64 -5.92
N GLN D 248 -8.07 -1.19 -7.04
CA GLN D 248 -9.29 -1.99 -6.97
C GLN D 248 -9.06 -3.26 -6.18
N LEU D 249 -7.91 -3.92 -6.41
CA LEU D 249 -7.63 -5.13 -5.64
C LEU D 249 -7.45 -4.76 -4.18
N LYS D 250 -6.92 -3.57 -3.92
CA LYS D 250 -6.81 -3.09 -2.55
C LYS D 250 -8.20 -2.93 -1.93
N ASP D 251 -9.15 -2.36 -2.69
CA ASP D 251 -10.52 -2.19 -2.18
C ASP D 251 -11.16 -3.52 -1.80
N ASN D 252 -10.85 -4.60 -2.52
CA ASN D 252 -11.47 -5.90 -2.29
C ASN D 252 -11.01 -6.52 -0.98
N VAL D 253 -9.81 -6.17 -0.53
CA VAL D 253 -9.35 -6.64 0.76
C VAL D 253 -10.01 -5.86 1.88
N SER D 254 -10.31 -4.57 1.68
CA SER D 254 -10.66 -3.69 2.78
C SER D 254 -12.17 -3.72 3.02
N SER D 255 -12.63 -4.40 4.14
CA SER D 255 -14.05 -4.20 4.41
C SER D 255 -14.27 -2.96 5.26
N PRO D 256 -15.46 -2.36 5.17
CA PRO D 256 -15.70 -1.10 5.87
C PRO D 256 -15.48 -1.21 7.36
N GLY D 257 -14.73 -0.26 7.90
CA GLY D 257 -14.54 -0.22 9.34
C GLY D 257 -13.53 -1.22 9.88
N GLY D 258 -12.94 -2.05 9.03
CA GLY D 258 -12.21 -3.21 9.49
C GLY D 258 -10.70 -3.01 9.62
N ALA D 259 -10.04 -4.15 9.78
CA ALA D 259 -8.65 -4.14 10.22
C ALA D 259 -7.73 -3.63 9.12
N THR D 260 -7.99 -4.05 7.89
CA THR D 260 -7.11 -3.69 6.79
C THR D 260 -7.16 -2.19 6.52
N ILE D 261 -8.36 -1.62 6.48
CA ILE D 261 -8.42 -0.17 6.22
C ILE D 261 -7.79 0.63 7.36
N HIS D 262 -7.91 0.19 8.63
CA HIS D 262 -7.16 0.83 9.71
C HIS D 262 -5.66 0.76 9.49
N ALA D 263 -5.16 -0.39 9.05
CA ALA D 263 -3.71 -0.49 8.76
C ALA D 263 -3.33 0.38 7.59
N LEU D 264 -4.16 0.42 6.53
CA LEU D 264 -3.81 1.25 5.37
C LEU D 264 -3.69 2.70 5.78
N HIS D 265 -4.54 3.15 6.68
CA HIS D 265 -4.47 4.53 7.15
C HIS D 265 -3.12 4.82 7.79
N VAL D 266 -2.64 3.95 8.69
CA VAL D 266 -1.35 4.28 9.32
C VAL D 266 -0.20 4.25 8.27
N LEU D 267 -0.25 3.37 7.27
CA LEU D 267 0.70 3.49 6.14
C LEU D 267 0.61 4.85 5.49
N GLU D 268 -0.61 5.31 5.14
CA GLU D 268 -0.75 6.61 4.48
C GLU D 268 -0.20 7.74 5.36
N SER D 269 -0.50 7.70 6.67
CA SER D 269 -0.03 8.76 7.56
C SER D 269 1.49 8.84 7.61
N GLY D 270 2.18 7.73 7.35
CA GLY D 270 3.63 7.77 7.27
C GLY D 270 4.17 8.16 5.89
N GLY D 271 3.31 8.38 4.90
CA GLY D 271 3.84 8.68 3.57
C GLY D 271 4.48 7.48 2.89
N PHE D 272 4.07 6.27 3.28
CA PHE D 272 4.52 5.02 2.68
C PHE D 272 4.65 5.07 1.14
N ARG D 273 3.61 5.52 0.42
CA ARG D 273 3.71 5.58 -1.04
C ARG D 273 4.89 6.45 -1.46
N SER D 274 5.03 7.63 -0.85
CA SER D 274 6.09 8.54 -1.26
C SER D 274 7.47 7.93 -1.05
N LEU D 275 7.66 7.10 -0.02
CA LEU D 275 8.97 6.50 0.20
C LEU D 275 9.37 5.60 -0.95
N LEU D 276 8.42 4.82 -1.46
CA LEU D 276 8.69 3.92 -2.57
C LEU D 276 8.96 4.70 -3.84
N ILE D 277 8.22 5.78 -4.06
CA ILE D 277 8.56 6.70 -5.15
C ILE D 277 9.97 7.25 -4.98
N ASN D 278 10.28 7.71 -3.76
CA ASN D 278 11.63 8.22 -3.47
C ASN D 278 12.69 7.19 -3.82
N ALA D 279 12.43 5.91 -3.47
CA ALA D 279 13.39 4.84 -3.69
C ALA D 279 13.65 4.62 -5.19
N VAL D 280 12.61 4.41 -5.99
CA VAL D 280 12.79 4.26 -7.44
C VAL D 280 13.56 5.43 -8.03
N GLU D 281 13.21 6.66 -7.64
CA GLU D 281 13.90 7.84 -8.14
C GLU D 281 15.37 7.86 -7.72
N ALA D 282 15.64 7.53 -6.46
CA ALA D 282 17.02 7.56 -5.96
C ALA D 282 17.90 6.53 -6.70
N SER D 283 17.36 5.32 -6.90
CA SER D 283 18.13 4.30 -7.60
C SER D 283 18.32 4.68 -9.07
N CYS D 284 17.28 5.19 -9.71
CA CYS D 284 17.43 5.66 -11.09
C CYS D 284 18.46 6.79 -11.20
N ILE D 285 18.36 7.81 -10.33
CA ILE D 285 19.32 8.92 -10.42
C ILE D 285 20.75 8.45 -10.17
N ARG D 286 20.94 7.62 -9.15
CA ARG D 286 22.28 7.10 -8.89
C ARG D 286 22.82 6.32 -10.09
N THR D 287 21.98 5.50 -10.73
CA THR D 287 22.42 4.80 -11.94
C THR D 287 22.86 5.80 -13.02
N ARG D 288 22.10 6.89 -13.22
CA ARG D 288 22.48 7.89 -14.21
C ARG D 288 23.79 8.56 -13.81
N GLU D 289 23.96 8.83 -12.52
CA GLU D 289 25.15 9.49 -12.01
C GLU D 289 26.39 8.66 -12.23
N LEU D 290 26.32 7.37 -11.93
CA LEU D 290 27.49 6.51 -12.06
C LEU D 290 27.98 6.47 -13.50
N GLN D 291 27.04 6.43 -14.45
CA GLN D 291 27.45 6.42 -15.85
C GLN D 291 28.05 7.75 -16.27
N SER D 292 27.52 8.88 -15.75
CA SER D 292 28.13 10.16 -16.12
C SER D 292 29.53 10.32 -15.54
N MET D 293 29.79 9.76 -14.36
CA MET D 293 31.14 9.76 -13.82
C MET D 293 32.06 8.88 -14.67
N ALA D 294 31.51 7.83 -15.27
CA ALA D 294 32.28 7.03 -16.23
C ALA D 294 32.57 7.81 -17.51
N ASP D 295 31.53 8.40 -18.12
CA ASP D 295 31.69 9.25 -19.31
C ASP D 295 32.49 10.51 -19.00
N SER E 22 32.18 -30.63 40.74
CA SER E 22 31.26 -31.58 41.36
C SER E 22 29.79 -31.19 41.18
N MET E 23 29.57 -29.91 40.84
CA MET E 23 28.22 -29.36 40.80
C MET E 23 27.49 -29.80 39.54
N SER E 24 26.20 -30.10 39.70
CA SER E 24 25.33 -30.42 38.58
C SER E 24 24.42 -29.24 38.25
N VAL E 25 24.26 -28.95 36.96
CA VAL E 25 23.43 -27.85 36.49
C VAL E 25 22.36 -28.41 35.55
N GLY E 26 21.14 -27.92 35.70
CA GLY E 26 20.07 -28.25 34.77
C GLY E 26 19.40 -27.03 34.16
N PHE E 27 18.90 -27.20 32.93
CA PHE E 27 18.05 -26.23 32.28
C PHE E 27 16.67 -26.81 31.97
N ILE E 28 15.62 -26.13 32.47
CA ILE E 28 14.26 -26.36 32.01
C ILE E 28 14.02 -25.38 30.86
N GLY E 29 13.94 -25.89 29.64
CA GLY E 29 13.96 -25.07 28.44
C GLY E 29 15.26 -25.29 27.67
N ALA E 30 15.16 -25.30 26.34
CA ALA E 30 16.32 -25.58 25.49
C ALA E 30 16.33 -24.67 24.26
N GLY E 31 16.12 -23.38 24.49
CA GLY E 31 16.12 -22.42 23.40
C GLY E 31 17.34 -21.52 23.42
N GLN E 32 17.16 -20.28 22.91
CA GLN E 32 18.25 -19.32 22.77
C GLN E 32 19.04 -19.14 24.05
N LEU E 33 18.36 -18.84 25.17
CA LEU E 33 19.08 -18.53 26.41
C LEU E 33 19.77 -19.76 26.99
N ALA E 34 19.02 -20.86 27.16
CA ALA E 34 19.63 -22.10 27.66
C ALA E 34 20.82 -22.53 26.80
N PHE E 35 20.66 -22.48 25.49
CA PHE E 35 21.80 -22.86 24.65
C PHE E 35 22.97 -21.92 24.86
N ALA E 36 22.70 -20.61 24.90
CA ALA E 36 23.75 -19.63 25.16
C ALA E 36 24.45 -19.87 26.48
N LEU E 37 23.68 -20.07 27.56
CA LEU E 37 24.32 -20.33 28.85
C LEU E 37 25.07 -21.65 28.84
N ALA E 38 24.50 -22.71 28.26
CA ALA E 38 25.20 -23.99 28.28
C ALA E 38 26.49 -23.93 27.46
N LYS E 39 26.45 -23.22 26.35
CA LYS E 39 27.68 -23.08 25.56
C LYS E 39 28.72 -22.24 26.30
N GLY E 40 28.29 -21.16 26.96
CA GLY E 40 29.25 -20.32 27.65
C GLY E 40 29.87 -21.02 28.84
N PHE E 41 29.05 -21.70 29.65
CA PHE E 41 29.57 -22.45 30.79
C PHE E 41 30.62 -23.45 30.32
N THR E 42 30.33 -24.22 29.27
CA THR E 42 31.26 -25.26 28.84
C THR E 42 32.54 -24.64 28.26
N ALA E 43 32.40 -23.55 27.50
CA ALA E 43 33.57 -22.85 26.97
C ALA E 43 34.40 -22.23 28.07
N ALA E 44 33.76 -21.82 29.16
CA ALA E 44 34.48 -21.34 30.32
C ALA E 44 35.16 -22.47 31.07
N GLY E 45 34.72 -23.70 30.88
CA GLY E 45 35.24 -24.82 31.64
C GLY E 45 34.91 -24.82 33.11
N VAL E 46 33.95 -24.00 33.57
CA VAL E 46 33.57 -24.11 34.97
C VAL E 46 32.71 -25.36 35.19
N LEU E 47 32.01 -25.82 34.16
CA LEU E 47 31.21 -27.03 34.24
C LEU E 47 31.64 -27.96 33.11
N ALA E 48 31.84 -29.24 33.46
CA ALA E 48 31.92 -30.28 32.46
C ALA E 48 30.56 -30.44 31.77
N ALA E 49 30.56 -30.52 30.45
CA ALA E 49 29.30 -30.55 29.70
C ALA E 49 28.38 -31.69 30.15
N HIS E 50 28.94 -32.83 30.55
CA HIS E 50 28.10 -33.93 31.02
C HIS E 50 27.48 -33.68 32.39
N LYS E 51 27.93 -32.64 33.11
CA LYS E 51 27.25 -32.25 34.34
C LYS E 51 26.03 -31.38 34.05
N ILE E 52 25.79 -31.06 32.78
CA ILE E 52 24.69 -30.20 32.37
C ILE E 52 23.63 -31.09 31.72
N MET E 53 22.37 -30.88 32.13
CA MET E 53 21.23 -31.52 31.50
C MET E 53 20.23 -30.46 31.10
N ALA E 54 19.58 -30.65 29.96
CA ALA E 54 18.55 -29.72 29.49
C ALA E 54 17.36 -30.50 28.99
N SER E 55 16.16 -29.98 29.24
CA SER E 55 14.91 -30.62 28.84
C SER E 55 13.96 -29.62 28.17
N SER E 56 13.24 -30.10 27.17
CA SER E 56 12.14 -29.40 26.51
C SER E 56 11.30 -30.43 25.78
N PRO E 57 10.01 -30.15 25.51
CA PRO E 57 9.10 -31.23 25.07
C PRO E 57 9.07 -31.52 23.57
N ASP E 58 9.55 -30.60 22.74
CA ASP E 58 9.58 -30.77 21.29
C ASP E 58 10.88 -30.18 20.73
N MET E 59 12.00 -30.55 21.34
CA MET E 59 13.27 -29.86 21.10
C MET E 59 13.68 -30.00 19.65
N ASP E 60 14.17 -28.90 19.10
CA ASP E 60 14.57 -28.83 17.71
C ASP E 60 15.70 -29.85 17.41
N LEU E 61 15.55 -30.57 16.29
CA LEU E 61 16.52 -31.62 15.96
C LEU E 61 17.91 -31.06 15.72
N ALA E 62 18.03 -29.79 15.32
CA ALA E 62 19.36 -29.17 15.22
C ALA E 62 19.89 -28.75 16.59
N THR E 63 18.99 -28.38 17.51
CA THR E 63 19.42 -28.10 18.87
C THR E 63 19.90 -29.37 19.57
N VAL E 64 19.13 -30.46 19.42
CA VAL E 64 19.55 -31.76 19.94
C VAL E 64 20.95 -32.12 19.45
N SER E 65 21.20 -31.98 18.14
CA SER E 65 22.50 -32.33 17.60
C SER E 65 23.60 -31.49 18.23
N ALA E 66 23.40 -30.16 18.27
CA ALA E 66 24.44 -29.26 18.75
C ALA E 66 24.74 -29.52 20.23
N LEU E 67 23.70 -29.67 21.04
CA LEU E 67 23.93 -29.89 22.47
C LEU E 67 24.56 -31.24 22.72
N ARG E 68 24.12 -32.27 21.98
CA ARG E 68 24.71 -33.60 22.16
C ARG E 68 26.18 -33.61 21.73
N LYS E 69 26.51 -32.93 20.63
CA LYS E 69 27.92 -32.81 20.24
C LYS E 69 28.72 -32.09 21.32
N MET E 70 28.07 -31.17 22.04
CA MET E 70 28.72 -30.39 23.08
C MET E 70 29.01 -31.24 24.32
N GLY E 71 28.26 -32.32 24.51
CA GLY E 71 28.36 -33.14 25.70
C GLY E 71 27.21 -33.00 26.67
N VAL E 72 26.25 -32.13 26.41
CA VAL E 72 25.15 -31.88 27.33
C VAL E 72 24.14 -33.03 27.23
N LYS E 73 23.66 -33.50 28.39
CA LYS E 73 22.63 -34.52 28.41
C LYS E 73 21.26 -33.92 28.12
N LEU E 74 20.40 -34.70 27.45
CA LEU E 74 19.11 -34.23 26.99
C LEU E 74 18.00 -35.16 27.45
N THR E 75 16.82 -34.60 27.70
CA THR E 75 15.66 -35.41 28.05
C THR E 75 14.40 -34.62 27.77
N PRO E 76 13.29 -35.28 27.40
CA PRO E 76 12.02 -34.57 27.30
C PRO E 76 11.29 -34.42 28.64
N HIS E 77 11.77 -35.08 29.69
CA HIS E 77 11.07 -35.11 30.98
C HIS E 77 11.70 -34.11 31.95
N ASN E 78 10.95 -33.07 32.31
CA ASN E 78 11.47 -32.06 33.22
C ASN E 78 11.82 -32.64 34.60
N LYS E 79 11.12 -33.69 35.04
CA LYS E 79 11.45 -34.26 36.34
C LYS E 79 12.85 -34.86 36.36
N GLU E 80 13.29 -35.44 35.24
CA GLU E 80 14.64 -35.97 35.18
C GLU E 80 15.69 -34.85 35.34
N THR E 81 15.46 -33.70 34.71
CA THR E 81 16.37 -32.57 34.92
C THR E 81 16.45 -32.18 36.39
N VAL E 82 15.30 -32.11 37.06
CA VAL E 82 15.29 -31.76 38.48
C VAL E 82 16.09 -32.76 39.29
N GLN E 83 15.90 -34.06 39.05
CA GLN E 83 16.61 -35.06 39.85
C GLN E 83 18.11 -35.10 39.56
N HIS E 84 18.53 -34.69 38.36
CA HIS E 84 19.95 -34.62 38.02
C HIS E 84 20.64 -33.38 38.59
N SER E 85 19.90 -32.30 38.84
CA SER E 85 20.47 -30.98 38.99
C SER E 85 20.65 -30.59 40.46
N ASP E 86 21.69 -29.80 40.72
CA ASP E 86 21.86 -29.06 41.96
C ASP E 86 21.36 -27.63 41.79
N VAL E 87 21.83 -26.97 40.75
CA VAL E 87 21.38 -25.64 40.36
C VAL E 87 20.50 -25.79 39.14
N LEU E 88 19.28 -25.28 39.23
CA LEU E 88 18.25 -25.48 38.22
C LEU E 88 17.88 -24.13 37.62
N PHE E 89 18.22 -23.93 36.33
CA PHE E 89 17.85 -22.72 35.63
C PHE E 89 16.50 -22.92 34.94
N LEU E 90 15.62 -21.95 35.10
CA LEU E 90 14.31 -21.98 34.46
C LEU E 90 14.42 -21.08 33.24
N ALA E 91 14.45 -21.69 32.06
CA ALA E 91 14.78 -20.93 30.84
C ALA E 91 13.64 -21.12 29.86
N VAL E 92 12.42 -20.95 30.35
CA VAL E 92 11.22 -21.03 29.53
C VAL E 92 10.61 -19.64 29.43
N LYS E 93 9.67 -19.49 28.51
CA LYS E 93 8.97 -18.22 28.36
C LYS E 93 8.25 -17.88 29.67
N PRO E 94 8.12 -16.59 29.98
CA PRO E 94 7.60 -16.21 31.31
C PRO E 94 6.22 -16.79 31.60
N HIS E 95 5.33 -16.86 30.59
CA HIS E 95 4.01 -17.41 30.89
C HIS E 95 4.03 -18.92 31.08
N ILE E 96 5.12 -19.60 30.71
CA ILE E 96 5.25 -21.03 31.02
C ILE E 96 5.78 -21.29 32.44
N ILE E 97 6.42 -20.30 33.10
CA ILE E 97 6.97 -20.53 34.44
C ILE E 97 5.95 -21.11 35.42
N PRO E 98 4.75 -20.54 35.61
CA PRO E 98 3.84 -21.17 36.58
C PRO E 98 3.52 -22.63 36.27
N PHE E 99 3.45 -23.01 34.98
CA PHE E 99 3.15 -24.41 34.67
C PHE E 99 4.32 -25.31 35.07
N ILE E 100 5.53 -24.80 34.92
CA ILE E 100 6.74 -25.54 35.27
C ILE E 100 6.82 -25.72 36.79
N LEU E 101 6.55 -24.65 37.55
CA LEU E 101 6.60 -24.75 39.01
C LEU E 101 5.59 -25.78 39.53
N ASP E 102 4.40 -25.85 38.91
CA ASP E 102 3.42 -26.85 39.31
C ASP E 102 3.88 -28.25 38.94
N GLU E 103 4.55 -28.38 37.81
CA GLU E 103 4.99 -29.72 37.38
C GLU E 103 6.06 -30.26 38.30
N ILE E 104 7.07 -29.45 38.61
CA ILE E 104 8.26 -29.92 39.31
C ILE E 104 8.25 -29.59 40.78
N GLY E 105 7.23 -28.87 41.26
CA GLY E 105 7.23 -28.40 42.64
C GLY E 105 7.48 -29.49 43.65
N ALA E 106 6.91 -30.68 43.43
CA ALA E 106 6.99 -31.73 44.45
C ALA E 106 8.35 -32.39 44.45
N ASP E 107 9.13 -32.19 43.38
CA ASP E 107 10.44 -32.81 43.26
C ASP E 107 11.58 -31.89 43.72
N ILE E 108 11.27 -30.65 44.11
CA ILE E 108 12.30 -29.74 44.62
C ILE E 108 12.77 -30.24 45.98
N GLU E 109 14.08 -30.41 46.13
CA GLU E 109 14.64 -30.89 47.39
C GLU E 109 15.32 -29.74 48.12
N ASP E 110 15.89 -30.05 49.29
CA ASP E 110 16.62 -29.05 50.06
C ASP E 110 17.85 -28.54 49.30
N ARG E 111 18.55 -29.45 48.62
CA ARG E 111 19.78 -29.10 47.90
C ARG E 111 19.58 -28.17 46.72
N HIS E 112 18.34 -27.96 46.26
CA HIS E 112 18.14 -27.26 44.98
C HIS E 112 18.23 -25.74 45.16
N ILE E 113 18.93 -25.10 44.23
CA ILE E 113 18.84 -23.66 44.05
C ILE E 113 18.10 -23.44 42.74
N VAL E 114 16.97 -22.74 42.78
CA VAL E 114 16.14 -22.56 41.60
C VAL E 114 16.46 -21.18 41.06
N VAL E 115 16.98 -21.11 39.83
CA VAL E 115 17.41 -19.84 39.25
C VAL E 115 16.45 -19.49 38.11
N SER E 116 15.66 -18.44 38.29
CA SER E 116 14.73 -18.03 37.25
C SER E 116 15.42 -17.03 36.33
N CYS E 117 15.49 -17.35 35.04
CA CYS E 117 15.95 -16.39 34.06
C CYS E 117 14.79 -15.66 33.38
N ALA E 118 13.55 -16.00 33.74
CA ALA E 118 12.39 -15.47 33.01
C ALA E 118 12.25 -13.96 33.22
N ALA E 119 12.12 -13.22 32.11
CA ALA E 119 11.83 -11.79 32.19
C ALA E 119 10.56 -11.54 33.00
N GLY E 120 10.62 -10.57 33.90
CA GLY E 120 9.48 -10.03 34.58
C GLY E 120 9.03 -10.81 35.80
N VAL E 121 9.26 -12.14 35.82
CA VAL E 121 8.65 -12.98 36.84
C VAL E 121 9.31 -12.73 38.19
N THR E 122 8.49 -12.42 39.18
CA THR E 122 8.99 -12.01 40.50
C THR E 122 9.41 -13.21 41.35
N ILE E 123 10.38 -12.95 42.24
CA ILE E 123 10.76 -13.96 43.22
C ILE E 123 9.56 -14.32 44.07
N SER E 124 8.71 -13.35 44.37
CA SER E 124 7.52 -13.61 45.19
C SER E 124 6.64 -14.68 44.56
N SER E 125 6.36 -14.55 43.26
CA SER E 125 5.47 -15.47 42.58
C SER E 125 6.06 -16.87 42.51
N ILE E 126 7.37 -16.98 42.33
CA ILE E 126 7.98 -18.31 42.30
C ILE E 126 7.95 -18.94 43.69
N GLU E 127 8.27 -18.17 44.72
CA GLU E 127 8.33 -18.75 46.07
C GLU E 127 6.95 -19.16 46.55
N LYS E 128 5.90 -18.45 46.13
CA LYS E 128 4.55 -18.84 46.55
C LYS E 128 4.19 -20.19 45.94
N LYS E 129 4.42 -20.36 44.64
CA LYS E 129 4.19 -21.65 44.00
C LYS E 129 4.98 -22.75 44.68
N LEU E 130 6.30 -22.59 44.80
CA LEU E 130 7.12 -23.68 45.33
C LEU E 130 6.81 -23.97 46.80
N SER E 131 6.47 -22.94 47.59
CA SER E 131 6.25 -23.14 49.02
C SER E 131 4.98 -23.94 49.32
N ALA E 132 4.09 -24.09 48.33
CA ALA E 132 2.97 -25.00 48.51
C ALA E 132 3.44 -26.44 48.59
N PHE E 133 4.65 -26.74 48.12
CA PHE E 133 5.14 -28.10 48.12
C PHE E 133 6.11 -28.40 49.24
N ARG E 134 7.13 -27.56 49.43
CA ARG E 134 8.08 -27.73 50.49
C ARG E 134 8.37 -26.31 50.93
N PRO E 135 8.50 -26.07 52.23
CA PRO E 135 8.80 -24.72 52.69
C PRO E 135 10.25 -24.35 52.38
N ALA E 136 10.49 -23.07 52.30
CA ALA E 136 11.81 -22.50 52.15
C ALA E 136 12.53 -22.86 50.84
N PRO E 137 11.87 -22.80 49.67
CA PRO E 137 12.62 -22.99 48.41
C PRO E 137 13.68 -21.92 48.24
N ARG E 138 14.85 -22.34 47.77
CA ARG E 138 15.98 -21.44 47.59
C ARG E 138 15.90 -20.89 46.18
N VAL E 139 15.51 -19.62 46.04
CA VAL E 139 15.17 -19.04 44.75
C VAL E 139 16.11 -17.87 44.46
N ILE E 140 16.62 -17.81 43.23
CA ILE E 140 17.40 -16.68 42.76
C ILE E 140 16.77 -16.27 41.44
N ARG E 141 16.60 -14.97 41.24
CA ARG E 141 16.14 -14.44 39.98
C ARG E 141 17.30 -13.74 39.27
N CYS E 142 17.46 -13.98 37.98
CA CYS E 142 18.51 -13.26 37.27
C CYS E 142 18.00 -12.68 35.96
N MET E 143 18.78 -11.74 35.42
CA MET E 143 18.57 -11.23 34.06
C MET E 143 19.93 -11.22 33.42
N THR E 144 20.04 -11.87 32.27
CA THR E 144 21.32 -12.02 31.59
C THR E 144 21.05 -11.68 30.13
N ASN E 145 21.94 -12.10 29.23
CA ASN E 145 21.70 -11.77 27.83
C ASN E 145 22.47 -12.77 26.95
N THR E 146 22.17 -12.75 25.64
CA THR E 146 22.73 -13.83 24.82
C THR E 146 24.26 -13.77 24.68
N PRO E 147 24.96 -12.61 24.83
CA PRO E 147 26.44 -12.69 24.77
C PRO E 147 27.12 -13.58 25.81
N VAL E 148 26.39 -14.19 26.76
CA VAL E 148 27.05 -15.21 27.56
C VAL E 148 27.65 -16.28 26.65
N VAL E 149 27.09 -16.49 25.47
CA VAL E 149 27.58 -17.54 24.58
C VAL E 149 29.03 -17.28 24.16
N VAL E 150 29.49 -16.03 24.19
CA VAL E 150 30.90 -15.72 23.93
C VAL E 150 31.59 -15.25 25.23
N ARG E 151 30.99 -15.56 26.37
CA ARG E 151 31.52 -15.23 27.69
C ARG E 151 31.68 -13.72 27.90
N GLU E 152 30.81 -12.92 27.29
CA GLU E 152 30.77 -11.50 27.53
C GLU E 152 29.33 -11.07 27.83
N GLY E 153 28.61 -11.87 28.60
CA GLY E 153 27.26 -11.48 28.99
C GLY E 153 27.29 -10.37 30.02
N ALA E 154 26.09 -9.85 30.31
CA ALA E 154 25.87 -8.87 31.37
C ALA E 154 24.74 -9.40 32.23
N THR E 155 25.04 -9.82 33.45
CA THR E 155 24.09 -10.51 34.30
C THR E 155 23.90 -9.77 35.62
N VAL E 156 22.66 -9.61 36.06
CA VAL E 156 22.41 -9.21 37.44
C VAL E 156 21.53 -10.30 38.08
N TYR E 157 21.60 -10.40 39.40
CA TYR E 157 20.75 -11.37 40.09
C TYR E 157 20.29 -10.79 41.42
N ALA E 158 19.17 -11.29 41.92
CA ALA E 158 18.69 -10.93 43.24
C ALA E 158 18.35 -12.22 43.98
N THR E 159 18.62 -12.25 45.29
CA THR E 159 18.44 -13.47 46.07
C THR E 159 17.06 -13.50 46.72
N GLY E 160 16.51 -14.73 46.86
CA GLY E 160 15.19 -14.91 47.41
C GLY E 160 15.19 -14.96 48.92
N THR E 161 13.99 -15.15 49.46
CA THR E 161 13.81 -15.10 50.91
C THR E 161 14.65 -16.15 51.61
N HIS E 162 14.79 -17.32 51.01
CA HIS E 162 15.42 -18.44 51.69
C HIS E 162 16.77 -18.79 51.10
N ALA E 163 17.27 -17.98 50.15
CA ALA E 163 18.59 -18.18 49.60
C ALA E 163 19.64 -17.93 50.69
N GLN E 164 20.47 -18.93 50.94
CA GLN E 164 21.56 -18.76 51.89
C GLN E 164 22.62 -17.84 51.30
N VAL E 165 23.48 -17.31 52.18
CA VAL E 165 24.51 -16.38 51.73
C VAL E 165 25.36 -17.01 50.64
N GLU E 166 25.78 -18.25 50.89
CA GLU E 166 26.62 -18.97 49.94
C GLU E 166 25.91 -19.17 48.59
N ASP E 167 24.58 -19.17 48.57
CA ASP E 167 23.87 -19.36 47.32
C ASP E 167 24.15 -18.20 46.37
N GLY E 168 24.11 -16.97 46.88
CA GLY E 168 24.36 -15.83 46.03
C GLY E 168 25.80 -15.81 45.54
N ARG E 169 26.74 -16.06 46.46
CA ARG E 169 28.16 -16.17 46.12
C ARG E 169 28.39 -17.24 45.05
N LEU E 170 27.75 -18.40 45.21
CA LEU E 170 27.88 -19.45 44.20
C LEU E 170 27.33 -18.99 42.86
N MET E 171 26.11 -18.47 42.87
CA MET E 171 25.51 -17.93 41.64
C MET E 171 26.46 -16.92 40.98
N GLU E 172 26.98 -15.97 41.76
CA GLU E 172 27.85 -14.95 41.17
C GLU E 172 29.13 -15.57 40.62
N GLN E 173 29.69 -16.56 41.30
CA GLN E 173 30.86 -17.25 40.77
C GLN E 173 30.52 -17.92 39.45
N LEU E 174 29.39 -18.63 39.37
CA LEU E 174 29.00 -19.30 38.13
C LEU E 174 28.76 -18.29 37.00
N LEU E 175 27.98 -17.26 37.27
CA LEU E 175 27.63 -16.36 36.18
C LEU E 175 28.77 -15.42 35.78
N SER E 176 29.72 -15.17 36.69
CA SER E 176 30.91 -14.40 36.33
C SER E 176 31.78 -15.11 35.31
N SER E 177 31.63 -16.41 35.14
CA SER E 177 32.53 -17.10 34.22
C SER E 177 32.16 -16.84 32.77
N VAL E 178 30.95 -16.31 32.51
CA VAL E 178 30.48 -15.99 31.18
C VAL E 178 30.19 -14.49 31.00
N GLY E 179 30.70 -13.63 31.87
CA GLY E 179 30.53 -12.20 31.66
C GLY E 179 30.50 -11.43 32.95
N PHE E 180 30.03 -10.18 32.84
CA PHE E 180 29.87 -9.36 34.03
C PHE E 180 28.72 -9.92 34.85
N CYS E 181 28.85 -9.84 36.18
CA CYS E 181 27.78 -10.34 37.05
C CYS E 181 27.81 -9.58 38.38
N THR E 182 26.64 -9.12 38.83
CA THR E 182 26.56 -8.40 40.10
C THR E 182 25.17 -8.58 40.70
N GLU E 183 25.11 -8.53 42.03
CA GLU E 183 23.84 -8.61 42.74
C GLU E 183 23.14 -7.26 42.68
N VAL E 184 21.82 -7.27 42.48
CA VAL E 184 21.01 -6.06 42.58
C VAL E 184 19.78 -6.34 43.44
N GLU E 185 19.17 -5.28 43.96
CA GLU E 185 17.81 -5.36 44.47
C GLU E 185 16.90 -5.80 43.33
N GLU E 186 15.91 -6.68 43.65
CA GLU E 186 15.00 -7.16 42.62
C GLU E 186 14.28 -6.04 41.88
N ASP E 187 14.00 -4.91 42.53
CA ASP E 187 13.19 -3.91 41.82
C ASP E 187 13.97 -3.21 40.70
N LEU E 188 15.26 -3.46 40.53
CA LEU E 188 15.98 -2.90 39.40
C LEU E 188 15.97 -3.80 38.17
N ILE E 189 15.48 -5.05 38.27
CA ILE E 189 15.76 -6.05 37.24
C ILE E 189 14.96 -5.77 35.96
N ASP E 190 13.73 -5.26 36.10
CA ASP E 190 12.99 -4.90 34.89
C ASP E 190 13.67 -3.78 34.10
N ALA E 191 14.24 -2.80 34.78
CA ALA E 191 15.04 -1.78 34.08
C ALA E 191 16.29 -2.38 33.45
N VAL E 192 16.98 -3.25 34.18
CA VAL E 192 18.16 -3.91 33.60
C VAL E 192 17.76 -4.66 32.35
N THR E 193 16.59 -5.32 32.37
CA THR E 193 16.11 -6.02 31.19
C THR E 193 15.99 -5.05 30.00
N GLY E 194 15.54 -3.82 30.25
CA GLY E 194 15.40 -2.86 29.16
C GLY E 194 16.73 -2.37 28.60
N LEU E 195 17.79 -2.43 29.41
CA LEU E 195 19.10 -1.92 29.03
C LEU E 195 19.97 -3.07 28.50
N SER E 196 20.48 -3.96 29.37
CA SER E 196 21.40 -4.98 28.86
C SER E 196 20.69 -6.23 28.40
N GLY E 197 19.45 -6.44 28.84
CA GLY E 197 18.71 -7.61 28.38
C GLY E 197 18.33 -7.48 26.91
N SER E 198 17.71 -6.37 26.55
CA SER E 198 17.38 -6.09 25.16
C SER E 198 18.56 -5.52 24.39
N GLY E 199 19.56 -5.00 25.10
CA GLY E 199 20.64 -4.26 24.47
C GLY E 199 21.31 -4.90 23.28
N PRO E 200 21.59 -6.21 23.32
CA PRO E 200 22.21 -6.81 22.12
C PRO E 200 21.40 -6.58 20.86
N ALA E 201 20.06 -6.59 20.94
CA ALA E 201 19.25 -6.29 19.74
C ALA E 201 19.44 -4.84 19.28
N TYR E 202 19.59 -3.89 20.20
CA TYR E 202 19.89 -2.52 19.78
C TYR E 202 21.19 -2.49 19.01
N ALA E 203 22.19 -3.21 19.52
CA ALA E 203 23.49 -3.24 18.89
C ALA E 203 23.46 -3.94 17.53
N PHE E 204 22.75 -5.07 17.42
CA PHE E 204 22.67 -5.72 16.12
C PHE E 204 22.00 -4.81 15.10
N THR E 205 20.93 -4.13 15.50
CA THR E 205 20.30 -3.16 14.60
C THR E 205 21.32 -2.10 14.18
N ALA E 206 22.05 -1.54 15.14
CA ALA E 206 23.02 -0.49 14.84
C ALA E 206 24.12 -1.00 13.93
N LEU E 207 24.54 -2.24 14.14
CA LEU E 207 25.64 -2.79 13.37
C LEU E 207 25.20 -3.05 11.94
N ASP E 208 23.95 -3.45 11.74
CA ASP E 208 23.44 -3.63 10.39
C ASP E 208 23.40 -2.28 9.67
N ALA E 209 22.86 -1.26 10.35
CA ALA E 209 22.78 0.09 9.78
C ALA E 209 24.16 0.66 9.49
N LEU E 210 25.10 0.52 10.44
CA LEU E 210 26.47 0.99 10.21
C LEU E 210 27.08 0.32 8.99
N ALA E 211 26.84 -0.98 8.84
CA ALA E 211 27.35 -1.69 7.67
C ALA E 211 26.70 -1.18 6.38
N ASP E 212 25.39 -0.89 6.40
CA ASP E 212 24.74 -0.27 5.24
C ASP E 212 25.39 1.06 4.89
N GLY E 213 25.76 1.82 5.91
CA GLY E 213 26.46 3.08 5.68
C GLY E 213 27.81 2.90 5.04
N GLY E 214 28.60 1.94 5.55
CA GLY E 214 29.87 1.66 4.91
C GLY E 214 29.71 1.19 3.48
N VAL E 215 28.71 0.35 3.21
CA VAL E 215 28.47 -0.12 1.85
C VAL E 215 28.03 1.02 0.94
N LYS E 216 27.16 1.91 1.45
CA LYS E 216 26.77 3.07 0.67
C LYS E 216 28.00 3.84 0.24
N MET E 217 29.00 3.96 1.12
CA MET E 217 30.19 4.73 0.80
C MET E 217 31.27 3.92 0.10
N GLY E 218 30.97 2.70 -0.35
CA GLY E 218 31.86 1.97 -1.23
C GLY E 218 32.59 0.80 -0.59
N LEU E 219 32.37 0.50 0.71
CA LEU E 219 33.03 -0.67 1.29
C LEU E 219 32.33 -1.98 0.92
N PRO E 220 33.07 -3.06 0.75
CA PRO E 220 32.48 -4.40 0.68
C PRO E 220 31.73 -4.70 1.96
N ARG E 221 30.63 -5.45 1.83
CA ARG E 221 29.75 -5.70 2.97
C ARG E 221 30.49 -6.42 4.09
N ARG E 222 31.23 -7.47 3.74
CA ARG E 222 31.94 -8.26 4.75
C ARG E 222 32.88 -7.38 5.55
N LEU E 223 33.65 -6.54 4.86
CA LEU E 223 34.56 -5.64 5.56
C LEU E 223 33.81 -4.66 6.42
N ALA E 224 32.69 -4.14 5.92
CA ALA E 224 31.97 -3.12 6.66
C ALA E 224 31.32 -3.72 7.90
N VAL E 225 30.88 -4.97 7.82
CA VAL E 225 30.35 -5.59 9.03
C VAL E 225 31.46 -5.73 10.07
N ARG E 226 32.63 -6.22 9.63
CA ARG E 226 33.76 -6.47 10.52
C ARG E 226 34.22 -5.19 11.20
N LEU E 227 34.34 -4.10 10.41
CA LEU E 227 34.87 -2.85 10.94
C LEU E 227 33.90 -2.20 11.93
N GLY E 228 32.62 -2.16 11.59
CA GLY E 228 31.66 -1.58 12.53
C GLY E 228 31.55 -2.36 13.83
N ALA E 229 31.52 -3.69 13.74
CA ALA E 229 31.51 -4.51 14.94
C ALA E 229 32.78 -4.29 15.77
N GLN E 230 33.96 -4.29 15.12
CA GLN E 230 35.20 -4.06 15.85
C GLN E 230 35.22 -2.66 16.46
N ALA E 231 34.71 -1.67 15.73
CA ALA E 231 34.61 -0.31 16.27
C ALA E 231 33.77 -0.26 17.54
N LEU E 232 32.62 -0.92 17.51
CA LEU E 232 31.72 -0.91 18.69
C LEU E 232 32.34 -1.66 19.86
N LEU E 233 32.91 -2.83 19.60
CA LEU E 233 33.55 -3.61 20.67
C LEU E 233 34.69 -2.81 21.31
N GLY E 234 35.57 -2.24 20.49
CA GLY E 234 36.71 -1.54 21.05
C GLY E 234 36.30 -0.31 21.84
N ALA E 235 35.28 0.41 21.37
CA ALA E 235 34.83 1.59 22.08
C ALA E 235 34.20 1.20 23.42
N ALA E 236 33.39 0.15 23.42
CA ALA E 236 32.80 -0.31 24.67
C ALA E 236 33.88 -0.69 25.67
N LYS E 237 34.92 -1.40 25.21
CA LYS E 237 36.00 -1.81 26.10
C LYS E 237 36.78 -0.60 26.60
N MET E 238 37.04 0.35 25.71
CA MET E 238 37.65 1.60 26.15
C MET E 238 36.91 2.22 27.32
N LEU E 239 35.57 2.32 27.19
CA LEU E 239 34.79 2.95 28.27
C LEU E 239 34.87 2.10 29.53
N LEU E 240 34.69 0.78 29.41
CA LEU E 240 34.79 -0.10 30.58
C LEU E 240 36.11 0.06 31.31
N HIS E 241 37.22 0.24 30.58
CA HIS E 241 38.55 0.28 31.17
C HIS E 241 39.03 1.71 31.41
N SER E 242 38.18 2.70 31.24
CA SER E 242 38.53 4.10 31.42
C SER E 242 37.88 4.65 32.68
N GLU E 243 38.48 5.69 33.23
CA GLU E 243 37.88 6.43 34.32
C GLU E 243 37.07 7.61 33.84
N GLN E 244 36.97 7.79 32.51
CA GLN E 244 36.43 9.00 31.91
C GLN E 244 34.96 8.83 31.54
N HIS E 245 34.27 9.96 31.49
CA HIS E 245 32.90 9.98 31.05
C HIS E 245 32.85 9.69 29.54
N PRO E 246 31.80 9.01 29.07
CA PRO E 246 31.66 8.79 27.62
C PRO E 246 31.75 10.07 26.78
N GLY E 247 31.30 11.22 27.29
CA GLY E 247 31.43 12.44 26.51
C GLY E 247 32.85 12.92 26.43
N GLN E 248 33.65 12.63 27.46
CA GLN E 248 35.07 12.96 27.36
C GLN E 248 35.76 12.08 26.33
N LEU E 249 35.43 10.80 26.27
CA LEU E 249 36.03 9.94 25.25
C LEU E 249 35.57 10.35 23.85
N LYS E 250 34.30 10.72 23.73
CA LYS E 250 33.78 11.32 22.49
C LYS E 250 34.57 12.55 22.10
N ASP E 251 34.87 13.43 23.06
CA ASP E 251 35.66 14.61 22.73
C ASP E 251 37.04 14.25 22.19
N ASN E 252 37.67 13.21 22.76
CA ASN E 252 39.01 12.82 22.33
C ASN E 252 39.05 12.36 20.89
N VAL E 253 37.92 11.88 20.37
CA VAL E 253 37.88 11.47 18.97
C VAL E 253 37.63 12.65 18.04
N SER E 254 36.93 13.67 18.51
CA SER E 254 36.36 14.67 17.59
C SER E 254 37.33 15.83 17.43
N SER E 255 38.17 15.76 16.41
CA SER E 255 39.04 16.89 16.14
C SER E 255 38.24 18.08 15.60
N PRO E 256 38.70 19.31 15.85
CA PRO E 256 37.90 20.46 15.44
C PRO E 256 37.77 20.55 13.93
N GLY E 257 36.53 20.80 13.48
CA GLY E 257 36.29 20.91 12.05
C GLY E 257 36.21 19.60 11.31
N GLY E 258 36.42 18.47 11.99
CA GLY E 258 36.77 17.23 11.34
C GLY E 258 35.56 16.35 11.00
N ALA E 259 35.88 15.14 10.51
CA ALA E 259 34.83 14.26 9.99
C ALA E 259 33.93 13.77 11.13
N THR E 260 34.53 13.43 12.25
CA THR E 260 33.76 12.82 13.33
C THR E 260 32.70 13.79 13.87
N ILE E 261 33.10 15.03 14.17
CA ILE E 261 32.12 16.01 14.70
C ILE E 261 31.03 16.31 13.66
N HIS E 262 31.36 16.29 12.36
CA HIS E 262 30.32 16.45 11.37
C HIS E 262 29.33 15.29 11.43
N ALA E 263 29.83 14.07 11.65
CA ALA E 263 28.92 12.93 11.74
C ALA E 263 28.12 12.96 13.03
N LEU E 264 28.74 13.44 14.10
CA LEU E 264 28.00 13.51 15.35
C LEU E 264 26.84 14.49 15.24
N HIS E 265 27.05 15.58 14.52
CA HIS E 265 25.96 16.53 14.29
C HIS E 265 24.77 15.86 13.59
N VAL E 266 25.01 15.00 12.58
CA VAL E 266 23.83 14.44 11.93
C VAL E 266 23.12 13.44 12.84
N LEU E 267 23.86 12.76 13.74
CA LEU E 267 23.18 11.94 14.75
C LEU E 267 22.30 12.80 15.64
N GLU E 268 22.87 13.90 16.16
CA GLU E 268 22.13 14.80 17.04
C GLU E 268 20.89 15.36 16.35
N SER E 269 21.00 15.69 15.05
CA SER E 269 19.86 16.27 14.36
C SER E 269 18.69 15.31 14.21
N GLY E 270 18.94 14.00 14.17
CA GLY E 270 17.83 13.04 14.20
C GLY E 270 17.40 12.61 15.60
N GLY E 271 17.92 13.22 16.65
CA GLY E 271 17.58 12.80 18.01
C GLY E 271 18.01 11.39 18.35
N PHE E 272 19.13 10.93 17.79
CA PHE E 272 19.72 9.65 18.10
C PHE E 272 19.66 9.29 19.58
N ARG E 273 20.11 10.19 20.45
CA ARG E 273 20.13 9.89 21.88
C ARG E 273 18.74 9.57 22.41
N SER E 274 17.73 10.35 22.01
CA SER E 274 16.35 10.12 22.48
C SER E 274 15.82 8.76 22.05
N LEU E 275 16.19 8.29 20.86
CA LEU E 275 15.74 6.98 20.40
C LEU E 275 16.21 5.86 21.33
N LEU E 276 17.46 5.92 21.76
CA LEU E 276 17.99 4.90 22.65
C LEU E 276 17.36 4.98 24.03
N ILE E 277 17.10 6.19 24.52
CA ILE E 277 16.33 6.35 25.74
C ILE E 277 14.92 5.76 25.56
N ASN E 278 14.27 6.11 24.46
CA ASN E 278 12.97 5.54 24.14
C ASN E 278 12.98 4.01 24.23
N ALA E 279 14.03 3.39 23.69
CA ALA E 279 14.13 1.92 23.63
C ALA E 279 14.21 1.30 25.03
N VAL E 280 15.16 1.76 25.85
CA VAL E 280 15.29 1.22 27.20
C VAL E 280 13.96 1.37 27.93
N GLU E 281 13.35 2.57 27.83
CA GLU E 281 12.08 2.84 28.48
C GLU E 281 11.02 1.88 27.98
N ALA E 282 10.91 1.73 26.65
CA ALA E 282 9.86 0.89 26.09
C ALA E 282 10.02 -0.57 26.51
N SER E 283 11.26 -1.04 26.57
CA SER E 283 11.51 -2.42 26.94
C SER E 283 11.20 -2.66 28.41
N CYS E 284 11.64 -1.74 29.27
CA CYS E 284 11.34 -1.84 30.69
C CYS E 284 9.83 -1.81 30.93
N ILE E 285 9.12 -0.90 30.27
CA ILE E 285 7.68 -0.77 30.48
C ILE E 285 6.94 -2.01 30.01
N ARG E 286 7.32 -2.55 28.86
CA ARG E 286 6.65 -3.76 28.39
C ARG E 286 6.94 -4.94 29.32
N THR E 287 8.16 -4.99 29.88
CA THR E 287 8.50 -6.02 30.84
C THR E 287 7.56 -5.97 32.06
N ARG E 288 7.34 -4.77 32.60
CA ARG E 288 6.44 -4.57 33.74
C ARG E 288 5.00 -4.89 33.38
N GLU E 289 4.59 -4.47 32.20
CA GLU E 289 3.23 -4.71 31.71
C GLU E 289 2.93 -6.20 31.62
N LEU E 290 3.83 -6.95 30.99
CA LEU E 290 3.61 -8.38 30.85
C LEU E 290 3.47 -9.04 32.21
N GLN E 291 4.25 -8.59 33.19
CA GLN E 291 4.16 -9.21 34.51
C GLN E 291 2.86 -8.82 35.21
N SER E 292 2.34 -7.62 34.98
CA SER E 292 1.02 -7.27 35.51
C SER E 292 -0.06 -8.13 34.90
N MET E 293 0.10 -8.52 33.62
CA MET E 293 -0.85 -9.46 33.04
C MET E 293 -0.75 -10.84 33.70
N ALA E 294 0.47 -11.27 34.03
CA ALA E 294 0.64 -12.53 34.74
C ALA E 294 0.00 -12.50 36.13
N ASP E 295 0.19 -11.40 36.87
CA ASP E 295 -0.34 -11.31 38.22
C ASP E 295 -1.87 -11.20 38.25
N GLN E 296 -2.51 -10.91 37.12
CA GLN E 296 -3.96 -10.80 37.05
C GLN E 296 -4.65 -12.16 36.88
#